data_2K6X
#
_entry.id   2K6X
#
_entity_poly.entity_id   1
_entity_poly.type   'polypeptide(L)'
_entity_poly.pdbx_seq_one_letter_code
;GSHMPQIERRIKKLISLGKKKGYITYEDIDKAFPPDFEGFDTNLIERIHEELEKHGINIVENEPEEEEISAG
;
_entity_poly.pdbx_strand_id   A
#
# COMPACT_ATOMS: atom_id res chain seq x y z
N GLY A 1 -16.52 -1.50 15.01
CA GLY A 1 -15.45 -0.83 14.22
C GLY A 1 -15.40 -1.32 12.79
N SER A 2 -16.52 -1.20 12.10
CA SER A 2 -16.60 -1.58 10.71
C SER A 2 -17.21 -0.45 9.88
N HIS A 3 -17.71 -0.78 8.70
CA HIS A 3 -18.33 0.20 7.81
C HIS A 3 -17.31 1.27 7.44
N MET A 4 -16.31 0.88 6.67
CA MET A 4 -15.25 1.80 6.28
C MET A 4 -15.02 1.74 4.78
N PRO A 5 -15.90 2.37 3.99
CA PRO A 5 -15.75 2.44 2.53
C PRO A 5 -14.56 3.30 2.14
N GLN A 6 -14.20 4.22 3.04
CA GLN A 6 -13.09 5.13 2.79
C GLN A 6 -11.78 4.37 2.74
N ILE A 7 -11.75 3.21 3.40
CA ILE A 7 -10.58 2.34 3.38
C ILE A 7 -10.33 1.81 1.97
N GLU A 8 -11.38 1.27 1.35
CA GLU A 8 -11.27 0.69 0.01
C GLU A 8 -10.72 1.72 -0.96
N ARG A 9 -11.26 2.92 -0.89
CA ARG A 9 -10.87 3.99 -1.80
C ARG A 9 -9.44 4.43 -1.51
N ARG A 10 -9.14 4.56 -0.23
CA ARG A 10 -7.85 5.05 0.23
C ARG A 10 -6.73 4.13 -0.22
N ILE A 11 -6.98 2.82 -0.19
CA ILE A 11 -5.98 1.85 -0.59
C ILE A 11 -5.58 2.10 -2.05
N LYS A 12 -6.59 2.29 -2.89
CA LYS A 12 -6.35 2.51 -4.31
C LYS A 12 -5.65 3.85 -4.52
N LYS A 13 -6.03 4.83 -3.72
CA LYS A 13 -5.40 6.15 -3.76
C LYS A 13 -3.93 6.04 -3.37
N LEU A 14 -3.64 5.23 -2.37
CA LEU A 14 -2.30 5.10 -1.85
C LEU A 14 -1.38 4.51 -2.89
N ILE A 15 -1.83 3.46 -3.55
CA ILE A 15 -1.05 2.86 -4.61
C ILE A 15 -0.94 3.82 -5.78
N SER A 16 -2.00 4.58 -6.02
CA SER A 16 -2.02 5.52 -7.12
C SER A 16 -1.01 6.63 -6.88
N LEU A 17 -0.93 7.10 -5.64
CA LEU A 17 -0.01 8.15 -5.28
C LEU A 17 1.42 7.70 -5.53
N GLY A 18 1.74 6.47 -5.17
CA GLY A 18 3.08 5.96 -5.39
C GLY A 18 3.36 5.83 -6.87
N LYS A 19 2.33 5.48 -7.60
CA LYS A 19 2.40 5.32 -9.04
C LYS A 19 2.64 6.69 -9.69
N LYS A 20 2.02 7.72 -9.11
CA LYS A 20 2.22 9.09 -9.54
C LYS A 20 3.63 9.55 -9.18
N LYS A 21 4.03 9.15 -8.00
CA LYS A 21 5.31 9.54 -7.44
C LYS A 21 6.46 8.90 -8.19
N GLY A 22 6.22 7.71 -8.72
CA GLY A 22 7.24 7.04 -9.49
C GLY A 22 7.14 5.53 -9.43
N TYR A 23 7.25 4.99 -8.22
CA TYR A 23 7.25 3.55 -8.06
C TYR A 23 6.09 3.10 -7.20
N ILE A 24 5.57 1.92 -7.49
CA ILE A 24 4.52 1.35 -6.68
C ILE A 24 5.13 0.60 -5.49
N THR A 25 5.39 1.34 -4.42
CA THR A 25 6.14 0.82 -3.30
C THR A 25 5.55 1.33 -1.99
N TYR A 26 5.64 0.52 -0.94
CA TYR A 26 5.19 0.92 0.39
C TYR A 26 5.91 2.20 0.83
N GLU A 27 7.21 2.26 0.55
CA GLU A 27 8.00 3.43 0.86
C GLU A 27 7.66 4.60 -0.05
N ASP A 28 7.28 4.31 -1.28
CA ASP A 28 6.91 5.32 -2.25
C ASP A 28 5.61 6.01 -1.86
N ILE A 29 4.75 5.29 -1.19
CA ILE A 29 3.57 5.88 -0.58
C ILE A 29 3.97 6.85 0.52
N ASP A 30 4.93 6.42 1.35
CA ASP A 30 5.47 7.28 2.39
C ASP A 30 6.02 8.57 1.79
N LYS A 31 6.67 8.43 0.64
CA LYS A 31 7.27 9.59 -0.02
C LYS A 31 6.20 10.41 -0.74
N ALA A 32 5.03 9.80 -0.93
CA ALA A 32 3.88 10.48 -1.52
C ALA A 32 3.24 11.44 -0.53
N PHE A 33 3.54 11.24 0.75
CA PHE A 33 3.00 12.07 1.84
C PHE A 33 3.21 13.55 1.53
N PRO A 34 2.19 14.39 1.77
CA PRO A 34 0.89 13.96 2.33
C PRO A 34 0.03 13.23 1.32
N PRO A 35 -0.62 12.13 1.75
CA PRO A 35 -1.47 11.31 0.93
C PRO A 35 -2.92 11.68 1.15
N ASP A 36 -3.82 10.83 0.70
CA ASP A 36 -5.24 11.12 0.80
C ASP A 36 -5.85 10.43 2.02
N PHE A 37 -4.98 9.96 2.91
CA PHE A 37 -5.43 9.17 4.06
C PHE A 37 -6.34 9.98 4.99
N GLU A 38 -7.56 9.48 5.18
CA GLU A 38 -8.51 10.10 6.09
C GLU A 38 -8.23 9.69 7.52
N GLY A 39 -7.55 8.57 7.66
CA GLY A 39 -7.31 7.99 8.95
C GLY A 39 -6.12 7.09 8.85
N PHE A 40 -5.35 6.99 9.90
CA PHE A 40 -4.27 6.04 9.89
C PHE A 40 -4.70 4.81 10.69
N ASP A 41 -4.71 3.66 10.05
CA ASP A 41 -5.31 2.47 10.64
C ASP A 41 -4.40 1.27 10.46
N THR A 42 -4.19 0.53 11.53
CA THR A 42 -3.48 -0.73 11.47
C THR A 42 -4.27 -1.73 10.62
N ASN A 43 -5.59 -1.58 10.66
CA ASN A 43 -6.48 -2.39 9.84
C ASN A 43 -6.20 -2.12 8.37
N LEU A 44 -5.94 -0.86 8.06
CA LEU A 44 -5.67 -0.44 6.69
C LEU A 44 -4.46 -1.17 6.14
N ILE A 45 -3.45 -1.37 6.97
CA ILE A 45 -2.24 -2.04 6.52
C ILE A 45 -2.53 -3.47 6.07
N GLU A 46 -3.31 -4.21 6.85
CA GLU A 46 -3.68 -5.55 6.46
C GLU A 46 -4.66 -5.50 5.29
N ARG A 47 -5.51 -4.47 5.30
CA ARG A 47 -6.55 -4.33 4.30
C ARG A 47 -5.96 -3.98 2.94
N ILE A 48 -4.87 -3.23 2.93
CA ILE A 48 -4.16 -2.92 1.70
C ILE A 48 -3.66 -4.20 1.05
N HIS A 49 -2.98 -5.03 1.84
CA HIS A 49 -2.41 -6.28 1.31
C HIS A 49 -3.47 -7.28 0.88
N GLU A 50 -4.59 -7.34 1.57
CA GLU A 50 -5.67 -8.24 1.14
C GLU A 50 -6.24 -7.77 -0.17
N GLU A 51 -6.58 -6.47 -0.26
CA GLU A 51 -7.03 -5.86 -1.52
C GLU A 51 -5.98 -6.01 -2.59
N LEU A 52 -4.74 -6.06 -2.18
CA LEU A 52 -3.65 -6.33 -3.11
C LEU A 52 -3.87 -7.68 -3.80
N GLU A 53 -4.25 -8.69 -3.03
CA GLU A 53 -4.44 -10.01 -3.58
C GLU A 53 -5.83 -10.20 -4.22
N LYS A 54 -6.89 -9.90 -3.47
CA LYS A 54 -8.24 -10.10 -3.94
C LYS A 54 -8.65 -9.07 -5.01
N HIS A 55 -8.24 -7.83 -4.82
CA HIS A 55 -8.63 -6.78 -5.77
C HIS A 55 -7.55 -6.63 -6.82
N GLY A 56 -6.32 -6.97 -6.47
CA GLY A 56 -5.25 -6.99 -7.46
C GLY A 56 -4.45 -5.70 -7.52
N ILE A 57 -4.45 -4.92 -6.44
CA ILE A 57 -3.82 -3.61 -6.47
C ILE A 57 -2.29 -3.76 -6.43
N ASN A 58 -1.62 -3.21 -7.42
CA ASN A 58 -0.19 -3.43 -7.58
C ASN A 58 0.61 -2.52 -6.67
N ILE A 59 1.37 -3.12 -5.76
CA ILE A 59 2.20 -2.39 -4.83
C ILE A 59 3.31 -3.30 -4.34
N VAL A 60 4.51 -2.77 -4.26
CA VAL A 60 5.66 -3.57 -3.88
C VAL A 60 6.14 -3.20 -2.46
N GLU A 61 6.75 -4.17 -1.81
CA GLU A 61 7.19 -4.00 -0.42
C GLU A 61 8.60 -3.42 -0.38
N ASN A 62 9.34 -3.67 -1.46
CA ASN A 62 10.74 -3.24 -1.60
C ASN A 62 11.65 -4.15 -0.77
N GLU A 63 11.03 -4.94 0.07
CA GLU A 63 11.72 -5.91 0.90
C GLU A 63 11.99 -7.17 0.07
N PRO A 64 13.23 -7.68 0.07
CA PRO A 64 13.56 -8.91 -0.63
C PRO A 64 12.99 -10.14 0.07
N GLU A 65 11.67 -10.27 0.04
CA GLU A 65 11.01 -11.44 0.58
C GLU A 65 10.86 -12.51 -0.50
N GLU A 66 11.61 -12.32 -1.57
CA GLU A 66 11.72 -13.29 -2.65
C GLU A 66 13.17 -13.69 -2.76
N GLU A 67 13.61 -14.57 -1.86
CA GLU A 67 15.02 -14.89 -1.72
C GLU A 67 15.18 -16.39 -1.49
N GLU A 68 16.34 -16.93 -1.85
CA GLU A 68 16.60 -18.35 -1.72
C GLU A 68 18.02 -18.63 -1.23
N ILE A 69 18.98 -18.58 -2.15
CA ILE A 69 20.35 -18.96 -1.85
C ILE A 69 21.26 -17.74 -1.75
N SER A 70 20.64 -16.56 -1.68
CA SER A 70 21.35 -15.29 -1.59
C SER A 70 22.30 -15.10 -2.76
N ALA A 71 21.75 -15.18 -3.97
CA ALA A 71 22.54 -15.03 -5.18
C ALA A 71 21.68 -14.43 -6.29
N GLY A 72 21.21 -13.22 -6.08
CA GLY A 72 20.39 -12.55 -7.07
C GLY A 72 20.02 -11.16 -6.65
N GLY A 1 -11.49 -5.88 4.82
CA GLY A 1 -12.57 -5.13 5.51
C GLY A 1 -13.57 -4.57 4.52
N SER A 2 -14.85 -4.62 4.89
CA SER A 2 -15.91 -4.22 3.97
C SER A 2 -16.63 -2.96 4.46
N HIS A 3 -16.76 -2.82 5.78
CA HIS A 3 -17.51 -1.71 6.35
C HIS A 3 -16.61 -0.49 6.54
N MET A 4 -15.91 -0.14 5.48
CA MET A 4 -15.00 1.00 5.47
C MET A 4 -14.52 1.22 4.04
N PRO A 5 -15.37 1.84 3.20
CA PRO A 5 -15.07 2.04 1.79
C PRO A 5 -14.01 3.11 1.57
N GLN A 6 -14.04 4.14 2.39
CA GLN A 6 -13.14 5.28 2.19
C GLN A 6 -11.69 4.88 2.38
N ILE A 7 -11.45 3.93 3.26
CA ILE A 7 -10.10 3.45 3.50
C ILE A 7 -9.62 2.62 2.31
N GLU A 8 -10.56 1.88 1.71
CA GLU A 8 -10.28 1.02 0.59
C GLU A 8 -9.94 1.85 -0.65
N ARG A 9 -10.76 2.86 -0.91
CA ARG A 9 -10.53 3.75 -2.05
C ARG A 9 -9.21 4.48 -1.86
N ARG A 10 -8.92 4.80 -0.61
CA ARG A 10 -7.71 5.52 -0.24
C ARG A 10 -6.47 4.74 -0.64
N ILE A 11 -6.54 3.41 -0.51
CA ILE A 11 -5.40 2.57 -0.86
C ILE A 11 -5.05 2.74 -2.33
N LYS A 12 -6.08 2.75 -3.19
CA LYS A 12 -5.84 3.01 -4.61
C LYS A 12 -5.40 4.44 -4.86
N LYS A 13 -5.91 5.38 -4.07
CA LYS A 13 -5.45 6.76 -4.16
C LYS A 13 -3.95 6.84 -3.90
N LEU A 14 -3.52 6.08 -2.90
CA LEU A 14 -2.11 5.98 -2.57
C LEU A 14 -1.36 5.22 -3.64
N ILE A 15 -2.01 4.22 -4.23
CA ILE A 15 -1.43 3.51 -5.36
C ILE A 15 -1.19 4.48 -6.51
N SER A 16 -2.13 5.41 -6.68
CA SER A 16 -1.99 6.43 -7.70
C SER A 16 -0.84 7.36 -7.34
N LEU A 17 -0.80 7.83 -6.11
CA LEU A 17 0.21 8.78 -5.67
C LEU A 17 1.60 8.19 -5.81
N GLY A 18 1.77 6.95 -5.36
CA GLY A 18 3.09 6.35 -5.37
C GLY A 18 3.56 6.07 -6.78
N LYS A 19 2.63 5.64 -7.61
CA LYS A 19 2.94 5.32 -8.99
C LYS A 19 3.19 6.60 -9.77
N LYS A 20 2.47 7.66 -9.39
CA LYS A 20 2.68 9.00 -9.91
C LYS A 20 4.07 9.48 -9.56
N LYS A 21 4.46 9.16 -8.34
CA LYS A 21 5.74 9.56 -7.78
C LYS A 21 6.88 8.84 -8.47
N GLY A 22 6.58 7.71 -9.08
CA GLY A 22 7.58 6.97 -9.79
C GLY A 22 7.17 5.54 -10.05
N TYR A 23 7.04 4.77 -8.98
CA TYR A 23 6.77 3.35 -9.11
C TYR A 23 5.82 2.86 -8.04
N ILE A 24 5.38 1.63 -8.17
CA ILE A 24 4.47 1.04 -7.20
C ILE A 24 5.26 0.41 -6.06
N THR A 25 5.58 1.22 -5.08
CA THR A 25 6.48 0.83 -4.01
C THR A 25 6.02 1.44 -2.70
N TYR A 26 6.20 0.72 -1.59
CA TYR A 26 5.85 1.26 -0.28
C TYR A 26 6.67 2.52 -0.01
N GLU A 27 7.90 2.52 -0.49
CA GLU A 27 8.76 3.68 -0.36
C GLU A 27 8.21 4.83 -1.20
N ASP A 28 7.64 4.49 -2.37
CA ASP A 28 7.00 5.46 -3.24
C ASP A 28 5.69 5.97 -2.63
N ILE A 29 5.04 5.11 -1.87
CA ILE A 29 3.90 5.51 -1.06
C ILE A 29 4.35 6.47 0.03
N ASP A 30 5.45 6.09 0.68
CA ASP A 30 6.02 6.86 1.77
C ASP A 30 6.34 8.28 1.34
N LYS A 31 6.79 8.42 0.10
CA LYS A 31 7.10 9.73 -0.46
C LYS A 31 5.82 10.47 -0.87
N ALA A 32 4.74 9.72 -0.98
CA ALA A 32 3.45 10.29 -1.36
C ALA A 32 2.81 11.01 -0.18
N PHE A 33 3.27 10.69 1.02
CA PHE A 33 2.77 11.33 2.23
C PHE A 33 3.17 12.81 2.24
N PRO A 34 2.34 13.70 2.82
CA PRO A 34 1.08 13.32 3.46
C PRO A 34 -0.02 13.01 2.45
N PRO A 35 -0.87 12.03 2.75
CA PRO A 35 -1.91 11.55 1.89
C PRO A 35 -3.26 12.12 2.29
N ASP A 36 -4.30 11.65 1.66
CA ASP A 36 -5.62 12.16 1.92
C ASP A 36 -6.41 11.28 2.89
N PHE A 37 -5.70 10.39 3.59
CA PHE A 37 -6.35 9.48 4.53
C PHE A 37 -7.13 10.25 5.58
N GLU A 38 -8.43 10.02 5.63
CA GLU A 38 -9.28 10.64 6.63
C GLU A 38 -9.15 9.89 7.95
N GLY A 39 -8.71 8.64 7.87
CA GLY A 39 -8.52 7.86 9.06
C GLY A 39 -7.68 6.66 8.76
N PHE A 40 -6.59 6.51 9.48
CA PHE A 40 -5.71 5.37 9.29
C PHE A 40 -5.76 4.46 10.50
N ASP A 41 -5.66 3.16 10.28
CA ASP A 41 -5.84 2.19 11.35
C ASP A 41 -5.00 0.94 11.11
N THR A 42 -4.76 0.15 12.14
CA THR A 42 -4.01 -1.10 12.01
C THR A 42 -4.76 -2.09 11.12
N ASN A 43 -6.08 -2.04 11.13
CA ASN A 43 -6.90 -2.91 10.29
C ASN A 43 -6.59 -2.61 8.83
N LEU A 44 -6.26 -1.36 8.54
CA LEU A 44 -5.86 -0.95 7.20
C LEU A 44 -4.70 -1.80 6.68
N ILE A 45 -3.75 -2.13 7.56
CA ILE A 45 -2.63 -2.96 7.17
C ILE A 45 -3.11 -4.33 6.72
N GLU A 46 -4.09 -4.86 7.43
CA GLU A 46 -4.72 -6.12 7.05
C GLU A 46 -5.50 -5.91 5.77
N ARG A 47 -6.17 -4.77 5.72
CA ARG A 47 -7.00 -4.38 4.59
C ARG A 47 -6.18 -4.30 3.31
N ILE A 48 -4.95 -3.79 3.43
CA ILE A 48 -4.07 -3.64 2.29
C ILE A 48 -3.77 -5.00 1.65
N HIS A 49 -3.35 -5.97 2.46
CA HIS A 49 -3.07 -7.29 1.90
C HIS A 49 -4.34 -7.99 1.45
N GLU A 50 -5.46 -7.75 2.13
CA GLU A 50 -6.75 -8.29 1.69
C GLU A 50 -7.06 -7.79 0.28
N GLU A 51 -6.92 -6.47 0.11
CA GLU A 51 -7.09 -5.83 -1.19
C GLU A 51 -6.03 -6.28 -2.18
N LEU A 52 -4.84 -6.54 -1.69
CA LEU A 52 -3.79 -7.07 -2.51
C LEU A 52 -4.21 -8.37 -3.18
N GLU A 53 -4.89 -9.23 -2.42
CA GLU A 53 -5.34 -10.49 -2.93
C GLU A 53 -6.69 -10.38 -3.67
N LYS A 54 -7.67 -9.75 -3.03
CA LYS A 54 -9.00 -9.63 -3.61
C LYS A 54 -9.04 -8.66 -4.79
N HIS A 55 -8.40 -7.51 -4.64
CA HIS A 55 -8.42 -6.51 -5.68
C HIS A 55 -7.19 -6.62 -6.57
N GLY A 56 -6.11 -7.14 -6.03
CA GLY A 56 -4.92 -7.35 -6.82
C GLY A 56 -3.99 -6.16 -6.81
N ILE A 57 -4.08 -5.32 -5.78
CA ILE A 57 -3.37 -4.05 -5.78
C ILE A 57 -1.87 -4.26 -5.60
N ASN A 58 -1.09 -3.84 -6.59
CA ASN A 58 0.33 -4.15 -6.65
C ASN A 58 1.18 -3.00 -6.16
N ILE A 59 1.92 -3.26 -5.10
CA ILE A 59 2.86 -2.30 -4.53
C ILE A 59 4.03 -3.09 -3.97
N VAL A 60 5.22 -2.69 -4.36
CA VAL A 60 6.41 -3.44 -4.06
C VAL A 60 7.09 -2.89 -2.81
N GLU A 61 7.83 -3.76 -2.13
CA GLU A 61 8.52 -3.38 -0.89
C GLU A 61 9.89 -2.81 -1.23
N ASN A 62 10.38 -3.20 -2.41
CA ASN A 62 11.65 -2.75 -2.96
C ASN A 62 12.80 -3.47 -2.27
N GLU A 63 12.47 -4.60 -1.65
CA GLU A 63 13.47 -5.50 -1.11
C GLU A 63 13.59 -6.71 -2.03
N PRO A 64 14.82 -7.02 -2.45
CA PRO A 64 15.09 -8.06 -3.45
C PRO A 64 14.86 -9.47 -2.93
N GLU A 65 14.92 -9.64 -1.61
CA GLU A 65 14.80 -10.96 -0.99
C GLU A 65 15.90 -11.88 -1.55
N GLU A 66 17.14 -11.44 -1.39
CA GLU A 66 18.28 -12.16 -1.94
C GLU A 66 19.17 -12.69 -0.84
N GLU A 67 18.93 -13.93 -0.46
CA GLU A 67 19.79 -14.63 0.47
C GLU A 67 19.95 -16.07 -0.02
N GLU A 68 20.72 -16.21 -1.08
CA GLU A 68 20.93 -17.50 -1.73
C GLU A 68 22.41 -17.87 -1.69
N ILE A 69 23.22 -17.01 -2.27
CA ILE A 69 24.66 -17.18 -2.24
C ILE A 69 25.18 -16.72 -0.88
N SER A 70 24.52 -15.69 -0.34
CA SER A 70 24.84 -15.11 0.96
C SER A 70 26.15 -14.31 0.92
N ALA A 71 27.20 -14.96 0.45
CA ALA A 71 28.51 -14.33 0.35
C ALA A 71 29.31 -14.95 -0.79
N GLY A 72 30.06 -14.12 -1.50
CA GLY A 72 30.85 -14.60 -2.62
C GLY A 72 31.43 -13.46 -3.42
N GLY A 1 -20.20 7.58 7.24
CA GLY A 1 -19.44 6.47 6.63
C GLY A 1 -19.11 5.38 7.62
N SER A 2 -19.07 4.14 7.16
CA SER A 2 -18.83 3.00 8.02
C SER A 2 -17.34 2.79 8.25
N HIS A 3 -16.52 3.60 7.57
CA HIS A 3 -15.06 3.56 7.71
C HIS A 3 -14.49 2.30 7.09
N MET A 4 -15.24 1.71 6.17
CA MET A 4 -14.79 0.52 5.46
C MET A 4 -14.59 0.82 3.96
N PRO A 5 -15.62 1.36 3.27
CA PRO A 5 -15.49 1.72 1.84
C PRO A 5 -14.39 2.74 1.60
N GLN A 6 -14.21 3.66 2.56
CA GLN A 6 -13.17 4.68 2.45
C GLN A 6 -11.78 4.05 2.51
N ILE A 7 -11.70 2.88 3.14
CA ILE A 7 -10.47 2.12 3.20
C ILE A 7 -10.12 1.57 1.83
N GLU A 8 -11.12 0.98 1.16
CA GLU A 8 -10.93 0.45 -0.20
C GLU A 8 -10.39 1.54 -1.11
N ARG A 9 -10.99 2.71 -1.01
CA ARG A 9 -10.61 3.84 -1.84
C ARG A 9 -9.19 4.27 -1.50
N ARG A 10 -8.87 4.24 -0.21
CA ARG A 10 -7.60 4.75 0.26
C ARG A 10 -6.46 3.88 -0.22
N ILE A 11 -6.67 2.58 -0.24
CA ILE A 11 -5.64 1.66 -0.70
C ILE A 11 -5.31 1.94 -2.16
N LYS A 12 -6.34 2.15 -2.97
CA LYS A 12 -6.15 2.47 -4.37
C LYS A 12 -5.51 3.85 -4.52
N LYS A 13 -5.93 4.77 -3.66
CA LYS A 13 -5.35 6.10 -3.62
C LYS A 13 -3.87 6.03 -3.26
N LEU A 14 -3.54 5.20 -2.29
CA LEU A 14 -2.16 5.08 -1.82
C LEU A 14 -1.28 4.56 -2.93
N ILE A 15 -1.73 3.50 -3.59
CA ILE A 15 -0.99 2.93 -4.70
C ILE A 15 -0.88 3.95 -5.83
N SER A 16 -1.92 4.75 -6.00
CA SER A 16 -1.92 5.78 -7.02
C SER A 16 -0.87 6.84 -6.67
N LEU A 17 -0.89 7.27 -5.41
CA LEU A 17 0.01 8.28 -4.89
C LEU A 17 1.44 7.85 -5.05
N GLY A 18 1.73 6.63 -4.67
CA GLY A 18 3.09 6.15 -4.75
C GLY A 18 3.56 6.16 -6.17
N LYS A 19 2.64 5.84 -7.07
CA LYS A 19 2.97 5.67 -8.46
C LYS A 19 3.20 7.03 -9.10
N LYS A 20 2.37 7.98 -8.70
CA LYS A 20 2.44 9.35 -9.19
C LYS A 20 3.68 10.03 -8.64
N LYS A 21 4.11 9.55 -7.49
CA LYS A 21 5.29 10.04 -6.85
C LYS A 21 6.51 9.32 -7.37
N GLY A 22 6.28 8.33 -8.23
CA GLY A 22 7.37 7.57 -8.79
C GLY A 22 7.02 6.15 -9.12
N TYR A 23 6.84 5.31 -8.10
CA TYR A 23 6.70 3.87 -8.32
C TYR A 23 5.66 3.25 -7.39
N ILE A 24 5.23 2.04 -7.71
CA ILE A 24 4.29 1.34 -6.88
C ILE A 24 5.01 0.61 -5.76
N THR A 25 5.27 1.33 -4.69
CA THR A 25 6.11 0.82 -3.62
C THR A 25 5.59 1.27 -2.27
N TYR A 26 5.75 0.44 -1.25
CA TYR A 26 5.38 0.83 0.11
C TYR A 26 6.19 2.05 0.54
N GLU A 27 7.44 2.11 0.12
CA GLU A 27 8.29 3.26 0.40
C GLU A 27 7.76 4.49 -0.34
N ASP A 28 7.22 4.27 -1.52
CA ASP A 28 6.63 5.33 -2.32
C ASP A 28 5.36 5.88 -1.65
N ILE A 29 4.67 5.04 -0.91
CA ILE A 29 3.53 5.48 -0.13
C ILE A 29 3.96 6.52 0.90
N ASP A 30 5.02 6.19 1.64
CA ASP A 30 5.53 7.06 2.68
C ASP A 30 6.03 8.37 2.08
N LYS A 31 6.65 8.27 0.93
CA LYS A 31 7.21 9.45 0.28
C LYS A 31 6.11 10.29 -0.35
N ALA A 32 4.92 9.70 -0.49
CA ALA A 32 3.76 10.41 -1.01
C ALA A 32 3.20 11.37 0.03
N PHE A 33 3.54 11.15 1.30
CA PHE A 33 3.07 11.99 2.40
C PHE A 33 3.49 13.45 2.19
N PRO A 34 2.56 14.40 2.40
CA PRO A 34 1.18 14.12 2.80
C PRO A 34 0.35 13.54 1.65
N PRO A 35 -0.38 12.46 1.90
CA PRO A 35 -1.10 11.71 0.90
C PRO A 35 -2.57 12.10 0.89
N ASP A 36 -3.39 11.22 0.35
CA ASP A 36 -4.81 11.47 0.22
C ASP A 36 -5.60 10.81 1.35
N PHE A 37 -4.90 10.37 2.38
CA PHE A 37 -5.52 9.59 3.45
C PHE A 37 -6.48 10.45 4.28
N GLU A 38 -7.74 10.04 4.29
CA GLU A 38 -8.73 10.65 5.18
C GLU A 38 -8.65 10.06 6.58
N GLY A 39 -8.13 8.83 6.66
CA GLY A 39 -8.06 8.14 7.91
C GLY A 39 -7.04 7.04 7.85
N PHE A 40 -6.11 7.04 8.77
CA PHE A 40 -5.06 6.05 8.77
C PHE A 40 -5.18 5.13 9.98
N ASP A 41 -5.06 3.83 9.75
CA ASP A 41 -5.16 2.86 10.83
C ASP A 41 -4.33 1.61 10.49
N THR A 42 -3.90 0.88 11.51
CA THR A 42 -3.11 -0.33 11.31
C THR A 42 -3.94 -1.40 10.56
N ASN A 43 -5.25 -1.34 10.72
CA ASN A 43 -6.16 -2.24 10.01
C ASN A 43 -6.03 -2.04 8.50
N LEU A 44 -5.75 -0.81 8.11
CA LEU A 44 -5.52 -0.49 6.70
C LEU A 44 -4.33 -1.27 6.15
N ILE A 45 -3.29 -1.43 6.94
CA ILE A 45 -2.08 -2.14 6.49
C ILE A 45 -2.40 -3.59 6.16
N GLU A 46 -3.12 -4.26 7.05
CA GLU A 46 -3.52 -5.63 6.80
C GLU A 46 -4.52 -5.66 5.66
N ARG A 47 -5.32 -4.61 5.57
CA ARG A 47 -6.35 -4.52 4.55
C ARG A 47 -5.72 -4.33 3.18
N ILE A 48 -4.63 -3.57 3.13
CA ILE A 48 -3.95 -3.28 1.87
C ILE A 48 -3.49 -4.58 1.20
N HIS A 49 -2.79 -5.43 1.94
CA HIS A 49 -2.33 -6.69 1.36
C HIS A 49 -3.49 -7.63 1.07
N GLU A 50 -4.53 -7.60 1.90
CA GLU A 50 -5.73 -8.37 1.61
C GLU A 50 -6.31 -7.94 0.28
N GLU A 51 -6.49 -6.63 0.13
CA GLU A 51 -7.00 -6.04 -1.09
C GLU A 51 -6.02 -6.23 -2.24
N LEU A 52 -4.76 -6.39 -1.92
CA LEU A 52 -3.75 -6.69 -2.92
C LEU A 52 -4.14 -7.96 -3.68
N GLU A 53 -4.51 -8.99 -2.95
CA GLU A 53 -4.97 -10.23 -3.56
C GLU A 53 -6.45 -10.14 -3.93
N LYS A 54 -7.24 -9.73 -2.96
CA LYS A 54 -8.69 -9.73 -3.04
C LYS A 54 -9.21 -8.71 -4.05
N HIS A 55 -8.63 -7.51 -4.03
CA HIS A 55 -9.09 -6.46 -4.92
C HIS A 55 -8.26 -6.43 -6.18
N GLY A 56 -7.03 -6.93 -6.09
CA GLY A 56 -6.19 -7.02 -7.27
C GLY A 56 -5.27 -5.84 -7.44
N ILE A 57 -4.98 -5.14 -6.36
CA ILE A 57 -4.19 -3.91 -6.44
C ILE A 57 -2.71 -4.24 -6.66
N ASN A 58 -2.01 -3.41 -7.41
CA ASN A 58 -0.59 -3.64 -7.64
C ASN A 58 0.25 -2.70 -6.80
N ILE A 59 1.20 -3.27 -6.07
CA ILE A 59 2.07 -2.51 -5.18
C ILE A 59 3.24 -3.39 -4.75
N VAL A 60 4.43 -2.83 -4.73
CA VAL A 60 5.62 -3.57 -4.38
C VAL A 60 6.14 -3.13 -3.01
N GLU A 61 6.82 -4.05 -2.32
CA GLU A 61 7.41 -3.74 -1.03
C GLU A 61 8.82 -3.23 -1.22
N ASN A 62 9.39 -3.62 -2.36
CA ASN A 62 10.76 -3.27 -2.74
C ASN A 62 11.77 -4.10 -1.96
N GLU A 63 11.25 -5.01 -1.13
CA GLU A 63 12.11 -5.93 -0.42
C GLU A 63 11.83 -7.35 -0.88
N PRO A 64 12.87 -8.09 -1.27
CA PRO A 64 12.77 -9.48 -1.65
C PRO A 64 13.01 -10.41 -0.47
N GLU A 65 12.42 -11.59 -0.52
CA GLU A 65 12.61 -12.58 0.54
C GLU A 65 13.95 -13.29 0.36
N GLU A 66 15.03 -12.52 0.52
CA GLU A 66 16.40 -13.03 0.42
C GLU A 66 16.62 -13.83 -0.86
N GLU A 67 16.25 -13.23 -1.97
CA GLU A 67 16.44 -13.84 -3.27
C GLU A 67 17.85 -13.56 -3.77
N GLU A 68 18.43 -14.50 -4.49
CA GLU A 68 19.82 -14.39 -4.89
C GLU A 68 19.92 -14.14 -6.39
N ILE A 69 19.20 -14.93 -7.17
CA ILE A 69 19.08 -14.68 -8.61
C ILE A 69 17.76 -13.98 -8.89
N SER A 70 17.22 -13.37 -7.82
CA SER A 70 15.91 -12.72 -7.82
C SER A 70 14.84 -13.63 -8.43
N ALA A 71 14.99 -14.91 -8.17
CA ALA A 71 14.04 -15.93 -8.57
C ALA A 71 14.05 -17.01 -7.50
N GLY A 72 14.27 -16.55 -6.28
CA GLY A 72 14.56 -17.46 -5.20
C GLY A 72 16.04 -17.55 -4.97
N GLY A 1 -12.23 -0.31 13.59
CA GLY A 1 -12.86 0.19 12.34
C GLY A 1 -14.05 -0.67 11.93
N SER A 2 -15.20 -0.02 11.78
CA SER A 2 -16.40 -0.71 11.34
C SER A 2 -17.14 0.12 10.30
N HIS A 3 -17.45 -0.50 9.16
CA HIS A 3 -18.15 0.17 8.06
C HIS A 3 -17.38 1.40 7.58
N MET A 4 -16.22 1.17 7.01
CA MET A 4 -15.41 2.25 6.47
C MET A 4 -14.95 1.91 5.06
N PRO A 5 -15.79 2.18 4.06
CA PRO A 5 -15.46 1.94 2.64
C PRO A 5 -14.33 2.87 2.19
N GLN A 6 -14.20 4.00 2.89
CA GLN A 6 -13.22 5.02 2.52
C GLN A 6 -11.80 4.48 2.58
N ILE A 7 -11.57 3.52 3.48
CA ILE A 7 -10.24 2.96 3.66
C ILE A 7 -9.86 2.11 2.45
N GLU A 8 -10.83 1.42 1.87
CA GLU A 8 -10.59 0.57 0.71
C GLU A 8 -10.25 1.42 -0.50
N ARG A 9 -11.00 2.50 -0.67
CA ARG A 9 -10.73 3.45 -1.75
C ARG A 9 -9.37 4.07 -1.55
N ARG A 10 -9.05 4.33 -0.29
CA ARG A 10 -7.78 4.93 0.09
C ARG A 10 -6.61 4.06 -0.32
N ILE A 11 -6.80 2.74 -0.26
CA ILE A 11 -5.75 1.81 -0.67
C ILE A 11 -5.39 2.03 -2.13
N LYS A 12 -6.42 2.13 -2.98
CA LYS A 12 -6.20 2.34 -4.40
C LYS A 12 -5.60 3.71 -4.63
N LYS A 13 -6.05 4.66 -3.84
CA LYS A 13 -5.56 6.03 -3.89
C LYS A 13 -4.09 6.09 -3.50
N LEU A 14 -3.75 5.37 -2.43
CA LEU A 14 -2.41 5.35 -1.91
C LEU A 14 -1.47 4.68 -2.89
N ILE A 15 -1.91 3.54 -3.43
CA ILE A 15 -1.14 2.85 -4.45
C ILE A 15 -1.02 3.73 -5.69
N SER A 16 -2.06 4.51 -5.96
CA SER A 16 -2.05 5.42 -7.09
C SER A 16 -1.03 6.53 -6.85
N LEU A 17 -1.04 7.10 -5.65
CA LEU A 17 -0.17 8.21 -5.31
C LEU A 17 1.28 7.81 -5.48
N GLY A 18 1.64 6.61 -5.02
CA GLY A 18 3.01 6.17 -5.13
C GLY A 18 3.39 5.97 -6.57
N LYS A 19 2.43 5.54 -7.35
CA LYS A 19 2.65 5.31 -8.77
C LYS A 19 2.85 6.65 -9.47
N LYS A 20 2.08 7.64 -9.03
CA LYS A 20 2.19 9.01 -9.51
C LYS A 20 3.53 9.60 -9.10
N LYS A 21 3.91 9.31 -7.86
CA LYS A 21 5.12 9.84 -7.28
C LYS A 21 6.34 9.25 -7.96
N GLY A 22 6.20 8.01 -8.39
CA GLY A 22 7.24 7.37 -9.16
C GLY A 22 6.94 5.93 -9.47
N TYR A 23 6.88 5.11 -8.44
CA TYR A 23 6.70 3.67 -8.60
C TYR A 23 5.84 3.11 -7.47
N ILE A 24 5.18 1.99 -7.74
CA ILE A 24 4.31 1.37 -6.75
C ILE A 24 5.12 0.70 -5.65
N THR A 25 5.41 1.45 -4.60
CA THR A 25 6.28 0.96 -3.55
C THR A 25 5.89 1.57 -2.21
N TYR A 26 6.05 0.78 -1.15
CA TYR A 26 5.76 1.22 0.21
C TYR A 26 6.59 2.45 0.57
N GLU A 27 7.84 2.45 0.14
CA GLU A 27 8.75 3.57 0.35
C GLU A 27 8.26 4.81 -0.37
N ASP A 28 7.73 4.61 -1.56
CA ASP A 28 7.25 5.69 -2.41
C ASP A 28 5.95 6.28 -1.84
N ILE A 29 5.11 5.42 -1.30
CA ILE A 29 3.92 5.86 -0.58
C ILE A 29 4.30 6.74 0.60
N ASP A 30 5.29 6.28 1.36
CA ASP A 30 5.83 7.06 2.47
C ASP A 30 6.37 8.39 1.95
N LYS A 31 6.85 8.37 0.72
CA LYS A 31 7.38 9.57 0.09
C LYS A 31 6.24 10.49 -0.33
N ALA A 32 5.07 9.89 -0.58
CA ALA A 32 3.91 10.62 -1.06
C ALA A 32 3.36 11.60 -0.01
N PHE A 33 3.71 11.39 1.25
CA PHE A 33 3.28 12.27 2.34
C PHE A 33 3.57 13.74 2.02
N PRO A 34 2.61 14.65 2.27
CA PRO A 34 1.29 14.32 2.85
C PRO A 34 0.42 13.51 1.90
N PRO A 35 -0.31 12.52 2.44
CA PRO A 35 -1.06 11.55 1.68
C PRO A 35 -2.52 11.94 1.61
N ASP A 36 -3.35 11.02 1.14
CA ASP A 36 -4.76 11.31 0.93
C ASP A 36 -5.61 10.82 2.09
N PHE A 37 -4.96 10.45 3.18
CA PHE A 37 -5.64 9.86 4.32
C PHE A 37 -6.50 10.87 5.06
N GLU A 38 -7.78 10.57 5.15
CA GLU A 38 -8.65 11.28 6.07
C GLU A 38 -8.44 10.70 7.45
N GLY A 39 -8.11 9.41 7.47
CA GLY A 39 -7.74 8.74 8.70
C GLY A 39 -7.09 7.42 8.35
N PHE A 40 -5.90 7.18 8.87
CA PHE A 40 -5.21 5.94 8.58
C PHE A 40 -5.21 5.04 9.81
N ASP A 41 -5.33 3.73 9.58
CA ASP A 41 -5.48 2.78 10.65
C ASP A 41 -4.71 1.49 10.33
N THR A 42 -4.39 0.71 11.35
CA THR A 42 -3.68 -0.55 11.20
C THR A 42 -4.47 -1.53 10.32
N ASN A 43 -5.79 -1.38 10.32
CA ASN A 43 -6.66 -2.22 9.50
C ASN A 43 -6.31 -2.05 8.04
N LEU A 44 -5.89 -0.83 7.68
CA LEU A 44 -5.47 -0.52 6.32
C LEU A 44 -4.37 -1.45 5.86
N ILE A 45 -3.43 -1.74 6.75
CA ILE A 45 -2.30 -2.60 6.41
C ILE A 45 -2.79 -3.99 6.08
N GLU A 46 -3.75 -4.46 6.86
CA GLU A 46 -4.37 -5.75 6.63
C GLU A 46 -5.16 -5.69 5.33
N ARG A 47 -5.86 -4.58 5.17
CA ARG A 47 -6.77 -4.40 4.07
C ARG A 47 -6.02 -4.30 2.74
N ILE A 48 -4.83 -3.69 2.78
CA ILE A 48 -4.01 -3.56 1.58
C ILE A 48 -3.65 -4.93 1.04
N HIS A 49 -3.18 -5.82 1.90
CA HIS A 49 -2.81 -7.16 1.47
C HIS A 49 -4.04 -7.95 1.02
N GLU A 50 -5.17 -7.71 1.66
CA GLU A 50 -6.42 -8.31 1.21
C GLU A 50 -6.70 -7.87 -0.21
N GLU A 51 -6.60 -6.57 -0.43
CA GLU A 51 -6.83 -5.98 -1.75
C GLU A 51 -5.79 -6.47 -2.76
N LEU A 52 -4.59 -6.79 -2.29
CA LEU A 52 -3.55 -7.32 -3.17
C LEU A 52 -3.99 -8.62 -3.80
N GLU A 53 -4.46 -9.54 -2.99
CA GLU A 53 -4.91 -10.83 -3.48
C GLU A 53 -6.35 -10.79 -3.98
N LYS A 54 -7.24 -10.25 -3.17
CA LYS A 54 -8.65 -10.22 -3.49
C LYS A 54 -8.96 -9.23 -4.60
N HIS A 55 -8.38 -8.04 -4.53
CA HIS A 55 -8.75 -6.99 -5.46
C HIS A 55 -7.80 -6.92 -6.65
N GLY A 56 -6.58 -7.39 -6.45
CA GLY A 56 -5.60 -7.36 -7.51
C GLY A 56 -4.82 -6.06 -7.56
N ILE A 57 -4.77 -5.32 -6.45
CA ILE A 57 -4.04 -4.07 -6.41
C ILE A 57 -2.55 -4.36 -6.39
N ASN A 58 -1.75 -3.49 -7.00
CA ASN A 58 -0.32 -3.76 -7.09
C ASN A 58 0.49 -2.72 -6.33
N ILE A 59 1.35 -3.21 -5.45
CA ILE A 59 2.25 -2.37 -4.69
C ILE A 59 3.45 -3.22 -4.28
N VAL A 60 4.64 -2.69 -4.48
CA VAL A 60 5.85 -3.41 -4.14
C VAL A 60 6.38 -2.93 -2.79
N GLU A 61 7.07 -3.80 -2.07
CA GLU A 61 7.59 -3.44 -0.76
C GLU A 61 9.01 -2.92 -0.90
N ASN A 62 9.67 -3.35 -1.98
CA ASN A 62 11.05 -2.98 -2.28
C ASN A 62 11.99 -3.70 -1.33
N GLU A 63 11.42 -4.61 -0.56
CA GLU A 63 12.17 -5.40 0.40
C GLU A 63 12.84 -6.56 -0.31
N PRO A 64 14.16 -6.71 -0.14
CA PRO A 64 14.91 -7.76 -0.81
C PRO A 64 14.77 -9.11 -0.12
N GLU A 65 14.41 -10.12 -0.90
CA GLU A 65 14.33 -11.48 -0.40
C GLU A 65 15.58 -12.25 -0.78
N GLU A 66 16.62 -11.50 -1.15
CA GLU A 66 17.89 -12.08 -1.53
C GLU A 66 18.76 -12.35 -0.31
N GLU A 67 18.37 -13.35 0.47
CA GLU A 67 19.16 -13.76 1.62
C GLU A 67 19.04 -15.26 1.78
N GLU A 68 20.14 -15.90 2.15
CA GLU A 68 20.21 -17.34 2.31
C GLU A 68 21.59 -17.76 2.79
N ILE A 69 22.56 -17.65 1.90
CA ILE A 69 23.93 -18.06 2.21
C ILE A 69 24.77 -16.86 2.65
N SER A 70 24.31 -15.66 2.27
CA SER A 70 25.00 -14.41 2.60
C SER A 70 26.40 -14.38 1.96
N ALA A 71 26.50 -14.91 0.74
CA ALA A 71 27.79 -15.05 0.08
C ALA A 71 28.18 -13.78 -0.67
N GLY A 72 27.26 -12.83 -0.72
CA GLY A 72 27.54 -11.57 -1.38
C GLY A 72 26.28 -10.93 -1.91
N GLY A 1 -23.94 -1.00 4.89
CA GLY A 1 -23.21 -2.13 4.29
C GLY A 1 -21.77 -2.18 4.74
N SER A 2 -20.87 -1.70 3.89
CA SER A 2 -19.47 -1.63 4.23
C SER A 2 -19.23 -0.53 5.26
N HIS A 3 -18.73 -0.91 6.43
CA HIS A 3 -18.57 0.03 7.53
C HIS A 3 -17.35 0.93 7.33
N MET A 4 -16.52 0.61 6.35
CA MET A 4 -15.35 1.41 6.07
C MET A 4 -14.91 1.26 4.61
N PRO A 5 -15.67 1.90 3.69
CA PRO A 5 -15.37 1.84 2.26
C PRO A 5 -14.23 2.77 1.86
N GLN A 6 -14.04 3.82 2.65
CA GLN A 6 -13.04 4.84 2.35
C GLN A 6 -11.63 4.27 2.51
N ILE A 7 -11.48 3.28 3.37
CA ILE A 7 -10.17 2.64 3.54
C ILE A 7 -9.77 1.91 2.27
N GLU A 8 -10.73 1.27 1.63
CA GLU A 8 -10.47 0.56 0.38
C GLU A 8 -10.01 1.54 -0.70
N ARG A 9 -10.72 2.66 -0.79
CA ARG A 9 -10.38 3.69 -1.77
C ARG A 9 -9.06 4.35 -1.38
N ARG A 10 -8.82 4.44 -0.07
CA ARG A 10 -7.58 4.98 0.48
C ARG A 10 -6.36 4.19 -0.01
N ILE A 11 -6.52 2.88 -0.13
CA ILE A 11 -5.44 2.01 -0.58
C ILE A 11 -5.08 2.33 -2.02
N LYS A 12 -6.10 2.49 -2.87
CA LYS A 12 -5.89 2.89 -4.25
C LYS A 12 -5.34 4.31 -4.33
N LYS A 13 -5.78 5.16 -3.41
CA LYS A 13 -5.21 6.50 -3.31
C LYS A 13 -3.71 6.42 -3.06
N LEU A 14 -3.33 5.53 -2.15
CA LEU A 14 -1.92 5.30 -1.86
C LEU A 14 -1.20 4.84 -3.11
N ILE A 15 -1.78 3.84 -3.76
CA ILE A 15 -1.19 3.28 -4.95
C ILE A 15 -1.08 4.32 -6.05
N SER A 16 -2.07 5.20 -6.09
CA SER A 16 -2.09 6.25 -7.09
C SER A 16 -0.95 7.23 -6.83
N LEU A 17 -0.82 7.65 -5.58
CA LEU A 17 0.19 8.60 -5.20
C LEU A 17 1.57 8.05 -5.51
N GLY A 18 1.79 6.78 -5.22
CA GLY A 18 3.08 6.18 -5.43
C GLY A 18 3.40 6.08 -6.90
N LYS A 19 2.38 5.78 -7.69
CA LYS A 19 2.58 5.63 -9.12
C LYS A 19 2.85 6.99 -9.74
N LYS A 20 2.21 8.01 -9.17
CA LYS A 20 2.44 9.39 -9.57
C LYS A 20 3.83 9.83 -9.16
N LYS A 21 4.22 9.40 -7.97
CA LYS A 21 5.51 9.75 -7.39
C LYS A 21 6.65 9.11 -8.16
N GLY A 22 6.35 7.99 -8.79
CA GLY A 22 7.34 7.31 -9.61
C GLY A 22 7.04 5.84 -9.82
N TYR A 23 7.04 5.07 -8.73
CA TYR A 23 6.91 3.63 -8.83
C TYR A 23 5.87 3.12 -7.85
N ILE A 24 5.38 1.91 -8.09
CA ILE A 24 4.41 1.31 -7.20
C ILE A 24 5.12 0.64 -6.04
N THR A 25 5.45 1.41 -5.03
CA THR A 25 6.24 0.92 -3.92
C THR A 25 5.91 1.66 -2.64
N TYR A 26 6.13 0.98 -1.52
CA TYR A 26 5.88 1.53 -0.20
C TYR A 26 6.79 2.73 0.05
N GLU A 27 7.96 2.70 -0.57
CA GLU A 27 8.92 3.79 -0.45
C GLU A 27 8.38 5.05 -1.12
N ASP A 28 7.71 4.87 -2.25
CA ASP A 28 7.06 5.97 -2.95
C ASP A 28 5.83 6.44 -2.20
N ILE A 29 5.18 5.53 -1.50
CA ILE A 29 4.09 5.87 -0.60
C ILE A 29 4.58 6.85 0.47
N ASP A 30 5.70 6.51 1.10
CA ASP A 30 6.31 7.37 2.10
C ASP A 30 6.65 8.72 1.50
N LYS A 31 7.06 8.71 0.25
CA LYS A 31 7.47 9.94 -0.42
C LYS A 31 6.25 10.76 -0.79
N ALA A 32 5.08 10.11 -0.81
CA ALA A 32 3.83 10.78 -1.14
C ALA A 32 3.39 11.72 -0.02
N PHE A 33 3.96 11.51 1.17
CA PHE A 33 3.65 12.33 2.35
C PHE A 33 3.91 13.81 2.07
N PRO A 34 2.98 14.70 2.49
CA PRO A 34 1.72 14.32 3.14
C PRO A 34 0.72 13.74 2.14
N PRO A 35 0.00 12.68 2.53
CA PRO A 35 -0.91 11.96 1.68
C PRO A 35 -2.33 12.43 1.88
N ASP A 36 -3.25 11.75 1.24
CA ASP A 36 -4.65 12.11 1.29
C ASP A 36 -5.38 11.25 2.33
N PHE A 37 -4.61 10.66 3.23
CA PHE A 37 -5.10 9.64 4.12
C PHE A 37 -6.28 10.15 4.94
N GLU A 38 -7.42 9.49 4.75
CA GLU A 38 -8.65 9.85 5.44
C GLU A 38 -8.66 9.26 6.84
N GLY A 39 -7.93 8.16 7.01
CA GLY A 39 -7.93 7.47 8.27
C GLY A 39 -6.81 6.47 8.30
N PHE A 40 -6.04 6.44 9.35
CA PHE A 40 -5.02 5.42 9.48
C PHE A 40 -5.38 4.46 10.61
N ASP A 41 -5.46 3.18 10.30
CA ASP A 41 -5.88 2.18 11.28
C ASP A 41 -5.43 0.78 10.90
N THR A 42 -5.57 -0.14 11.84
CA THR A 42 -5.26 -1.55 11.59
C THR A 42 -6.19 -2.16 10.56
N ASN A 43 -7.41 -1.63 10.47
CA ASN A 43 -8.38 -2.08 9.48
C ASN A 43 -7.85 -1.83 8.08
N LEU A 44 -7.12 -0.74 7.93
CA LEU A 44 -6.42 -0.44 6.70
C LEU A 44 -5.33 -1.46 6.42
N ILE A 45 -4.53 -1.77 7.43
CA ILE A 45 -3.41 -2.69 7.27
C ILE A 45 -3.90 -4.04 6.78
N GLU A 46 -4.96 -4.55 7.41
CA GLU A 46 -5.53 -5.82 7.01
C GLU A 46 -6.16 -5.66 5.63
N ARG A 47 -6.73 -4.49 5.37
CA ARG A 47 -7.45 -4.26 4.15
C ARG A 47 -6.51 -4.19 2.95
N ILE A 48 -5.34 -3.61 3.15
CA ILE A 48 -4.36 -3.49 2.08
C ILE A 48 -3.96 -4.86 1.56
N HIS A 49 -3.58 -5.74 2.48
CA HIS A 49 -3.19 -7.09 2.11
C HIS A 49 -4.37 -7.85 1.52
N GLU A 50 -5.56 -7.61 2.05
CA GLU A 50 -6.76 -8.19 1.48
C GLU A 50 -6.90 -7.76 0.03
N GLU A 51 -6.78 -6.48 -0.19
CA GLU A 51 -6.89 -5.92 -1.53
C GLU A 51 -5.76 -6.41 -2.44
N LEU A 52 -4.60 -6.71 -1.87
CA LEU A 52 -3.50 -7.26 -2.66
C LEU A 52 -3.83 -8.61 -3.24
N GLU A 53 -4.27 -9.51 -2.37
CA GLU A 53 -4.53 -10.87 -2.77
C GLU A 53 -5.94 -11.04 -3.32
N LYS A 54 -6.91 -10.55 -2.58
CA LYS A 54 -8.30 -10.72 -2.92
C LYS A 54 -8.70 -9.82 -4.08
N HIS A 55 -8.23 -8.56 -4.07
CA HIS A 55 -8.65 -7.61 -5.09
C HIS A 55 -7.65 -7.57 -6.23
N GLY A 56 -6.38 -7.78 -5.92
CA GLY A 56 -5.37 -7.74 -6.95
C GLY A 56 -4.65 -6.41 -7.06
N ILE A 57 -4.66 -5.56 -6.02
CA ILE A 57 -3.92 -4.31 -6.10
C ILE A 57 -2.44 -4.62 -6.03
N ASN A 58 -1.63 -3.93 -6.82
CA ASN A 58 -0.21 -4.24 -6.87
C ASN A 58 0.64 -3.08 -6.40
N ILE A 59 1.63 -3.39 -5.59
CA ILE A 59 2.49 -2.42 -4.96
C ILE A 59 3.68 -3.14 -4.35
N VAL A 60 4.87 -2.70 -4.71
CA VAL A 60 6.07 -3.40 -4.40
C VAL A 60 6.73 -2.80 -3.16
N GLU A 61 7.50 -3.60 -2.49
CA GLU A 61 8.31 -3.17 -1.37
C GLU A 61 9.62 -2.60 -1.88
N ASN A 62 9.98 -3.04 -3.09
CA ASN A 62 11.18 -2.61 -3.79
C ASN A 62 12.41 -3.26 -3.18
N GLU A 63 12.17 -4.20 -2.29
CA GLU A 63 13.23 -4.98 -1.69
C GLU A 63 13.02 -6.46 -2.03
N PRO A 64 14.09 -7.16 -2.39
CA PRO A 64 14.03 -8.57 -2.76
C PRO A 64 14.01 -9.49 -1.53
N GLU A 65 13.74 -8.89 -0.37
CA GLU A 65 13.68 -9.60 0.92
C GLU A 65 15.07 -10.04 1.37
N GLU A 66 15.71 -10.89 0.59
CA GLU A 66 17.03 -11.38 0.92
C GLU A 66 17.86 -11.60 -0.36
N GLU A 67 18.60 -10.55 -0.73
CA GLU A 67 19.54 -10.61 -1.86
C GLU A 67 18.83 -10.61 -3.21
N GLU A 68 19.61 -10.29 -4.25
CA GLU A 68 19.13 -10.18 -5.61
C GLU A 68 20.31 -10.04 -6.55
N ILE A 69 21.21 -9.13 -6.21
CA ILE A 69 22.38 -8.85 -7.02
C ILE A 69 23.38 -10.01 -6.92
N SER A 70 23.30 -10.75 -5.81
CA SER A 70 24.18 -11.87 -5.56
C SER A 70 25.62 -11.38 -5.40
N ALA A 71 25.83 -10.55 -4.39
CA ALA A 71 27.13 -9.93 -4.15
C ALA A 71 27.21 -9.39 -2.73
N GLY A 72 26.29 -8.50 -2.39
CA GLY A 72 26.27 -7.92 -1.07
C GLY A 72 26.70 -6.48 -1.07
N GLY A 1 -20.65 -6.64 5.12
CA GLY A 1 -19.74 -5.97 6.09
C GLY A 1 -19.03 -4.78 5.48
N SER A 2 -19.76 -3.70 5.26
CA SER A 2 -19.20 -2.51 4.62
C SER A 2 -19.38 -1.31 5.56
N HIS A 3 -18.50 -1.22 6.56
CA HIS A 3 -18.62 -0.19 7.58
C HIS A 3 -17.79 1.04 7.22
N MET A 4 -16.66 0.83 6.56
CA MET A 4 -15.74 1.93 6.28
C MET A 4 -15.16 1.80 4.88
N PRO A 5 -15.97 2.11 3.85
CA PRO A 5 -15.57 2.01 2.44
C PRO A 5 -14.39 2.93 2.09
N GLN A 6 -14.22 3.99 2.88
CA GLN A 6 -13.16 4.96 2.62
C GLN A 6 -11.77 4.30 2.66
N ILE A 7 -11.67 3.20 3.38
CA ILE A 7 -10.41 2.46 3.44
C ILE A 7 -10.13 1.81 2.09
N GLU A 8 -11.13 1.14 1.56
CA GLU A 8 -11.02 0.45 0.27
C GLU A 8 -10.59 1.45 -0.81
N ARG A 9 -11.23 2.62 -0.81
CA ARG A 9 -10.98 3.64 -1.81
C ARG A 9 -9.57 4.23 -1.64
N ARG A 10 -9.16 4.40 -0.40
CA ARG A 10 -7.89 5.03 -0.09
C ARG A 10 -6.73 4.16 -0.55
N ILE A 11 -6.88 2.85 -0.39
CA ILE A 11 -5.85 1.91 -0.79
C ILE A 11 -5.57 2.04 -2.28
N LYS A 12 -6.64 2.15 -3.06
CA LYS A 12 -6.48 2.25 -4.51
C LYS A 12 -5.81 3.56 -4.89
N LYS A 13 -6.12 4.60 -4.14
CA LYS A 13 -5.49 5.90 -4.34
C LYS A 13 -4.01 5.85 -3.94
N LEU A 14 -3.72 5.13 -2.87
CA LEU A 14 -2.36 5.06 -2.36
C LEU A 14 -1.44 4.45 -3.40
N ILE A 15 -1.87 3.34 -3.97
CA ILE A 15 -1.08 2.68 -4.99
C ILE A 15 -0.91 3.59 -6.19
N SER A 16 -1.94 4.39 -6.47
CA SER A 16 -1.91 5.33 -7.58
C SER A 16 -0.88 6.42 -7.29
N LEU A 17 -0.93 6.98 -6.08
CA LEU A 17 -0.04 8.04 -5.68
C LEU A 17 1.41 7.56 -5.75
N GLY A 18 1.62 6.29 -5.40
CA GLY A 18 2.96 5.75 -5.45
C GLY A 18 3.46 5.70 -6.87
N LYS A 19 2.56 5.36 -7.78
CA LYS A 19 2.90 5.30 -9.19
C LYS A 19 3.25 6.69 -9.70
N LYS A 20 2.49 7.67 -9.23
CA LYS A 20 2.76 9.07 -9.51
C LYS A 20 4.10 9.47 -8.91
N LYS A 21 4.33 9.02 -7.69
CA LYS A 21 5.54 9.34 -6.95
C LYS A 21 6.77 8.70 -7.58
N GLY A 22 6.57 7.60 -8.28
CA GLY A 22 7.66 6.93 -8.94
C GLY A 22 7.39 5.46 -9.20
N TYR A 23 7.25 4.70 -8.13
CA TYR A 23 7.03 3.26 -8.23
C TYR A 23 5.86 2.88 -7.35
N ILE A 24 5.25 1.75 -7.64
CA ILE A 24 4.07 1.39 -6.90
C ILE A 24 4.46 0.62 -5.65
N THR A 25 4.90 1.32 -4.61
CA THR A 25 5.54 0.66 -3.49
C THR A 25 5.26 1.34 -2.17
N TYR A 26 5.45 0.58 -1.10
CA TYR A 26 5.27 1.06 0.26
C TYR A 26 6.14 2.27 0.53
N GLU A 27 7.33 2.26 -0.02
CA GLU A 27 8.26 3.36 0.18
C GLU A 27 7.76 4.62 -0.52
N ASP A 28 7.18 4.44 -1.70
CA ASP A 28 6.58 5.54 -2.44
C ASP A 28 5.28 6.02 -1.78
N ILE A 29 4.59 5.10 -1.12
CA ILE A 29 3.43 5.47 -0.31
C ILE A 29 3.85 6.45 0.77
N ASP A 30 4.91 6.08 1.47
CA ASP A 30 5.46 6.90 2.56
C ASP A 30 5.93 8.24 2.00
N LYS A 31 6.43 8.22 0.78
CA LYS A 31 6.93 9.44 0.15
C LYS A 31 5.74 10.30 -0.32
N ALA A 32 4.59 9.66 -0.49
CA ALA A 32 3.37 10.36 -0.89
C ALA A 32 2.78 11.10 0.32
N PHE A 33 3.18 10.67 1.50
CA PHE A 33 2.74 11.28 2.75
C PHE A 33 3.40 12.65 2.94
N PRO A 34 2.67 13.64 3.46
CA PRO A 34 1.25 13.51 3.80
C PRO A 34 0.34 13.61 2.58
N PRO A 35 -0.53 12.62 2.40
CA PRO A 35 -1.42 12.51 1.26
C PRO A 35 -2.85 12.86 1.66
N ASP A 36 -3.82 12.12 1.16
CA ASP A 36 -5.22 12.44 1.34
C ASP A 36 -5.86 11.65 2.47
N PHE A 37 -5.03 11.07 3.34
CA PHE A 37 -5.54 10.18 4.39
C PHE A 37 -6.56 10.89 5.28
N GLU A 38 -7.78 10.36 5.27
CA GLU A 38 -8.81 10.82 6.18
C GLU A 38 -8.62 10.19 7.55
N GLY A 39 -7.96 9.05 7.56
CA GLY A 39 -7.77 8.31 8.79
C GLY A 39 -6.71 7.27 8.60
N PHE A 40 -5.73 7.26 9.46
CA PHE A 40 -4.68 6.27 9.38
C PHE A 40 -4.97 5.16 10.38
N ASP A 41 -4.89 3.91 9.92
CA ASP A 41 -5.37 2.79 10.71
C ASP A 41 -4.52 1.55 10.44
N THR A 42 -4.20 0.82 11.50
CA THR A 42 -3.40 -0.40 11.40
C THR A 42 -4.10 -1.47 10.57
N ASN A 43 -5.41 -1.52 10.70
CA ASN A 43 -6.24 -2.43 9.91
C ASN A 43 -6.11 -2.10 8.44
N LEU A 44 -5.93 -0.82 8.12
CA LEU A 44 -5.70 -0.37 6.75
C LEU A 44 -4.50 -1.08 6.14
N ILE A 45 -3.44 -1.27 6.93
CA ILE A 45 -2.25 -1.94 6.46
C ILE A 45 -2.56 -3.39 6.10
N GLU A 46 -3.38 -4.03 6.93
CA GLU A 46 -3.82 -5.39 6.67
C GLU A 46 -4.70 -5.38 5.44
N ARG A 47 -5.54 -4.37 5.38
CA ARG A 47 -6.51 -4.22 4.33
C ARG A 47 -5.83 -4.01 2.97
N ILE A 48 -4.71 -3.31 2.99
CA ILE A 48 -3.94 -3.06 1.76
C ILE A 48 -3.50 -4.38 1.15
N HIS A 49 -2.90 -5.25 1.95
CA HIS A 49 -2.47 -6.54 1.43
C HIS A 49 -3.66 -7.42 1.05
N GLU A 50 -4.78 -7.27 1.77
CA GLU A 50 -6.01 -7.98 1.40
C GLU A 50 -6.44 -7.56 0.00
N GLU A 51 -6.52 -6.25 -0.22
CA GLU A 51 -6.85 -5.69 -1.52
C GLU A 51 -5.80 -6.07 -2.56
N LEU A 52 -4.58 -6.22 -2.11
CA LEU A 52 -3.52 -6.67 -2.97
C LEU A 52 -3.85 -8.03 -3.57
N GLU A 53 -4.33 -8.95 -2.74
CA GLU A 53 -4.65 -10.28 -3.21
C GLU A 53 -6.04 -10.36 -3.86
N LYS A 54 -7.05 -9.87 -3.15
CA LYS A 54 -8.42 -10.00 -3.62
C LYS A 54 -8.71 -9.06 -4.77
N HIS A 55 -8.23 -7.83 -4.67
CA HIS A 55 -8.54 -6.83 -5.67
C HIS A 55 -7.43 -6.76 -6.71
N GLY A 56 -6.25 -7.25 -6.34
CA GLY A 56 -5.17 -7.33 -7.29
C GLY A 56 -4.37 -6.04 -7.40
N ILE A 57 -4.39 -5.23 -6.35
CA ILE A 57 -3.78 -3.91 -6.43
C ILE A 57 -2.25 -4.02 -6.41
N ASN A 58 -1.60 -3.48 -7.43
CA ASN A 58 -0.17 -3.67 -7.59
C ASN A 58 0.63 -2.73 -6.70
N ILE A 59 1.44 -3.33 -5.83
CA ILE A 59 2.23 -2.58 -4.88
C ILE A 59 3.44 -3.42 -4.43
N VAL A 60 4.60 -2.92 -4.79
CA VAL A 60 5.87 -3.55 -4.53
C VAL A 60 6.36 -3.14 -3.14
N GLU A 61 7.20 -3.98 -2.54
CA GLU A 61 7.77 -3.69 -1.24
C GLU A 61 9.13 -3.02 -1.39
N ASN A 62 9.84 -3.38 -2.46
CA ASN A 62 11.07 -2.72 -2.90
C ASN A 62 12.23 -2.99 -1.93
N GLU A 63 12.01 -3.88 -0.98
CA GLU A 63 13.04 -4.16 0.03
C GLU A 63 14.11 -5.07 -0.54
N PRO A 64 15.39 -4.67 -0.39
CA PRO A 64 16.52 -5.44 -0.88
C PRO A 64 16.79 -6.68 -0.04
N GLU A 65 16.23 -7.81 -0.47
CA GLU A 65 16.49 -9.08 0.18
C GLU A 65 17.96 -9.45 0.07
N GLU A 66 18.59 -9.01 -1.01
CA GLU A 66 19.98 -9.33 -1.26
C GLU A 66 20.88 -8.22 -0.73
N GLU A 67 21.04 -8.20 0.60
CA GLU A 67 21.89 -7.22 1.27
C GLU A 67 21.35 -5.80 1.09
N GLU A 68 21.90 -5.08 0.11
CA GLU A 68 21.46 -3.74 -0.22
C GLU A 68 21.64 -3.52 -1.71
N ILE A 69 22.89 -3.47 -2.13
CA ILE A 69 23.22 -3.33 -3.54
C ILE A 69 23.64 -4.70 -4.09
N SER A 70 23.64 -5.68 -3.19
CA SER A 70 24.03 -7.05 -3.49
C SER A 70 25.52 -7.12 -3.77
N ALA A 71 26.31 -6.51 -2.88
CA ALA A 71 27.75 -6.50 -3.01
C ALA A 71 28.36 -7.80 -2.51
N GLY A 72 27.73 -8.39 -1.50
CA GLY A 72 28.21 -9.65 -0.99
C GLY A 72 27.16 -10.74 -1.09
N GLY A 1 -16.61 -5.46 5.20
CA GLY A 1 -17.46 -4.68 6.14
C GLY A 1 -17.80 -3.32 5.56
N SER A 2 -18.95 -2.79 5.96
CA SER A 2 -19.45 -1.54 5.42
C SER A 2 -19.14 -0.37 6.35
N HIS A 3 -18.22 -0.58 7.28
CA HIS A 3 -17.91 0.43 8.28
C HIS A 3 -16.76 1.32 7.81
N MET A 4 -15.99 0.85 6.84
CA MET A 4 -14.84 1.62 6.35
C MET A 4 -14.66 1.49 4.83
N PRO A 5 -15.67 1.93 4.04
CA PRO A 5 -15.58 1.90 2.58
C PRO A 5 -14.51 2.85 2.06
N GLN A 6 -14.29 3.93 2.80
CA GLN A 6 -13.31 4.93 2.42
C GLN A 6 -11.90 4.35 2.43
N ILE A 7 -11.71 3.30 3.24
CA ILE A 7 -10.42 2.64 3.33
C ILE A 7 -10.07 2.01 1.99
N GLU A 8 -11.02 1.28 1.44
CA GLU A 8 -10.86 0.65 0.13
C GLU A 8 -10.49 1.69 -0.93
N ARG A 9 -11.20 2.81 -0.90
CA ARG A 9 -11.01 3.89 -1.84
C ARG A 9 -9.66 4.58 -1.63
N ARG A 10 -9.29 4.72 -0.37
CA ARG A 10 -8.05 5.40 -0.01
C ARG A 10 -6.83 4.61 -0.47
N ILE A 11 -6.91 3.28 -0.35
CA ILE A 11 -5.80 2.42 -0.74
C ILE A 11 -5.49 2.57 -2.21
N LYS A 12 -6.55 2.69 -3.03
CA LYS A 12 -6.35 2.87 -4.47
C LYS A 12 -5.67 4.19 -4.75
N LYS A 13 -5.99 5.21 -3.96
CA LYS A 13 -5.35 6.50 -4.07
C LYS A 13 -3.89 6.40 -3.65
N LEU A 14 -3.63 5.63 -2.60
CA LEU A 14 -2.28 5.46 -2.08
C LEU A 14 -1.38 4.85 -3.13
N ILE A 15 -1.86 3.77 -3.72
CA ILE A 15 -1.11 3.08 -4.74
C ILE A 15 -0.92 3.97 -5.97
N SER A 16 -1.94 4.78 -6.25
CA SER A 16 -1.87 5.66 -7.41
C SER A 16 -0.80 6.73 -7.18
N LEU A 17 -0.84 7.34 -6.02
CA LEU A 17 0.07 8.42 -5.68
C LEU A 17 1.50 7.92 -5.67
N GLY A 18 1.72 6.73 -5.13
CA GLY A 18 3.07 6.20 -5.09
C GLY A 18 3.57 5.90 -6.47
N LYS A 19 2.66 5.46 -7.33
CA LYS A 19 3.00 5.13 -8.69
C LYS A 19 3.35 6.41 -9.45
N LYS A 20 2.53 7.42 -9.24
CA LYS A 20 2.78 8.75 -9.78
C LYS A 20 4.08 9.31 -9.25
N LYS A 21 4.34 9.04 -7.99
CA LYS A 21 5.53 9.55 -7.33
C LYS A 21 6.78 8.89 -7.88
N GLY A 22 6.62 7.74 -8.49
CA GLY A 22 7.74 7.06 -9.08
C GLY A 22 7.53 5.57 -9.22
N TYR A 23 7.36 4.88 -8.10
CA TYR A 23 7.30 3.44 -8.13
C TYR A 23 6.18 2.92 -7.24
N ILE A 24 5.63 1.78 -7.60
CA ILE A 24 4.66 1.12 -6.75
C ILE A 24 5.38 0.36 -5.64
N THR A 25 5.69 1.05 -4.56
CA THR A 25 6.44 0.45 -3.47
C THR A 25 6.09 1.10 -2.14
N TYR A 26 6.36 0.40 -1.06
CA TYR A 26 6.03 0.86 0.29
C TYR A 26 6.70 2.21 0.57
N GLU A 27 7.93 2.35 0.10
CA GLU A 27 8.69 3.58 0.29
C GLU A 27 8.00 4.75 -0.40
N ASP A 28 7.50 4.50 -1.59
CA ASP A 28 6.89 5.54 -2.41
C ASP A 28 5.56 6.00 -1.84
N ILE A 29 4.87 5.10 -1.16
CA ILE A 29 3.67 5.46 -0.42
C ILE A 29 4.02 6.51 0.64
N ASP A 30 5.05 6.21 1.41
CA ASP A 30 5.52 7.11 2.47
C ASP A 30 5.92 8.45 1.89
N LYS A 31 6.57 8.42 0.73
CA LYS A 31 7.00 9.66 0.09
C LYS A 31 5.84 10.36 -0.60
N ALA A 32 4.74 9.63 -0.79
CA ALA A 32 3.52 10.20 -1.35
C ALA A 32 2.75 10.96 -0.27
N PHE A 33 3.06 10.65 0.99
CA PHE A 33 2.48 11.36 2.12
C PHE A 33 2.85 12.84 2.07
N PRO A 34 1.89 13.74 2.35
CA PRO A 34 0.54 13.38 2.77
C PRO A 34 -0.41 13.17 1.60
N PRO A 35 -1.26 12.14 1.70
CA PRO A 35 -2.26 11.81 0.70
C PRO A 35 -3.62 12.32 1.15
N ASP A 36 -4.68 11.66 0.72
CA ASP A 36 -6.03 12.07 1.08
C ASP A 36 -6.53 11.27 2.28
N PHE A 37 -5.63 10.60 2.98
CA PHE A 37 -6.03 9.61 3.98
C PHE A 37 -6.93 10.24 5.05
N GLU A 38 -8.14 9.73 5.11
CA GLU A 38 -9.12 10.19 6.08
C GLU A 38 -8.89 9.54 7.43
N GLY A 39 -8.21 8.40 7.41
CA GLY A 39 -7.96 7.66 8.61
C GLY A 39 -6.90 6.63 8.35
N PHE A 40 -5.86 6.64 9.17
CA PHE A 40 -4.81 5.67 9.03
C PHE A 40 -4.87 4.68 10.19
N ASP A 41 -4.75 3.40 9.90
CA ASP A 41 -4.86 2.39 10.94
C ASP A 41 -3.98 1.19 10.60
N THR A 42 -3.64 0.41 11.61
CA THR A 42 -2.85 -0.79 11.42
C THR A 42 -3.61 -1.81 10.57
N ASN A 43 -4.93 -1.86 10.77
CA ASN A 43 -5.79 -2.75 10.00
C ASN A 43 -5.71 -2.38 8.52
N LEU A 44 -5.57 -1.09 8.26
CA LEU A 44 -5.46 -0.57 6.90
C LEU A 44 -4.24 -1.15 6.19
N ILE A 45 -3.13 -1.29 6.90
CA ILE A 45 -1.92 -1.83 6.30
C ILE A 45 -2.14 -3.28 5.89
N GLU A 46 -2.82 -4.02 6.73
CA GLU A 46 -3.16 -5.41 6.44
C GLU A 46 -4.15 -5.44 5.31
N ARG A 47 -5.08 -4.49 5.35
CA ARG A 47 -6.10 -4.36 4.33
C ARG A 47 -5.45 -4.08 2.97
N ILE A 48 -4.35 -3.33 2.97
CA ILE A 48 -3.62 -3.06 1.74
C ILE A 48 -3.12 -4.36 1.12
N HIS A 49 -2.55 -5.24 1.95
CA HIS A 49 -2.12 -6.56 1.48
C HIS A 49 -3.32 -7.33 0.93
N GLU A 50 -4.42 -7.28 1.66
CA GLU A 50 -5.64 -7.97 1.25
C GLU A 50 -6.10 -7.46 -0.10
N GLU A 51 -6.13 -6.14 -0.26
CA GLU A 51 -6.53 -5.52 -1.52
C GLU A 51 -5.70 -6.01 -2.70
N LEU A 52 -4.44 -6.37 -2.45
CA LEU A 52 -3.58 -6.90 -3.51
C LEU A 52 -4.16 -8.16 -4.11
N GLU A 53 -4.55 -9.08 -3.25
CA GLU A 53 -5.13 -10.34 -3.69
C GLU A 53 -6.63 -10.20 -3.97
N LYS A 54 -7.31 -9.60 -3.02
CA LYS A 54 -8.76 -9.49 -3.03
C LYS A 54 -9.23 -8.53 -4.10
N HIS A 55 -8.61 -7.36 -4.19
CA HIS A 55 -9.04 -6.36 -5.15
C HIS A 55 -8.19 -6.38 -6.41
N GLY A 56 -6.96 -6.87 -6.29
CA GLY A 56 -6.06 -6.87 -7.42
C GLY A 56 -5.22 -5.61 -7.51
N ILE A 57 -5.06 -4.88 -6.40
CA ILE A 57 -4.27 -3.67 -6.40
C ILE A 57 -2.79 -4.05 -6.40
N ASN A 58 -1.95 -3.26 -7.04
CA ASN A 58 -0.54 -3.59 -7.11
C ASN A 58 0.33 -2.57 -6.41
N ILE A 59 1.26 -3.09 -5.62
CA ILE A 59 2.19 -2.29 -4.85
C ILE A 59 3.28 -3.21 -4.31
N VAL A 60 4.53 -2.84 -4.50
CA VAL A 60 5.63 -3.67 -4.08
C VAL A 60 6.01 -3.35 -2.64
N GLU A 61 6.61 -4.31 -1.96
CA GLU A 61 6.85 -4.22 -0.53
C GLU A 61 8.22 -3.66 -0.24
N ASN A 62 9.11 -3.82 -1.23
CA ASN A 62 10.51 -3.40 -1.15
C ASN A 62 11.32 -4.44 -0.40
N GLU A 63 10.63 -5.46 0.10
CA GLU A 63 11.29 -6.58 0.74
C GLU A 63 11.74 -7.57 -0.32
N PRO A 64 13.01 -7.99 -0.25
CA PRO A 64 13.60 -8.90 -1.23
C PRO A 64 12.80 -10.20 -1.35
N GLU A 65 12.32 -10.44 -2.56
CA GLU A 65 11.55 -11.65 -2.85
C GLU A 65 12.48 -12.86 -2.89
N GLU A 66 13.66 -12.66 -3.45
CA GLU A 66 14.64 -13.73 -3.61
C GLU A 66 16.02 -13.26 -3.17
N GLU A 67 16.26 -13.26 -1.87
CA GLU A 67 17.53 -12.83 -1.34
C GLU A 67 18.17 -13.94 -0.51
N GLU A 68 19.50 -13.96 -0.46
CA GLU A 68 20.22 -15.01 0.25
C GLU A 68 21.51 -14.47 0.87
N ILE A 69 22.40 -13.95 0.03
CA ILE A 69 23.72 -13.51 0.49
C ILE A 69 23.75 -11.99 0.65
N SER A 70 22.63 -11.36 0.33
CA SER A 70 22.48 -9.91 0.40
C SER A 70 23.38 -9.24 -0.63
N ALA A 71 23.62 -9.94 -1.72
CA ALA A 71 24.47 -9.44 -2.78
C ALA A 71 23.66 -9.28 -4.07
N GLY A 72 23.74 -8.11 -4.66
CA GLY A 72 22.99 -7.85 -5.88
C GLY A 72 22.16 -6.59 -5.76
N GLY A 1 -13.64 -6.12 12.91
CA GLY A 1 -14.63 -6.72 11.98
C GLY A 1 -15.64 -5.70 11.50
N SER A 2 -15.19 -4.79 10.65
CA SER A 2 -16.05 -3.76 10.10
C SER A 2 -15.49 -3.32 8.75
N HIS A 3 -16.31 -2.69 7.93
CA HIS A 3 -15.88 -2.22 6.62
C HIS A 3 -16.08 -0.72 6.48
N MET A 4 -15.06 -0.04 6.01
CA MET A 4 -15.13 1.39 5.76
C MET A 4 -14.84 1.66 4.30
N PRO A 5 -15.83 2.19 3.57
CA PRO A 5 -15.65 2.56 2.16
C PRO A 5 -14.50 3.55 1.99
N GLN A 6 -14.26 4.33 3.04
CA GLN A 6 -13.18 5.30 3.04
C GLN A 6 -11.83 4.60 3.06
N ILE A 7 -11.77 3.48 3.75
CA ILE A 7 -10.54 2.70 3.78
C ILE A 7 -10.28 2.10 2.41
N GLU A 8 -11.31 1.49 1.84
CA GLU A 8 -11.20 0.87 0.52
C GLU A 8 -10.82 1.92 -0.53
N ARG A 9 -11.49 3.06 -0.49
CA ARG A 9 -11.25 4.13 -1.44
C ARG A 9 -9.85 4.71 -1.25
N ARG A 10 -9.39 4.72 -0.01
CA ARG A 10 -8.06 5.22 0.29
C ARG A 10 -6.99 4.29 -0.23
N ILE A 11 -7.24 2.98 -0.21
CA ILE A 11 -6.26 2.03 -0.68
C ILE A 11 -5.88 2.30 -2.12
N LYS A 12 -6.88 2.42 -2.99
CA LYS A 12 -6.58 2.66 -4.40
C LYS A 12 -6.02 4.05 -4.63
N LYS A 13 -6.50 5.02 -3.86
CA LYS A 13 -6.01 6.38 -3.97
C LYS A 13 -4.55 6.43 -3.56
N LEU A 14 -4.23 5.75 -2.47
CA LEU A 14 -2.88 5.71 -1.96
C LEU A 14 -2.00 4.96 -2.94
N ILE A 15 -2.48 3.82 -3.43
CA ILE A 15 -1.72 3.04 -4.36
C ILE A 15 -1.47 3.84 -5.63
N SER A 16 -2.44 4.65 -6.03
CA SER A 16 -2.28 5.46 -7.21
C SER A 16 -1.21 6.52 -6.98
N LEU A 17 -1.34 7.23 -5.85
CA LEU A 17 -0.43 8.31 -5.49
C LEU A 17 0.99 7.82 -5.40
N GLY A 18 1.17 6.63 -4.85
CA GLY A 18 2.49 6.06 -4.73
C GLY A 18 3.08 5.85 -6.09
N LYS A 19 2.23 5.53 -7.05
CA LYS A 19 2.69 5.26 -8.38
C LYS A 19 3.08 6.58 -9.04
N LYS A 20 2.30 7.61 -8.75
CA LYS A 20 2.62 8.95 -9.21
C LYS A 20 3.90 9.44 -8.57
N LYS A 21 4.16 8.96 -7.38
CA LYS A 21 5.34 9.35 -6.65
C LYS A 21 6.59 8.69 -7.22
N GLY A 22 6.38 7.72 -8.10
CA GLY A 22 7.48 7.02 -8.72
C GLY A 22 7.12 5.62 -9.12
N TYR A 23 6.89 4.76 -8.15
CA TYR A 23 6.60 3.36 -8.40
C TYR A 23 5.56 2.85 -7.42
N ILE A 24 5.08 1.64 -7.65
CA ILE A 24 4.09 1.05 -6.77
C ILE A 24 4.80 0.38 -5.60
N THR A 25 5.09 1.16 -4.58
CA THR A 25 5.85 0.68 -3.44
C THR A 25 5.29 1.28 -2.15
N TYR A 26 5.35 0.51 -1.07
CA TYR A 26 4.95 1.02 0.23
C TYR A 26 5.81 2.22 0.62
N GLU A 27 7.07 2.17 0.20
CA GLU A 27 7.98 3.28 0.44
C GLU A 27 7.57 4.51 -0.36
N ASP A 28 7.07 4.28 -1.58
CA ASP A 28 6.54 5.35 -2.40
C ASP A 28 5.29 5.95 -1.75
N ILE A 29 4.54 5.11 -1.05
CA ILE A 29 3.41 5.58 -0.25
C ILE A 29 3.87 6.49 0.87
N ASP A 30 4.87 6.03 1.62
CA ASP A 30 5.44 6.78 2.72
C ASP A 30 6.04 8.08 2.21
N LYS A 31 6.55 8.02 0.99
CA LYS A 31 7.16 9.18 0.35
C LYS A 31 6.08 10.16 -0.11
N ALA A 32 4.84 9.66 -0.20
CA ALA A 32 3.73 10.45 -0.70
C ALA A 32 3.22 11.43 0.35
N PHE A 33 3.53 11.17 1.61
CA PHE A 33 3.11 12.04 2.71
C PHE A 33 3.65 13.45 2.54
N PRO A 34 2.78 14.47 2.67
CA PRO A 34 1.35 14.30 2.98
C PRO A 34 0.55 13.85 1.76
N PRO A 35 -0.16 12.72 1.87
CA PRO A 35 -0.92 12.13 0.80
C PRO A 35 -2.40 12.45 0.96
N ASP A 36 -3.25 11.63 0.37
CA ASP A 36 -4.68 11.87 0.39
C ASP A 36 -5.37 11.06 1.49
N PHE A 37 -4.57 10.49 2.40
CA PHE A 37 -5.13 9.67 3.46
C PHE A 37 -5.97 10.52 4.40
N GLU A 38 -7.24 10.18 4.51
CA GLU A 38 -8.15 10.87 5.42
C GLU A 38 -7.98 10.34 6.84
N GLY A 39 -7.48 9.12 6.94
CA GLY A 39 -7.34 8.48 8.21
C GLY A 39 -6.44 7.28 8.08
N PHE A 40 -5.42 7.21 8.91
CA PHE A 40 -4.48 6.12 8.82
C PHE A 40 -4.79 5.08 9.89
N ASP A 41 -4.74 3.81 9.52
CA ASP A 41 -5.07 2.73 10.44
C ASP A 41 -4.27 1.48 10.09
N THR A 42 -3.84 0.75 11.10
CA THR A 42 -3.06 -0.47 10.91
C THR A 42 -3.88 -1.54 10.16
N ASN A 43 -5.20 -1.49 10.31
CA ASN A 43 -6.09 -2.41 9.61
C ASN A 43 -6.02 -2.16 8.11
N LEU A 44 -5.83 -0.91 7.75
CA LEU A 44 -5.68 -0.50 6.36
C LEU A 44 -4.48 -1.19 5.73
N ILE A 45 -3.40 -1.29 6.47
CA ILE A 45 -2.18 -1.92 5.98
C ILE A 45 -2.44 -3.39 5.62
N GLU A 46 -3.21 -4.07 6.47
CA GLU A 46 -3.60 -5.44 6.22
C GLU A 46 -4.56 -5.48 5.05
N ARG A 47 -5.49 -4.55 5.07
CA ARG A 47 -6.54 -4.49 4.06
C ARG A 47 -5.95 -4.26 2.68
N ILE A 48 -4.89 -3.45 2.62
CA ILE A 48 -4.18 -3.22 1.36
C ILE A 48 -3.53 -4.50 0.86
N HIS A 49 -2.82 -5.20 1.75
CA HIS A 49 -2.11 -6.42 1.37
C HIS A 49 -3.07 -7.50 0.90
N GLU A 50 -4.21 -7.64 1.58
CA GLU A 50 -5.23 -8.59 1.15
C GLU A 50 -5.75 -8.21 -0.23
N GLU A 51 -5.98 -6.92 -0.44
CA GLU A 51 -6.45 -6.44 -1.73
C GLU A 51 -5.43 -6.67 -2.83
N LEU A 52 -4.15 -6.69 -2.49
CA LEU A 52 -3.10 -6.96 -3.46
C LEU A 52 -3.33 -8.31 -4.13
N GLU A 53 -3.60 -9.31 -3.32
CA GLU A 53 -3.84 -10.64 -3.84
C GLU A 53 -5.29 -10.82 -4.27
N LYS A 54 -6.21 -10.46 -3.39
CA LYS A 54 -7.63 -10.72 -3.62
C LYS A 54 -8.21 -9.76 -4.66
N HIS A 55 -7.86 -8.49 -4.58
CA HIS A 55 -8.44 -7.49 -5.48
C HIS A 55 -7.51 -7.25 -6.66
N GLY A 56 -6.23 -7.58 -6.49
CA GLY A 56 -5.29 -7.38 -7.55
C GLY A 56 -4.72 -5.97 -7.58
N ILE A 57 -4.80 -5.25 -6.45
CA ILE A 57 -4.19 -3.94 -6.39
C ILE A 57 -2.69 -4.14 -6.25
N ASN A 58 -1.88 -3.26 -6.81
CA ASN A 58 -0.45 -3.46 -6.74
C ASN A 58 0.24 -2.40 -5.92
N ILE A 59 1.06 -2.87 -4.98
CA ILE A 59 1.94 -2.05 -4.19
C ILE A 59 3.04 -2.96 -3.64
N VAL A 60 4.28 -2.64 -3.96
CA VAL A 60 5.38 -3.54 -3.70
C VAL A 60 6.08 -3.19 -2.40
N GLU A 61 6.79 -4.18 -1.87
CA GLU A 61 7.55 -4.02 -0.64
C GLU A 61 8.94 -3.49 -0.95
N ASN A 62 9.37 -3.73 -2.20
CA ASN A 62 10.67 -3.27 -2.71
C ASN A 62 11.79 -4.14 -2.17
N GLU A 63 11.40 -5.18 -1.43
CA GLU A 63 12.36 -6.14 -0.89
C GLU A 63 12.00 -7.54 -1.32
N PRO A 64 13.00 -8.31 -1.77
CA PRO A 64 12.83 -9.73 -2.08
C PRO A 64 12.58 -10.54 -0.82
N GLU A 65 11.47 -11.26 -0.80
CA GLU A 65 10.99 -11.90 0.42
C GLU A 65 11.46 -13.35 0.55
N GLU A 66 12.29 -13.84 -0.37
CA GLU A 66 12.80 -15.19 -0.28
C GLU A 66 13.86 -15.28 0.82
N GLU A 67 13.82 -16.36 1.59
CA GLU A 67 14.71 -16.57 2.73
C GLU A 67 14.53 -15.45 3.75
N GLU A 68 13.30 -14.99 3.91
CA GLU A 68 13.00 -13.90 4.82
C GLU A 68 11.77 -14.22 5.65
N ILE A 69 10.63 -14.33 4.99
CA ILE A 69 9.37 -14.63 5.66
C ILE A 69 9.36 -16.08 6.12
N SER A 70 10.26 -16.87 5.54
CA SER A 70 10.37 -18.30 5.82
C SER A 70 9.15 -19.03 5.25
N ALA A 71 8.60 -18.45 4.20
CA ALA A 71 7.43 -19.00 3.52
C ALA A 71 7.36 -18.42 2.10
N GLY A 72 6.83 -19.19 1.18
CA GLY A 72 6.78 -18.75 -0.20
C GLY A 72 6.85 -19.92 -1.15
N GLY A 1 -21.17 6.02 4.57
CA GLY A 1 -20.65 4.88 5.37
C GLY A 1 -19.40 5.25 6.14
N SER A 2 -19.05 4.44 7.12
CA SER A 2 -17.93 4.73 8.00
C SER A 2 -16.82 3.70 7.87
N HIS A 3 -15.60 4.20 7.69
CA HIS A 3 -14.38 3.38 7.74
C HIS A 3 -14.43 2.17 6.79
N MET A 4 -15.14 2.30 5.67
CA MET A 4 -15.20 1.21 4.71
C MET A 4 -14.84 1.68 3.30
N PRO A 5 -15.63 2.59 2.66
CA PRO A 5 -15.37 3.02 1.29
C PRO A 5 -14.06 3.81 1.18
N GLN A 6 -13.74 4.53 2.25
CA GLN A 6 -12.54 5.33 2.29
C GLN A 6 -11.31 4.44 2.31
N ILE A 7 -11.45 3.24 2.84
CA ILE A 7 -10.33 2.31 2.90
C ILE A 7 -9.97 1.83 1.52
N GLU A 8 -10.98 1.38 0.80
CA GLU A 8 -10.80 0.90 -0.56
C GLU A 8 -10.21 2.01 -1.43
N ARG A 9 -10.74 3.22 -1.28
CA ARG A 9 -10.28 4.35 -2.07
C ARG A 9 -8.85 4.76 -1.69
N ARG A 10 -8.53 4.69 -0.41
CA ARG A 10 -7.22 5.11 0.06
C ARG A 10 -6.13 4.19 -0.46
N ILE A 11 -6.38 2.88 -0.44
CA ILE A 11 -5.40 1.91 -0.93
C ILE A 11 -5.07 2.20 -2.39
N LYS A 12 -6.10 2.37 -3.20
CA LYS A 12 -5.93 2.67 -4.62
C LYS A 12 -5.31 4.05 -4.84
N LYS A 13 -5.66 5.02 -3.99
CA LYS A 13 -5.04 6.34 -4.05
C LYS A 13 -3.54 6.25 -3.87
N LEU A 14 -3.10 5.37 -2.96
CA LEU A 14 -1.67 5.16 -2.73
C LEU A 14 -1.01 4.69 -4.01
N ILE A 15 -1.66 3.77 -4.69
CA ILE A 15 -1.17 3.24 -5.94
C ILE A 15 -1.06 4.36 -6.98
N SER A 16 -2.05 5.24 -6.96
CA SER A 16 -2.10 6.34 -7.90
C SER A 16 -0.95 7.30 -7.63
N LEU A 17 -0.83 7.69 -6.37
CA LEU A 17 0.14 8.68 -5.96
C LEU A 17 1.56 8.14 -6.09
N GLY A 18 1.76 6.90 -5.69
CA GLY A 18 3.08 6.32 -5.72
C GLY A 18 3.56 6.12 -7.13
N LYS A 19 2.64 5.71 -7.99
CA LYS A 19 2.94 5.53 -9.39
C LYS A 19 3.31 6.88 -10.00
N LYS A 20 2.51 7.89 -9.66
CA LYS A 20 2.79 9.28 -10.04
C LYS A 20 4.15 9.71 -9.51
N LYS A 21 4.45 9.26 -8.30
CA LYS A 21 5.68 9.61 -7.62
C LYS A 21 6.88 8.97 -8.30
N GLY A 22 6.65 7.91 -9.04
CA GLY A 22 7.72 7.28 -9.77
C GLY A 22 7.59 5.78 -9.89
N TYR A 23 7.50 5.09 -8.76
CA TYR A 23 7.47 3.64 -8.75
C TYR A 23 6.37 3.13 -7.84
N ILE A 24 6.01 1.88 -7.99
CA ILE A 24 5.08 1.25 -7.08
C ILE A 24 5.84 0.47 -6.02
N THR A 25 6.23 1.17 -4.96
CA THR A 25 7.03 0.58 -3.93
C THR A 25 6.55 1.05 -2.58
N TYR A 26 6.88 0.33 -1.53
CA TYR A 26 6.52 0.74 -0.19
C TYR A 26 7.09 2.12 0.10
N GLU A 27 8.30 2.35 -0.40
CA GLU A 27 8.96 3.64 -0.23
C GLU A 27 8.21 4.72 -1.00
N ASP A 28 7.84 4.42 -2.24
CA ASP A 28 7.15 5.38 -3.09
C ASP A 28 5.75 5.71 -2.57
N ILE A 29 5.13 4.73 -1.94
CA ILE A 29 3.86 4.97 -1.25
C ILE A 29 4.07 5.94 -0.10
N ASP A 30 5.08 5.67 0.70
CA ASP A 30 5.40 6.51 1.86
C ASP A 30 5.75 7.92 1.43
N LYS A 31 6.44 8.02 0.30
CA LYS A 31 6.80 9.34 -0.23
C LYS A 31 5.60 10.00 -0.90
N ALA A 32 4.58 9.21 -1.19
CA ALA A 32 3.34 9.71 -1.77
C ALA A 32 2.49 10.43 -0.72
N PHE A 33 2.77 10.14 0.55
CA PHE A 33 2.09 10.80 1.67
C PHE A 33 2.49 12.28 1.73
N PRO A 34 1.75 13.11 2.48
CA PRO A 34 0.56 12.70 3.23
C PRO A 34 -0.70 12.64 2.37
N PRO A 35 -1.69 11.85 2.80
CA PRO A 35 -2.94 11.67 2.11
C PRO A 35 -4.08 12.43 2.78
N ASP A 36 -5.27 12.22 2.29
CA ASP A 36 -6.46 12.85 2.86
C ASP A 36 -7.18 11.87 3.79
N PHE A 37 -6.47 10.82 4.19
CA PHE A 37 -7.07 9.71 4.90
C PHE A 37 -7.72 10.16 6.20
N GLU A 38 -9.00 9.85 6.32
CA GLU A 38 -9.84 10.37 7.38
C GLU A 38 -9.63 9.64 8.71
N GLY A 39 -8.96 8.50 8.66
CA GLY A 39 -8.69 7.76 9.87
C GLY A 39 -7.64 6.73 9.63
N PHE A 40 -6.60 6.77 10.43
CA PHE A 40 -5.50 5.84 10.25
C PHE A 40 -5.53 4.77 11.35
N ASP A 41 -5.44 3.50 10.95
CA ASP A 41 -5.54 2.40 11.91
C ASP A 41 -4.69 1.22 11.44
N THR A 42 -4.27 0.38 12.39
CA THR A 42 -3.52 -0.83 12.08
C THR A 42 -4.36 -1.81 11.25
N ASN A 43 -5.68 -1.71 11.38
CA ASN A 43 -6.59 -2.54 10.60
C ASN A 43 -6.40 -2.25 9.12
N LEU A 44 -6.08 -1.01 8.80
CA LEU A 44 -5.73 -0.60 7.45
C LEU A 44 -4.60 -1.46 6.89
N ILE A 45 -3.63 -1.82 7.73
CA ILE A 45 -2.52 -2.66 7.30
C ILE A 45 -3.04 -4.03 6.85
N GLU A 46 -4.04 -4.53 7.55
CA GLU A 46 -4.71 -5.76 7.16
C GLU A 46 -5.44 -5.52 5.86
N ARG A 47 -6.11 -4.38 5.83
CA ARG A 47 -6.92 -3.97 4.70
C ARG A 47 -6.08 -3.84 3.44
N ILE A 48 -4.87 -3.34 3.59
CA ILE A 48 -3.97 -3.15 2.45
C ILE A 48 -3.67 -4.48 1.77
N HIS A 49 -3.25 -5.47 2.54
CA HIS A 49 -2.94 -6.78 1.97
C HIS A 49 -4.21 -7.47 1.47
N GLU A 50 -5.34 -7.22 2.13
CA GLU A 50 -6.61 -7.73 1.62
C GLU A 50 -6.87 -7.20 0.22
N GLU A 51 -6.74 -5.88 0.06
CA GLU A 51 -6.88 -5.24 -1.24
C GLU A 51 -5.84 -5.77 -2.21
N LEU A 52 -4.71 -6.17 -1.69
CA LEU A 52 -3.68 -6.79 -2.49
C LEU A 52 -4.20 -8.10 -3.11
N GLU A 53 -4.87 -8.93 -2.32
CA GLU A 53 -5.37 -10.20 -2.82
C GLU A 53 -6.71 -10.05 -3.53
N LYS A 54 -7.68 -9.43 -2.86
CA LYS A 54 -9.04 -9.36 -3.40
C LYS A 54 -9.15 -8.37 -4.54
N HIS A 55 -8.45 -7.25 -4.42
CA HIS A 55 -8.48 -6.24 -5.48
C HIS A 55 -7.33 -6.44 -6.44
N GLY A 56 -6.26 -7.06 -5.97
CA GLY A 56 -5.16 -7.37 -6.84
C GLY A 56 -4.17 -6.23 -6.98
N ILE A 57 -4.13 -5.35 -5.99
CA ILE A 57 -3.40 -4.10 -6.12
C ILE A 57 -1.87 -4.35 -6.08
N ASN A 58 -1.18 -3.93 -7.13
CA ASN A 58 0.23 -4.27 -7.29
C ASN A 58 1.15 -3.14 -6.87
N ILE A 59 1.95 -3.40 -5.86
CA ILE A 59 2.93 -2.49 -5.32
C ILE A 59 4.07 -3.33 -4.77
N VAL A 60 5.28 -2.98 -5.11
CA VAL A 60 6.44 -3.74 -4.70
C VAL A 60 6.95 -3.21 -3.36
N GLU A 61 7.61 -4.07 -2.59
CA GLU A 61 8.11 -3.65 -1.29
C GLU A 61 9.49 -3.03 -1.41
N ASN A 62 10.25 -3.53 -2.39
CA ASN A 62 11.62 -3.12 -2.64
C ASN A 62 12.51 -3.62 -1.50
N GLU A 63 11.96 -4.58 -0.75
CA GLU A 63 12.68 -5.21 0.34
C GLU A 63 13.69 -6.23 -0.19
N PRO A 64 14.91 -6.24 0.37
CA PRO A 64 15.96 -7.17 -0.03
C PRO A 64 15.67 -8.59 0.44
N GLU A 65 16.01 -9.56 -0.40
CA GLU A 65 15.81 -10.96 -0.06
C GLU A 65 16.96 -11.45 0.82
N GLU A 66 16.96 -10.98 2.05
CA GLU A 66 18.00 -11.31 3.00
C GLU A 66 17.37 -11.86 4.28
N GLU A 67 17.92 -12.96 4.76
CA GLU A 67 17.37 -13.66 5.91
C GLU A 67 17.99 -13.15 7.20
N GLU A 68 19.32 -13.01 7.20
CA GLU A 68 20.04 -12.53 8.38
C GLU A 68 21.54 -12.49 8.10
N ILE A 69 21.99 -11.36 7.53
CA ILE A 69 23.42 -11.10 7.31
C ILE A 69 24.02 -12.20 6.44
N SER A 70 23.23 -12.67 5.50
CA SER A 70 23.63 -13.73 4.58
C SER A 70 23.97 -15.00 5.35
N ALA A 71 23.02 -15.48 6.15
CA ALA A 71 23.21 -16.68 6.94
C ALA A 71 23.29 -17.90 6.05
N GLY A 72 24.37 -18.65 6.18
CA GLY A 72 24.57 -19.83 5.36
C GLY A 72 25.45 -19.52 4.17
N GLY A 1 -20.37 -1.83 7.02
CA GLY A 1 -19.75 -2.08 5.70
C GLY A 1 -18.35 -2.65 5.82
N SER A 2 -17.38 -1.97 5.25
CA SER A 2 -16.00 -2.42 5.26
C SER A 2 -15.19 -1.70 6.35
N HIS A 3 -15.83 -1.49 7.51
CA HIS A 3 -15.24 -0.73 8.62
C HIS A 3 -15.17 0.75 8.27
N MET A 4 -14.45 1.07 7.20
CA MET A 4 -14.34 2.42 6.68
C MET A 4 -14.21 2.36 5.17
N PRO A 5 -15.27 2.71 4.43
CA PRO A 5 -15.27 2.69 2.97
C PRO A 5 -14.17 3.58 2.39
N GLN A 6 -13.81 4.60 3.18
CA GLN A 6 -12.75 5.53 2.81
C GLN A 6 -11.40 4.82 2.72
N ILE A 7 -11.28 3.71 3.45
CA ILE A 7 -10.05 2.92 3.45
C ILE A 7 -9.85 2.26 2.10
N GLU A 8 -10.90 1.62 1.60
CA GLU A 8 -10.85 0.93 0.31
C GLU A 8 -10.40 1.89 -0.78
N ARG A 9 -11.01 3.07 -0.78
CA ARG A 9 -10.72 4.08 -1.79
C ARG A 9 -9.30 4.60 -1.61
N ARG A 10 -8.91 4.80 -0.37
CA ARG A 10 -7.61 5.37 -0.05
C ARG A 10 -6.48 4.44 -0.45
N ILE A 11 -6.69 3.14 -0.30
CA ILE A 11 -5.68 2.17 -0.68
C ILE A 11 -5.36 2.30 -2.16
N LYS A 12 -6.40 2.42 -2.98
CA LYS A 12 -6.21 2.57 -4.42
C LYS A 12 -5.54 3.89 -4.73
N LYS A 13 -5.89 4.90 -3.96
CA LYS A 13 -5.30 6.21 -4.13
C LYS A 13 -3.82 6.18 -3.77
N LEU A 14 -3.47 5.42 -2.75
CA LEU A 14 -2.07 5.30 -2.34
C LEU A 14 -1.26 4.71 -3.47
N ILE A 15 -1.74 3.60 -4.00
CA ILE A 15 -1.05 2.91 -5.05
C ILE A 15 -1.01 3.77 -6.32
N SER A 16 -2.09 4.51 -6.56
CA SER A 16 -2.14 5.35 -7.75
C SER A 16 -1.17 6.52 -7.63
N LEU A 17 -1.14 7.13 -6.44
CA LEU A 17 -0.23 8.23 -6.14
C LEU A 17 1.21 7.77 -6.31
N GLY A 18 1.49 6.53 -5.97
CA GLY A 18 2.82 6.00 -6.11
C GLY A 18 3.24 5.97 -7.55
N LYS A 19 2.28 5.76 -8.41
CA LYS A 19 2.53 5.71 -9.82
C LYS A 19 2.82 7.13 -10.31
N LYS A 20 2.20 8.10 -9.62
CA LYS A 20 2.48 9.52 -9.80
C LYS A 20 3.86 9.85 -9.28
N LYS A 21 4.17 9.29 -8.12
CA LYS A 21 5.41 9.54 -7.44
C LYS A 21 6.58 8.96 -8.23
N GLY A 22 6.31 7.86 -8.92
CA GLY A 22 7.30 7.26 -9.79
C GLY A 22 7.04 5.80 -10.05
N TYR A 23 7.09 5.01 -8.99
CA TYR A 23 6.93 3.57 -9.09
C TYR A 23 6.16 3.06 -7.88
N ILE A 24 5.48 1.93 -8.03
CA ILE A 24 4.68 1.38 -6.95
C ILE A 24 5.54 0.58 -5.98
N THR A 25 5.78 1.17 -4.82
CA THR A 25 6.61 0.60 -3.80
C THR A 25 6.24 1.16 -2.43
N TYR A 26 6.57 0.43 -1.37
CA TYR A 26 6.33 0.91 -0.02
C TYR A 26 7.01 2.26 0.18
N GLU A 27 8.11 2.46 -0.54
CA GLU A 27 8.83 3.72 -0.51
C GLU A 27 7.96 4.84 -1.06
N ASP A 28 7.24 4.56 -2.14
CA ASP A 28 6.44 5.59 -2.78
C ASP A 28 5.32 6.06 -1.86
N ILE A 29 4.75 5.14 -1.11
CA ILE A 29 3.68 5.45 -0.17
C ILE A 29 4.18 6.45 0.85
N ASP A 30 5.35 6.14 1.42
CA ASP A 30 5.99 6.99 2.40
C ASP A 30 6.44 8.30 1.74
N LYS A 31 6.86 8.20 0.48
CA LYS A 31 7.34 9.37 -0.23
C LYS A 31 6.16 10.25 -0.67
N ALA A 32 4.98 9.63 -0.72
CA ALA A 32 3.75 10.34 -1.08
C ALA A 32 3.30 11.24 0.07
N PHE A 33 3.79 10.93 1.27
CA PHE A 33 3.44 11.67 2.49
C PHE A 33 3.74 13.17 2.31
N PRO A 34 2.85 14.06 2.80
CA PRO A 34 1.60 13.68 3.49
C PRO A 34 0.62 12.98 2.55
N PRO A 35 -0.16 12.01 3.07
CA PRO A 35 -1.02 11.18 2.29
C PRO A 35 -2.43 11.75 2.29
N ASP A 36 -3.35 11.03 1.70
CA ASP A 36 -4.70 11.53 1.57
C ASP A 36 -5.60 10.93 2.66
N PHE A 37 -4.99 10.31 3.65
CA PHE A 37 -5.74 9.65 4.70
C PHE A 37 -6.59 10.62 5.51
N GLU A 38 -7.89 10.43 5.46
CA GLU A 38 -8.80 11.16 6.32
C GLU A 38 -8.87 10.48 7.69
N GLY A 39 -8.52 9.20 7.73
CA GLY A 39 -8.56 8.44 8.94
C GLY A 39 -7.79 7.15 8.77
N PHE A 40 -6.87 6.87 9.67
CA PHE A 40 -6.06 5.67 9.57
C PHE A 40 -6.53 4.63 10.58
N ASP A 41 -6.46 3.35 10.21
CA ASP A 41 -6.95 2.28 11.08
C ASP A 41 -6.08 1.04 10.94
N THR A 42 -6.09 0.19 11.97
CA THR A 42 -5.35 -1.07 11.95
C THR A 42 -5.91 -2.01 10.86
N ASN A 43 -7.21 -1.94 10.65
CA ASN A 43 -7.87 -2.75 9.62
C ASN A 43 -7.33 -2.39 8.26
N LEU A 44 -6.94 -1.14 8.09
CA LEU A 44 -6.33 -0.68 6.86
C LEU A 44 -5.08 -1.49 6.53
N ILE A 45 -4.26 -1.76 7.52
CA ILE A 45 -3.01 -2.48 7.29
C ILE A 45 -3.28 -3.87 6.72
N GLU A 46 -4.21 -4.58 7.34
CA GLU A 46 -4.57 -5.89 6.86
C GLU A 46 -5.33 -5.77 5.55
N ARG A 47 -6.09 -4.69 5.41
CA ARG A 47 -6.93 -4.50 4.24
C ARG A 47 -6.10 -4.19 3.00
N ILE A 48 -4.98 -3.49 3.18
CA ILE A 48 -4.07 -3.21 2.08
C ILE A 48 -3.54 -4.52 1.51
N HIS A 49 -3.02 -5.37 2.38
CA HIS A 49 -2.52 -6.67 1.95
C HIS A 49 -3.65 -7.57 1.44
N GLU A 50 -4.83 -7.45 2.05
CA GLU A 50 -5.99 -8.17 1.53
C GLU A 50 -6.26 -7.73 0.11
N GLU A 51 -6.29 -6.43 -0.09
CA GLU A 51 -6.54 -5.85 -1.41
C GLU A 51 -5.49 -6.29 -2.42
N LEU A 52 -4.26 -6.44 -1.97
CA LEU A 52 -3.18 -6.90 -2.85
C LEU A 52 -3.49 -8.25 -3.46
N GLU A 53 -3.81 -9.20 -2.60
CA GLU A 53 -4.07 -10.56 -3.05
C GLU A 53 -5.51 -10.75 -3.52
N LYS A 54 -6.44 -10.30 -2.72
CA LYS A 54 -7.86 -10.45 -2.99
C LYS A 54 -8.31 -9.54 -4.13
N HIS A 55 -7.89 -8.28 -4.12
CA HIS A 55 -8.41 -7.33 -5.08
C HIS A 55 -7.48 -7.21 -6.28
N GLY A 56 -6.20 -7.46 -6.05
CA GLY A 56 -5.25 -7.36 -7.14
C GLY A 56 -4.62 -5.98 -7.25
N ILE A 57 -4.62 -5.19 -6.17
CA ILE A 57 -3.97 -3.91 -6.22
C ILE A 57 -2.46 -4.16 -6.20
N ASN A 58 -1.69 -3.36 -6.89
CA ASN A 58 -0.28 -3.64 -7.01
C ASN A 58 0.58 -2.60 -6.31
N ILE A 59 1.47 -3.07 -5.47
CA ILE A 59 2.43 -2.23 -4.79
C ILE A 59 3.63 -3.11 -4.41
N VAL A 60 4.82 -2.64 -4.67
CA VAL A 60 6.01 -3.45 -4.44
C VAL A 60 6.70 -3.01 -3.17
N GLU A 61 7.64 -3.81 -2.66
CA GLU A 61 8.39 -3.42 -1.49
C GLU A 61 9.68 -2.73 -1.90
N ASN A 62 10.20 -3.21 -3.04
CA ASN A 62 11.44 -2.72 -3.64
C ASN A 62 12.62 -3.10 -2.77
N GLU A 63 12.40 -4.07 -1.89
CA GLU A 63 13.44 -4.57 -1.01
C GLU A 63 14.44 -5.41 -1.80
N PRO A 64 15.74 -5.20 -1.54
CA PRO A 64 16.83 -5.91 -2.24
C PRO A 64 16.69 -7.42 -2.13
N GLU A 65 16.26 -8.04 -3.22
CA GLU A 65 16.04 -9.48 -3.27
C GLU A 65 17.32 -10.20 -3.65
N GLU A 66 18.44 -9.70 -3.14
CA GLU A 66 19.74 -10.27 -3.45
C GLU A 66 20.69 -10.05 -2.27
N GLU A 67 20.72 -11.02 -1.38
CA GLU A 67 21.59 -10.93 -0.21
C GLU A 67 22.50 -12.15 -0.11
N GLU A 68 23.31 -12.35 -1.14
CA GLU A 68 24.28 -13.44 -1.16
C GLU A 68 25.44 -13.08 -0.25
N ILE A 69 26.24 -12.13 -0.71
CA ILE A 69 27.27 -11.52 0.11
C ILE A 69 26.79 -10.14 0.55
N SER A 70 26.02 -9.52 -0.36
CA SER A 70 25.38 -8.22 -0.15
C SER A 70 26.40 -7.08 -0.20
N ALA A 71 27.49 -7.22 0.54
CA ALA A 71 28.52 -6.20 0.60
C ALA A 71 29.73 -6.62 -0.23
N GLY A 72 29.72 -6.29 -1.51
CA GLY A 72 30.84 -6.59 -2.38
C GLY A 72 30.69 -5.92 -3.72
N GLY A 1 -20.94 -4.79 8.56
CA GLY A 1 -19.72 -4.38 7.84
C GLY A 1 -19.04 -3.21 8.51
N SER A 2 -17.93 -2.77 7.94
CA SER A 2 -17.20 -1.63 8.48
C SER A 2 -17.79 -0.34 7.94
N HIS A 3 -18.30 -0.39 6.71
CA HIS A 3 -18.92 0.77 6.06
C HIS A 3 -18.00 1.98 6.15
N MET A 4 -16.82 1.84 5.56
CA MET A 4 -15.82 2.89 5.58
C MET A 4 -15.09 2.91 4.24
N PRO A 5 -15.69 3.54 3.23
CA PRO A 5 -15.14 3.55 1.86
C PRO A 5 -13.76 4.18 1.77
N GLN A 6 -13.45 5.05 2.73
CA GLN A 6 -12.21 5.82 2.71
C GLN A 6 -11.00 4.90 2.83
N ILE A 7 -11.17 3.78 3.52
CA ILE A 7 -10.06 2.87 3.72
C ILE A 7 -9.67 2.18 2.41
N GLU A 8 -10.67 1.69 1.68
CA GLU A 8 -10.42 1.02 0.42
C GLU A 8 -9.97 2.00 -0.65
N ARG A 9 -10.60 3.17 -0.67
CA ARG A 9 -10.25 4.20 -1.63
C ARG A 9 -8.81 4.64 -1.39
N ARG A 10 -8.40 4.59 -0.12
CA ARG A 10 -7.07 4.99 0.28
C ARG A 10 -6.02 4.06 -0.32
N ILE A 11 -6.34 2.77 -0.40
CA ILE A 11 -5.39 1.79 -0.91
C ILE A 11 -5.03 2.14 -2.35
N LYS A 12 -6.06 2.36 -3.16
CA LYS A 12 -5.87 2.72 -4.56
C LYS A 12 -5.26 4.11 -4.70
N LYS A 13 -5.64 5.02 -3.80
CA LYS A 13 -5.06 6.36 -3.82
C LYS A 13 -3.57 6.30 -3.53
N LEU A 14 -3.21 5.49 -2.54
CA LEU A 14 -1.82 5.28 -2.19
C LEU A 14 -1.06 4.76 -3.38
N ILE A 15 -1.61 3.73 -4.00
CA ILE A 15 -1.00 3.11 -5.14
C ILE A 15 -0.96 4.09 -6.32
N SER A 16 -2.01 4.87 -6.43
CA SER A 16 -2.13 5.81 -7.54
C SER A 16 -1.09 6.90 -7.41
N LEU A 17 -1.02 7.50 -6.25
CA LEU A 17 -0.11 8.60 -6.03
C LEU A 17 1.34 8.15 -6.04
N GLY A 18 1.61 7.01 -5.42
CA GLY A 18 2.98 6.53 -5.34
C GLY A 18 3.51 6.18 -6.71
N LYS A 19 2.65 5.56 -7.50
CA LYS A 19 3.04 5.18 -8.84
C LYS A 19 3.17 6.42 -9.71
N LYS A 20 2.26 7.36 -9.53
CA LYS A 20 2.33 8.66 -10.20
C LYS A 20 3.61 9.37 -9.82
N LYS A 21 3.99 9.22 -8.57
CA LYS A 21 5.20 9.80 -8.04
C LYS A 21 6.43 9.14 -8.65
N GLY A 22 6.31 7.86 -8.96
CA GLY A 22 7.42 7.14 -9.52
C GLY A 22 7.20 5.64 -9.57
N TYR A 23 7.13 4.99 -8.41
CA TYR A 23 7.11 3.53 -8.37
C TYR A 23 6.02 3.03 -7.43
N ILE A 24 5.70 1.75 -7.57
CA ILE A 24 4.70 1.14 -6.72
C ILE A 24 5.36 0.49 -5.52
N THR A 25 5.62 1.28 -4.49
CA THR A 25 6.36 0.78 -3.35
C THR A 25 6.04 1.57 -2.09
N TYR A 26 6.28 0.96 -0.94
CA TYR A 26 6.05 1.59 0.35
C TYR A 26 6.83 2.89 0.47
N GLU A 27 8.03 2.90 -0.08
CA GLU A 27 8.88 4.07 -0.06
C GLU A 27 8.25 5.21 -0.86
N ASP A 28 7.68 4.86 -2.00
CA ASP A 28 6.98 5.85 -2.83
C ASP A 28 5.66 6.27 -2.20
N ILE A 29 5.04 5.38 -1.46
CA ILE A 29 3.86 5.71 -0.67
C ILE A 29 4.18 6.82 0.32
N ASP A 30 5.28 6.62 1.05
CA ASP A 30 5.72 7.60 2.05
C ASP A 30 5.95 8.95 1.40
N LYS A 31 6.49 8.93 0.20
CA LYS A 31 6.74 10.19 -0.52
C LYS A 31 5.44 10.75 -1.11
N ALA A 32 4.42 9.90 -1.17
CA ALA A 32 3.10 10.32 -1.63
C ALA A 32 2.30 10.96 -0.48
N PHE A 33 2.71 10.66 0.76
CA PHE A 33 2.04 11.22 1.94
C PHE A 33 2.13 12.75 1.96
N PRO A 34 1.09 13.43 2.45
CA PRO A 34 -0.15 12.82 2.90
C PRO A 34 -1.24 12.84 1.81
N PRO A 35 -1.85 11.69 1.52
CA PRO A 35 -2.83 11.55 0.47
C PRO A 35 -4.26 11.41 1.01
N ASP A 36 -4.82 10.21 0.92
CA ASP A 36 -6.23 10.00 1.20
C ASP A 36 -6.50 9.42 2.58
N PHE A 37 -5.50 9.36 3.45
CA PHE A 37 -5.75 8.75 4.74
C PHE A 37 -6.46 9.74 5.66
N GLU A 38 -7.66 9.37 6.08
CA GLU A 38 -8.38 10.15 7.07
C GLU A 38 -7.88 9.80 8.46
N GLY A 39 -7.36 8.59 8.59
CA GLY A 39 -6.85 8.13 9.85
C GLY A 39 -6.02 6.90 9.65
N PHE A 40 -4.80 6.91 10.16
CA PHE A 40 -3.95 5.74 10.03
C PHE A 40 -4.41 4.67 11.01
N ASP A 41 -4.49 3.44 10.54
CA ASP A 41 -5.14 2.39 11.30
C ASP A 41 -4.56 1.02 10.97
N THR A 42 -4.61 0.12 11.95
CA THR A 42 -4.14 -1.26 11.79
C THR A 42 -4.98 -2.01 10.75
N ASN A 43 -6.24 -1.60 10.63
CA ASN A 43 -7.16 -2.17 9.65
C ASN A 43 -6.64 -1.92 8.24
N LEU A 44 -5.99 -0.78 8.05
CA LEU A 44 -5.36 -0.44 6.78
C LEU A 44 -4.36 -1.52 6.36
N ILE A 45 -3.59 -2.00 7.32
CA ILE A 45 -2.58 -3.01 7.06
C ILE A 45 -3.23 -4.27 6.50
N GLU A 46 -4.35 -4.65 7.07
CA GLU A 46 -5.10 -5.80 6.60
C GLU A 46 -5.71 -5.47 5.25
N ARG A 47 -6.25 -4.26 5.18
CA ARG A 47 -6.97 -3.81 4.00
C ARG A 47 -6.08 -3.83 2.77
N ILE A 48 -4.83 -3.41 2.95
CA ILE A 48 -3.85 -3.38 1.86
C ILE A 48 -3.63 -4.80 1.33
N HIS A 49 -3.37 -5.73 2.23
CA HIS A 49 -3.07 -7.10 1.85
C HIS A 49 -4.27 -7.77 1.20
N GLU A 50 -5.46 -7.50 1.72
CA GLU A 50 -6.68 -8.04 1.15
C GLU A 50 -6.87 -7.55 -0.29
N GLU A 51 -6.71 -6.24 -0.48
CA GLU A 51 -6.83 -5.64 -1.80
C GLU A 51 -5.82 -6.23 -2.79
N LEU A 52 -4.69 -6.67 -2.30
CA LEU A 52 -3.71 -7.33 -3.15
C LEU A 52 -4.31 -8.55 -3.81
N GLU A 53 -4.99 -9.37 -3.02
CA GLU A 53 -5.57 -10.58 -3.55
C GLU A 53 -6.95 -10.34 -4.18
N LYS A 54 -7.84 -9.70 -3.45
CA LYS A 54 -9.21 -9.53 -3.92
C LYS A 54 -9.31 -8.50 -5.04
N HIS A 55 -8.53 -7.43 -4.96
CA HIS A 55 -8.57 -6.42 -5.99
C HIS A 55 -7.51 -6.67 -7.04
N GLY A 56 -6.37 -7.18 -6.60
CA GLY A 56 -5.26 -7.37 -7.50
C GLY A 56 -4.35 -6.17 -7.52
N ILE A 57 -4.37 -5.36 -6.46
CA ILE A 57 -3.59 -4.14 -6.44
C ILE A 57 -2.11 -4.52 -6.27
N ASN A 58 -1.23 -3.86 -7.00
CA ASN A 58 0.17 -4.25 -7.00
C ASN A 58 1.05 -3.15 -6.43
N ILE A 59 1.82 -3.51 -5.43
CA ILE A 59 2.64 -2.56 -4.69
C ILE A 59 3.75 -3.33 -3.98
N VAL A 60 4.96 -2.85 -4.10
CA VAL A 60 6.12 -3.56 -3.60
C VAL A 60 6.54 -3.02 -2.24
N GLU A 61 7.20 -3.88 -1.46
CA GLU A 61 7.64 -3.51 -0.12
C GLU A 61 9.00 -2.83 -0.18
N ASN A 62 9.83 -3.29 -1.12
CA ASN A 62 11.18 -2.78 -1.35
C ASN A 62 12.14 -3.33 -0.29
N GLU A 63 11.56 -3.93 0.73
CA GLU A 63 12.32 -4.53 1.80
C GLU A 63 12.50 -6.03 1.53
N PRO A 64 13.67 -6.57 1.85
CA PRO A 64 13.98 -7.99 1.63
C PRO A 64 13.10 -8.90 2.47
N GLU A 65 12.56 -9.93 1.83
CA GLU A 65 11.73 -10.90 2.52
C GLU A 65 12.60 -11.86 3.32
N GLU A 66 13.87 -11.92 2.92
CA GLU A 66 14.91 -12.62 3.67
C GLU A 66 14.69 -14.13 3.69
N GLU A 67 13.98 -14.64 2.70
CA GLU A 67 13.86 -16.08 2.53
C GLU A 67 14.69 -16.51 1.33
N GLU A 68 15.98 -16.63 1.54
CA GLU A 68 16.89 -17.01 0.48
C GLU A 68 17.18 -18.50 0.59
N ILE A 69 18.06 -18.84 1.51
CA ILE A 69 18.38 -20.24 1.79
C ILE A 69 18.02 -20.56 3.23
N SER A 70 17.69 -19.51 4.00
CA SER A 70 17.42 -19.61 5.42
C SER A 70 18.69 -20.07 6.16
N ALA A 71 18.93 -21.37 6.18
CA ALA A 71 20.13 -21.93 6.78
C ALA A 71 20.67 -23.05 5.90
N GLY A 72 19.77 -23.88 5.42
CA GLY A 72 20.15 -25.01 4.59
C GLY A 72 19.06 -26.06 4.59
N GLY A 1 -15.29 -9.06 5.70
CA GLY A 1 -15.98 -8.31 4.62
C GLY A 1 -15.64 -6.83 4.64
N SER A 2 -16.60 -6.00 4.24
CA SER A 2 -16.38 -4.56 4.19
C SER A 2 -16.34 -3.96 5.60
N HIS A 3 -15.39 -3.07 5.83
CA HIS A 3 -15.21 -2.46 7.15
C HIS A 3 -15.29 -0.94 7.08
N MET A 4 -14.79 -0.38 5.99
CA MET A 4 -14.73 1.06 5.82
C MET A 4 -14.35 1.39 4.38
N PRO A 5 -15.36 1.70 3.55
CA PRO A 5 -15.14 2.00 2.12
C PRO A 5 -14.08 3.07 1.90
N GLN A 6 -14.00 4.01 2.83
CA GLN A 6 -13.04 5.10 2.78
C GLN A 6 -11.61 4.55 2.72
N ILE A 7 -11.36 3.50 3.49
CA ILE A 7 -10.07 2.84 3.49
C ILE A 7 -9.83 2.17 2.16
N GLU A 8 -10.85 1.47 1.67
CA GLU A 8 -10.79 0.77 0.40
C GLU A 8 -10.44 1.75 -0.74
N ARG A 9 -11.09 2.91 -0.75
CA ARG A 9 -10.83 3.94 -1.75
C ARG A 9 -9.41 4.45 -1.60
N ARG A 10 -8.99 4.62 -0.35
CA ARG A 10 -7.70 5.18 -0.04
C ARG A 10 -6.57 4.25 -0.50
N ILE A 11 -6.79 2.94 -0.39
CA ILE A 11 -5.79 1.98 -0.81
C ILE A 11 -5.47 2.16 -2.30
N LYS A 12 -6.52 2.34 -3.10
CA LYS A 12 -6.33 2.54 -4.53
C LYS A 12 -5.64 3.87 -4.80
N LYS A 13 -6.05 4.90 -4.07
CA LYS A 13 -5.42 6.22 -4.20
C LYS A 13 -3.96 6.15 -3.79
N LEU A 14 -3.68 5.37 -2.75
CA LEU A 14 -2.31 5.22 -2.27
C LEU A 14 -1.42 4.63 -3.34
N ILE A 15 -1.91 3.58 -3.97
CA ILE A 15 -1.16 2.93 -5.03
C ILE A 15 -0.96 3.91 -6.19
N SER A 16 -1.96 4.75 -6.43
CA SER A 16 -1.88 5.76 -7.47
C SER A 16 -0.83 6.81 -7.12
N LEU A 17 -0.88 7.29 -5.88
CA LEU A 17 0.01 8.31 -5.39
C LEU A 17 1.45 7.85 -5.47
N GLY A 18 1.71 6.61 -5.04
CA GLY A 18 3.05 6.10 -5.04
C GLY A 18 3.56 5.90 -6.43
N LYS A 19 2.66 5.46 -7.30
CA LYS A 19 3.00 5.27 -8.70
C LYS A 19 3.34 6.60 -9.35
N LYS A 20 2.51 7.60 -9.05
CA LYS A 20 2.75 8.97 -9.48
C LYS A 20 4.08 9.48 -8.96
N LYS A 21 4.41 9.04 -7.76
CA LYS A 21 5.63 9.44 -7.09
C LYS A 21 6.84 8.87 -7.79
N GLY A 22 6.64 7.76 -8.48
CA GLY A 22 7.71 7.15 -9.24
C GLY A 22 7.49 5.69 -9.53
N TYR A 23 7.41 4.88 -8.48
CA TYR A 23 7.29 3.45 -8.61
C TYR A 23 6.23 2.92 -7.66
N ILE A 24 5.70 1.75 -7.98
CA ILE A 24 4.73 1.12 -7.11
C ILE A 24 5.46 0.40 -5.99
N THR A 25 5.75 1.13 -4.92
CA THR A 25 6.48 0.58 -3.80
C THR A 25 6.10 1.31 -2.51
N TYR A 26 6.24 0.60 -1.39
CA TYR A 26 5.86 1.13 -0.08
C TYR A 26 6.66 2.37 0.26
N GLU A 27 7.89 2.43 -0.25
CA GLU A 27 8.75 3.59 -0.05
C GLU A 27 8.19 4.79 -0.79
N ASP A 28 7.64 4.56 -1.96
CA ASP A 28 6.99 5.61 -2.74
C ASP A 28 5.67 6.02 -2.10
N ILE A 29 5.00 5.07 -1.46
CA ILE A 29 3.81 5.38 -0.68
C ILE A 29 4.16 6.34 0.45
N ASP A 30 5.20 5.99 1.18
CA ASP A 30 5.72 6.82 2.27
C ASP A 30 6.08 8.20 1.75
N LYS A 31 6.64 8.23 0.55
CA LYS A 31 7.08 9.48 -0.05
C LYS A 31 5.87 10.27 -0.56
N ALA A 32 4.74 9.58 -0.68
CA ALA A 32 3.52 10.19 -1.18
C ALA A 32 2.84 11.05 -0.13
N PHE A 33 3.18 10.84 1.14
CA PHE A 33 2.62 11.63 2.23
C PHE A 33 2.97 13.11 2.04
N PRO A 34 2.06 14.04 2.42
CA PRO A 34 0.76 13.72 3.03
C PRO A 34 -0.24 13.18 2.02
N PRO A 35 -1.09 12.24 2.45
CA PRO A 35 -2.05 11.56 1.61
C PRO A 35 -3.46 12.09 1.86
N ASP A 36 -4.45 11.28 1.53
CA ASP A 36 -5.83 11.70 1.65
C ASP A 36 -6.47 11.21 2.95
N PHE A 37 -5.66 10.69 3.87
CA PHE A 37 -6.20 10.04 5.06
C PHE A 37 -7.00 11.01 5.93
N GLU A 38 -8.28 10.72 6.07
CA GLU A 38 -9.12 11.39 7.05
C GLU A 38 -8.92 10.74 8.42
N GLY A 39 -8.44 9.50 8.40
CA GLY A 39 -8.15 8.76 9.59
C GLY A 39 -7.30 7.57 9.23
N PHE A 40 -6.17 7.41 9.90
CA PHE A 40 -5.27 6.32 9.58
C PHE A 40 -5.39 5.22 10.62
N ASP A 41 -5.25 3.97 10.18
CA ASP A 41 -5.35 2.84 11.10
C ASP A 41 -4.50 1.67 10.60
N THR A 42 -4.12 0.80 11.54
CA THR A 42 -3.36 -0.41 11.25
C THR A 42 -4.18 -1.35 10.37
N ASN A 43 -5.50 -1.19 10.44
CA ASN A 43 -6.44 -1.99 9.67
C ASN A 43 -6.15 -1.85 8.18
N LEU A 44 -5.79 -0.65 7.77
CA LEU A 44 -5.42 -0.35 6.40
C LEU A 44 -4.26 -1.22 5.94
N ILE A 45 -3.29 -1.44 6.82
CA ILE A 45 -2.11 -2.22 6.46
C ILE A 45 -2.51 -3.64 6.10
N GLU A 46 -3.43 -4.20 6.88
CA GLU A 46 -3.94 -5.53 6.63
C GLU A 46 -4.75 -5.52 5.34
N ARG A 47 -5.54 -4.46 5.21
CA ARG A 47 -6.47 -4.34 4.11
C ARG A 47 -5.74 -4.14 2.78
N ILE A 48 -4.61 -3.44 2.81
CA ILE A 48 -3.80 -3.23 1.61
C ILE A 48 -3.31 -4.57 1.05
N HIS A 49 -2.75 -5.40 1.91
CA HIS A 49 -2.24 -6.71 1.48
C HIS A 49 -3.37 -7.59 0.98
N GLU A 50 -4.52 -7.55 1.65
CA GLU A 50 -5.68 -8.30 1.21
C GLU A 50 -6.07 -7.87 -0.20
N GLU A 51 -6.18 -6.57 -0.39
CA GLU A 51 -6.56 -6.01 -1.68
C GLU A 51 -5.63 -6.45 -2.82
N LEU A 52 -4.37 -6.71 -2.50
CA LEU A 52 -3.42 -7.21 -3.49
C LEU A 52 -3.89 -8.52 -4.09
N GLU A 53 -4.26 -9.44 -3.23
CA GLU A 53 -4.70 -10.75 -3.68
C GLU A 53 -6.19 -10.74 -4.01
N LYS A 54 -6.96 -10.19 -3.10
CA LYS A 54 -8.41 -10.20 -3.17
C LYS A 54 -8.93 -9.32 -4.29
N HIS A 55 -8.38 -8.11 -4.42
CA HIS A 55 -8.84 -7.20 -5.45
C HIS A 55 -7.93 -7.21 -6.67
N GLY A 56 -6.64 -7.45 -6.44
CA GLY A 56 -5.69 -7.38 -7.52
C GLY A 56 -4.97 -6.05 -7.61
N ILE A 57 -4.92 -5.27 -6.51
CA ILE A 57 -4.22 -4.01 -6.55
C ILE A 57 -2.72 -4.29 -6.57
N ASN A 58 -1.95 -3.47 -7.25
CA ASN A 58 -0.53 -3.76 -7.40
C ASN A 58 0.35 -2.70 -6.76
N ILE A 59 1.28 -3.17 -5.96
CA ILE A 59 2.22 -2.32 -5.24
C ILE A 59 3.32 -3.21 -4.66
N VAL A 60 4.55 -2.80 -4.82
CA VAL A 60 5.66 -3.55 -4.29
C VAL A 60 5.99 -3.05 -2.89
N GLU A 61 6.51 -3.92 -2.05
CA GLU A 61 6.79 -3.59 -0.67
C GLU A 61 8.24 -3.19 -0.50
N ASN A 62 9.06 -3.67 -1.44
CA ASN A 62 10.50 -3.44 -1.45
C ASN A 62 11.16 -4.33 -0.41
N GLU A 63 10.36 -5.20 0.20
CA GLU A 63 10.86 -6.13 1.20
C GLU A 63 10.98 -7.53 0.62
N PRO A 64 12.15 -8.16 0.78
CA PRO A 64 12.35 -9.55 0.39
C PRO A 64 11.98 -10.52 1.50
N GLU A 65 11.43 -11.66 1.13
CA GLU A 65 11.06 -12.68 2.10
C GLU A 65 12.07 -13.82 2.08
N GLU A 66 12.95 -13.79 1.08
CA GLU A 66 13.97 -14.81 0.91
C GLU A 66 15.20 -14.52 1.77
N GLU A 67 15.88 -13.42 1.46
CA GLU A 67 17.09 -13.05 2.16
C GLU A 67 16.76 -12.32 3.46
N GLU A 68 16.26 -13.08 4.42
CA GLU A 68 15.90 -12.56 5.74
C GLU A 68 16.04 -13.69 6.75
N ILE A 69 15.30 -14.77 6.55
CA ILE A 69 15.48 -15.97 7.34
C ILE A 69 16.75 -16.70 6.89
N SER A 70 16.94 -16.78 5.57
CA SER A 70 18.13 -17.39 4.99
C SER A 70 18.43 -18.76 5.60
N ALA A 71 17.52 -19.70 5.39
CA ALA A 71 17.66 -21.04 5.94
C ALA A 71 17.87 -22.05 4.83
N GLY A 72 18.43 -23.20 5.18
CA GLY A 72 18.68 -24.23 4.19
C GLY A 72 17.86 -25.47 4.47
N GLY A 1 -18.88 -8.28 4.57
CA GLY A 1 -18.22 -7.25 3.73
C GLY A 1 -17.41 -6.28 4.57
N SER A 2 -16.90 -5.24 3.93
CA SER A 2 -16.15 -4.19 4.63
C SER A 2 -17.09 -3.05 4.98
N HIS A 3 -17.16 -2.69 6.26
CA HIS A 3 -18.01 -1.60 6.70
C HIS A 3 -17.23 -0.29 6.77
N MET A 4 -16.17 -0.22 5.99
CA MET A 4 -15.37 0.99 5.89
C MET A 4 -14.77 1.09 4.49
N PRO A 5 -15.61 1.40 3.48
CA PRO A 5 -15.23 1.40 2.07
C PRO A 5 -14.10 2.39 1.76
N GLN A 6 -13.97 3.42 2.59
CA GLN A 6 -12.95 4.44 2.39
C GLN A 6 -11.55 3.84 2.44
N ILE A 7 -11.41 2.72 3.13
CA ILE A 7 -10.12 2.02 3.20
C ILE A 7 -9.77 1.47 1.82
N GLU A 8 -10.72 0.78 1.22
CA GLU A 8 -10.56 0.19 -0.11
C GLU A 8 -10.14 1.27 -1.10
N ARG A 9 -10.82 2.40 -1.04
CA ARG A 9 -10.55 3.52 -1.93
C ARG A 9 -9.17 4.12 -1.66
N ARG A 10 -8.86 4.27 -0.38
CA ARG A 10 -7.62 4.93 0.02
C ARG A 10 -6.41 4.15 -0.45
N ILE A 11 -6.48 2.82 -0.37
CA ILE A 11 -5.38 1.98 -0.79
C ILE A 11 -5.08 2.22 -2.27
N LYS A 12 -6.14 2.37 -3.05
CA LYS A 12 -5.98 2.60 -4.48
C LYS A 12 -5.34 3.95 -4.74
N LYS A 13 -5.74 4.95 -3.97
CA LYS A 13 -5.15 6.27 -4.08
C LYS A 13 -3.68 6.25 -3.70
N LEU A 14 -3.37 5.55 -2.62
CA LEU A 14 -1.99 5.47 -2.15
C LEU A 14 -1.11 4.80 -3.18
N ILE A 15 -1.61 3.71 -3.75
CA ILE A 15 -0.89 3.02 -4.80
C ILE A 15 -0.71 3.92 -6.02
N SER A 16 -1.72 4.73 -6.29
CA SER A 16 -1.66 5.68 -7.40
C SER A 16 -0.60 6.75 -7.11
N LEU A 17 -0.62 7.27 -5.89
CA LEU A 17 0.31 8.29 -5.45
C LEU A 17 1.72 7.77 -5.55
N GLY A 18 1.96 6.57 -5.07
CA GLY A 18 3.28 6.00 -5.11
C GLY A 18 3.73 5.84 -6.54
N LYS A 19 2.76 5.55 -7.38
CA LYS A 19 3.00 5.27 -8.78
C LYS A 19 3.36 6.55 -9.52
N LYS A 20 2.66 7.61 -9.16
CA LYS A 20 2.82 8.89 -9.78
C LYS A 20 4.09 9.57 -9.29
N LYS A 21 4.41 9.28 -8.04
CA LYS A 21 5.61 9.77 -7.41
C LYS A 21 6.82 8.98 -7.91
N GLY A 22 6.55 7.91 -8.63
CA GLY A 22 7.62 7.13 -9.20
C GLY A 22 7.30 5.66 -9.36
N TYR A 23 7.20 4.95 -8.25
CA TYR A 23 7.14 3.49 -8.29
C TYR A 23 6.05 2.96 -7.37
N ILE A 24 5.46 1.85 -7.76
CA ILE A 24 4.47 1.21 -6.92
C ILE A 24 5.15 0.44 -5.80
N THR A 25 5.44 1.13 -4.71
CA THR A 25 6.17 0.55 -3.60
C THR A 25 5.87 1.31 -2.31
N TYR A 26 6.10 0.65 -1.18
CA TYR A 26 5.82 1.23 0.13
C TYR A 26 6.67 2.46 0.39
N GLU A 27 7.86 2.46 -0.20
CA GLU A 27 8.78 3.58 -0.06
C GLU A 27 8.20 4.83 -0.73
N ASP A 28 7.60 4.63 -1.89
CA ASP A 28 6.97 5.70 -2.63
C ASP A 28 5.68 6.15 -1.95
N ILE A 29 5.03 5.23 -1.25
CA ILE A 29 3.88 5.57 -0.42
C ILE A 29 4.28 6.59 0.64
N ASP A 30 5.36 6.28 1.34
CA ASP A 30 5.92 7.17 2.36
C ASP A 30 6.27 8.52 1.76
N LYS A 31 6.71 8.50 0.52
CA LYS A 31 7.12 9.72 -0.17
C LYS A 31 5.89 10.53 -0.59
N ALA A 32 4.74 9.85 -0.64
CA ALA A 32 3.51 10.47 -1.10
C ALA A 32 2.84 11.29 0.00
N PHE A 33 3.21 11.01 1.25
CA PHE A 33 2.66 11.74 2.39
C PHE A 33 3.04 13.22 2.32
N PRO A 34 2.13 14.12 2.73
CA PRO A 34 0.79 13.76 3.21
C PRO A 34 -0.21 13.56 2.08
N PRO A 35 -1.12 12.58 2.23
CA PRO A 35 -2.13 12.24 1.26
C PRO A 35 -3.49 12.76 1.69
N ASP A 36 -4.54 12.13 1.18
CA ASP A 36 -5.90 12.55 1.47
C ASP A 36 -6.52 11.71 2.57
N PHE A 37 -5.68 10.99 3.30
CA PHE A 37 -6.13 9.96 4.22
C PHE A 37 -7.10 10.50 5.26
N GLU A 38 -8.30 9.92 5.25
CA GLU A 38 -9.34 10.30 6.18
C GLU A 38 -9.10 9.65 7.54
N GLY A 39 -8.39 8.54 7.54
CA GLY A 39 -8.16 7.80 8.74
C GLY A 39 -7.07 6.79 8.54
N PHE A 40 -6.07 6.81 9.40
CA PHE A 40 -4.98 5.88 9.28
C PHE A 40 -5.04 4.89 10.45
N ASP A 41 -4.98 3.60 10.14
CA ASP A 41 -5.12 2.57 11.17
C ASP A 41 -4.39 1.30 10.75
N THR A 42 -4.05 0.47 11.72
CA THR A 42 -3.40 -0.81 11.47
C THR A 42 -4.26 -1.72 10.59
N ASN A 43 -5.58 -1.52 10.65
CA ASN A 43 -6.50 -2.27 9.80
C ASN A 43 -6.23 -1.99 8.33
N LEU A 44 -5.83 -0.75 8.05
CA LEU A 44 -5.52 -0.35 6.68
C LEU A 44 -4.32 -1.14 6.15
N ILE A 45 -3.32 -1.35 7.00
CA ILE A 45 -2.12 -2.06 6.58
C ILE A 45 -2.44 -3.49 6.20
N GLU A 46 -3.22 -4.18 7.03
CA GLU A 46 -3.62 -5.54 6.73
C GLU A 46 -4.58 -5.53 5.56
N ARG A 47 -5.38 -4.47 5.46
CA ARG A 47 -6.33 -4.35 4.38
C ARG A 47 -5.65 -4.03 3.06
N ILE A 48 -4.51 -3.35 3.10
CA ILE A 48 -3.77 -3.07 1.88
C ILE A 48 -3.40 -4.38 1.20
N HIS A 49 -2.80 -5.30 1.96
CA HIS A 49 -2.49 -6.62 1.39
C HIS A 49 -3.76 -7.44 1.12
N GLU A 50 -4.80 -7.28 1.94
CA GLU A 50 -6.07 -7.96 1.70
C GLU A 50 -6.63 -7.56 0.34
N GLU A 51 -6.69 -6.26 0.11
CA GLU A 51 -7.15 -5.67 -1.13
C GLU A 51 -6.18 -5.97 -2.26
N LEU A 52 -4.92 -6.17 -1.91
CA LEU A 52 -3.94 -6.62 -2.86
C LEU A 52 -4.38 -7.95 -3.48
N GLU A 53 -4.85 -8.85 -2.64
CA GLU A 53 -5.29 -10.14 -3.11
C GLU A 53 -6.73 -10.11 -3.64
N LYS A 54 -7.65 -9.58 -2.83
CA LYS A 54 -9.07 -9.61 -3.16
C LYS A 54 -9.41 -8.66 -4.30
N HIS A 55 -8.78 -7.49 -4.32
CA HIS A 55 -9.09 -6.51 -5.34
C HIS A 55 -8.10 -6.65 -6.49
N GLY A 56 -6.88 -7.04 -6.17
CA GLY A 56 -5.89 -7.23 -7.22
C GLY A 56 -5.01 -6.02 -7.43
N ILE A 57 -4.86 -5.18 -6.40
CA ILE A 57 -4.13 -3.93 -6.54
C ILE A 57 -2.64 -4.21 -6.67
N ASN A 58 -1.94 -3.42 -7.46
CA ASN A 58 -0.53 -3.66 -7.67
C ASN A 58 0.31 -2.69 -6.86
N ILE A 59 1.18 -3.25 -6.03
CA ILE A 59 2.07 -2.49 -5.16
C ILE A 59 3.19 -3.41 -4.69
N VAL A 60 4.40 -2.91 -4.70
CA VAL A 60 5.55 -3.72 -4.35
C VAL A 60 6.02 -3.40 -2.93
N GLU A 61 6.70 -4.36 -2.31
CA GLU A 61 7.12 -4.24 -0.92
C GLU A 61 8.49 -3.61 -0.82
N ASN A 62 9.25 -3.75 -1.91
CA ASN A 62 10.60 -3.19 -2.02
C ASN A 62 11.60 -4.10 -1.31
N GLU A 63 11.07 -5.02 -0.54
CA GLU A 63 11.89 -5.96 0.18
C GLU A 63 12.21 -7.16 -0.70
N PRO A 64 13.50 -7.51 -0.81
CA PRO A 64 13.94 -8.61 -1.67
C PRO A 64 13.38 -9.95 -1.23
N GLU A 65 12.79 -10.68 -2.18
CA GLU A 65 12.25 -11.99 -1.89
C GLU A 65 13.32 -13.05 -2.10
N GLU A 66 14.49 -12.59 -2.55
CA GLU A 66 15.68 -13.42 -2.67
C GLU A 66 15.49 -14.49 -3.75
N GLU A 67 16.12 -15.64 -3.56
CA GLU A 67 16.01 -16.77 -4.49
C GLU A 67 14.55 -17.05 -4.88
N GLU A 68 13.65 -16.96 -3.91
CA GLU A 68 12.24 -17.28 -4.14
C GLU A 68 11.40 -16.89 -2.92
N ILE A 69 11.54 -17.64 -1.85
CA ILE A 69 10.83 -17.35 -0.61
C ILE A 69 11.83 -17.14 0.53
N SER A 70 12.81 -16.28 0.26
CA SER A 70 13.91 -16.06 1.18
C SER A 70 14.70 -17.34 1.43
N ALA A 71 15.26 -17.88 0.35
CA ALA A 71 16.05 -19.10 0.44
C ALA A 71 17.53 -18.80 0.26
N GLY A 72 17.86 -17.52 0.18
CA GLY A 72 19.23 -17.11 0.00
C GLY A 72 19.35 -15.84 -0.80
N GLY A 1 -17.84 -9.95 1.64
CA GLY A 1 -18.84 -9.04 2.25
C GLY A 1 -18.30 -7.63 2.40
N SER A 2 -19.16 -6.64 2.19
CA SER A 2 -18.78 -5.24 2.33
C SER A 2 -18.57 -4.89 3.80
N HIS A 3 -17.61 -4.01 4.07
CA HIS A 3 -17.27 -3.67 5.44
C HIS A 3 -16.93 -2.18 5.58
N MET A 4 -15.85 -1.76 4.94
CA MET A 4 -15.37 -0.40 5.11
C MET A 4 -14.68 0.06 3.84
N PRO A 5 -15.46 0.63 2.92
CA PRO A 5 -14.94 1.07 1.62
C PRO A 5 -13.91 2.18 1.74
N GLN A 6 -13.96 2.92 2.83
CA GLN A 6 -13.07 4.06 3.02
C GLN A 6 -11.63 3.61 3.13
N ILE A 7 -11.40 2.51 3.80
CA ILE A 7 -10.05 2.01 3.97
C ILE A 7 -9.52 1.45 2.65
N GLU A 8 -10.40 0.78 1.91
CA GLU A 8 -10.05 0.18 0.63
C GLU A 8 -9.81 1.25 -0.43
N ARG A 9 -10.66 2.28 -0.42
CA ARG A 9 -10.55 3.38 -1.37
C ARG A 9 -9.21 4.08 -1.18
N ARG A 10 -8.77 4.15 0.07
CA ARG A 10 -7.52 4.82 0.40
C ARG A 10 -6.34 4.08 -0.20
N ILE A 11 -6.42 2.75 -0.25
CA ILE A 11 -5.34 1.95 -0.80
C ILE A 11 -5.08 2.29 -2.26
N LYS A 12 -6.14 2.42 -3.04
CA LYS A 12 -6.02 2.81 -4.44
C LYS A 12 -5.52 4.25 -4.58
N LYS A 13 -6.00 5.13 -3.72
CA LYS A 13 -5.53 6.51 -3.72
C LYS A 13 -4.05 6.54 -3.40
N LEU A 14 -3.65 5.69 -2.47
CA LEU A 14 -2.24 5.56 -2.11
C LEU A 14 -1.44 5.05 -3.29
N ILE A 15 -1.95 4.02 -3.93
CA ILE A 15 -1.28 3.41 -5.06
C ILE A 15 -1.13 4.42 -6.19
N SER A 16 -2.12 5.28 -6.36
CA SER A 16 -2.06 6.28 -7.42
C SER A 16 -0.96 7.28 -7.11
N LEU A 17 -0.93 7.74 -5.87
CA LEU A 17 0.05 8.73 -5.43
C LEU A 17 1.45 8.18 -5.62
N GLY A 18 1.66 6.94 -5.22
CA GLY A 18 2.98 6.34 -5.32
C GLY A 18 3.38 6.12 -6.74
N LYS A 19 2.39 5.78 -7.57
CA LYS A 19 2.63 5.52 -8.97
C LYS A 19 3.07 6.80 -9.65
N LYS A 20 2.39 7.86 -9.28
CA LYS A 20 2.71 9.20 -9.72
C LYS A 20 4.08 9.62 -9.22
N LYS A 21 4.36 9.26 -7.98
CA LYS A 21 5.62 9.60 -7.34
C LYS A 21 6.78 8.88 -8.00
N GLY A 22 6.50 7.69 -8.50
CA GLY A 22 7.52 6.93 -9.19
C GLY A 22 7.13 5.50 -9.46
N TYR A 23 7.00 4.71 -8.40
CA TYR A 23 6.79 3.27 -8.53
C TYR A 23 5.75 2.79 -7.53
N ILE A 24 5.34 1.54 -7.67
CA ILE A 24 4.45 0.95 -6.69
C ILE A 24 5.28 0.43 -5.51
N THR A 25 5.56 1.30 -4.58
CA THR A 25 6.44 1.00 -3.48
C THR A 25 5.98 1.71 -2.22
N TYR A 26 6.27 1.13 -1.05
CA TYR A 26 5.98 1.81 0.21
C TYR A 26 6.73 3.12 0.28
N GLU A 27 7.94 3.14 -0.28
CA GLU A 27 8.75 4.34 -0.31
C GLU A 27 8.02 5.45 -1.06
N ASP A 28 7.37 5.08 -2.14
CA ASP A 28 6.65 6.04 -2.97
C ASP A 28 5.39 6.54 -2.28
N ILE A 29 4.78 5.68 -1.48
CA ILE A 29 3.64 6.06 -0.66
C ILE A 29 4.08 7.05 0.41
N ASP A 30 5.15 6.67 1.10
CA ASP A 30 5.71 7.47 2.18
C ASP A 30 6.24 8.79 1.64
N LYS A 31 6.75 8.76 0.42
CA LYS A 31 7.28 9.97 -0.22
C LYS A 31 6.12 10.85 -0.70
N ALA A 32 4.95 10.23 -0.85
CA ALA A 32 3.75 10.94 -1.26
C ALA A 32 3.19 11.78 -0.12
N PHE A 33 3.61 11.45 1.10
CA PHE A 33 3.17 12.16 2.31
C PHE A 33 3.50 13.66 2.22
N PRO A 34 2.54 14.54 2.54
CA PRO A 34 1.18 14.15 2.98
C PRO A 34 0.34 13.59 1.84
N PRO A 35 -0.34 12.46 2.08
CA PRO A 35 -1.10 11.73 1.10
C PRO A 35 -2.59 12.00 1.25
N ASP A 36 -3.40 11.09 0.74
CA ASP A 36 -4.84 11.27 0.71
C ASP A 36 -5.52 10.57 1.89
N PHE A 37 -4.73 10.17 2.88
CA PHE A 37 -5.26 9.41 3.99
C PHE A 37 -6.30 10.23 4.77
N GLU A 38 -7.51 9.73 4.83
CA GLU A 38 -8.55 10.33 5.66
C GLU A 38 -8.35 9.91 7.11
N GLY A 39 -7.72 8.74 7.28
CA GLY A 39 -7.48 8.21 8.58
C GLY A 39 -6.48 7.09 8.46
N PHE A 40 -5.51 7.06 9.35
CA PHE A 40 -4.52 6.00 9.30
C PHE A 40 -4.91 4.87 10.26
N ASP A 41 -4.90 3.64 9.77
CA ASP A 41 -5.44 2.51 10.51
C ASP A 41 -4.51 1.31 10.38
N THR A 42 -4.40 0.52 11.45
CA THR A 42 -3.71 -0.76 11.40
C THR A 42 -4.47 -1.71 10.47
N ASN A 43 -5.78 -1.48 10.37
CA ASN A 43 -6.66 -2.25 9.49
C ASN A 43 -6.21 -2.10 8.06
N LEU A 44 -5.66 -0.93 7.74
CA LEU A 44 -5.11 -0.65 6.43
C LEU A 44 -4.07 -1.69 6.04
N ILE A 45 -3.23 -2.08 6.99
CA ILE A 45 -2.17 -3.04 6.71
C ILE A 45 -2.77 -4.39 6.35
N GLU A 46 -3.78 -4.79 7.10
CA GLU A 46 -4.49 -6.01 6.81
C GLU A 46 -5.18 -5.86 5.48
N ARG A 47 -5.81 -4.71 5.30
CA ARG A 47 -6.67 -4.48 4.18
C ARG A 47 -5.90 -4.36 2.88
N ILE A 48 -4.68 -3.83 2.93
CA ILE A 48 -3.89 -3.69 1.72
C ILE A 48 -3.58 -5.05 1.13
N HIS A 49 -3.14 -6.00 1.96
CA HIS A 49 -2.88 -7.34 1.42
C HIS A 49 -4.18 -8.05 1.02
N GLU A 50 -5.27 -7.79 1.73
CA GLU A 50 -6.56 -8.37 1.37
C GLU A 50 -7.01 -7.83 0.01
N GLU A 51 -6.98 -6.50 -0.13
CA GLU A 51 -7.30 -5.83 -1.39
C GLU A 51 -6.32 -6.23 -2.47
N LEU A 52 -5.11 -6.56 -2.07
CA LEU A 52 -4.14 -7.11 -2.98
C LEU A 52 -4.69 -8.38 -3.64
N GLU A 53 -5.36 -9.22 -2.86
CA GLU A 53 -5.95 -10.44 -3.40
C GLU A 53 -7.30 -10.20 -4.04
N LYS A 54 -8.22 -9.56 -3.32
CA LYS A 54 -9.58 -9.38 -3.79
C LYS A 54 -9.66 -8.37 -4.91
N HIS A 55 -8.94 -7.26 -4.77
CA HIS A 55 -8.98 -6.22 -5.78
C HIS A 55 -7.82 -6.36 -6.76
N GLY A 56 -6.76 -7.04 -6.32
CA GLY A 56 -5.65 -7.31 -7.22
C GLY A 56 -4.63 -6.19 -7.27
N ILE A 57 -4.55 -5.37 -6.22
CA ILE A 57 -3.77 -4.16 -6.27
C ILE A 57 -2.27 -4.46 -6.19
N ASN A 58 -1.55 -4.05 -7.24
CA ASN A 58 -0.12 -4.30 -7.30
C ASN A 58 0.66 -3.15 -6.68
N ILE A 59 1.56 -3.49 -5.78
CA ILE A 59 2.32 -2.51 -5.03
C ILE A 59 3.38 -3.25 -4.20
N VAL A 60 4.60 -2.78 -4.27
CA VAL A 60 5.72 -3.46 -3.64
C VAL A 60 5.90 -2.97 -2.21
N GLU A 61 6.43 -3.84 -1.37
CA GLU A 61 6.53 -3.57 0.06
C GLU A 61 7.86 -2.91 0.37
N ASN A 62 8.83 -3.13 -0.52
CA ASN A 62 10.20 -2.62 -0.39
C ASN A 62 11.00 -3.55 0.51
N GLU A 63 10.29 -4.46 1.16
CA GLU A 63 10.92 -5.52 1.94
C GLU A 63 11.74 -6.41 1.01
N PRO A 64 12.97 -6.77 1.42
CA PRO A 64 13.85 -7.63 0.63
C PRO A 64 13.18 -8.96 0.29
N GLU A 65 13.04 -9.21 -1.00
CA GLU A 65 12.34 -10.38 -1.51
C GLU A 65 12.95 -11.68 -1.01
N GLU A 66 14.28 -11.74 -0.98
CA GLU A 66 14.97 -12.95 -0.53
C GLU A 66 16.09 -12.62 0.45
N GLU A 67 16.60 -11.41 0.38
CA GLU A 67 17.72 -11.00 1.23
C GLU A 67 17.23 -10.55 2.60
N GLU A 68 16.78 -11.50 3.40
CA GLU A 68 16.29 -11.20 4.73
C GLU A 68 17.32 -11.64 5.76
N ILE A 69 17.33 -12.92 6.08
CA ILE A 69 18.39 -13.48 6.91
C ILE A 69 19.48 -14.04 6.01
N SER A 70 19.08 -14.51 4.83
CA SER A 70 20.00 -14.99 3.81
C SER A 70 21.07 -15.93 4.40
N ALA A 71 20.61 -17.05 4.95
CA ALA A 71 21.53 -17.98 5.61
C ALA A 71 21.16 -19.42 5.30
N GLY A 72 22.17 -20.27 5.18
CA GLY A 72 21.94 -21.67 4.91
C GLY A 72 22.25 -22.52 6.12
N GLY A 1 -16.54 2.33 11.56
CA GLY A 1 -15.80 1.12 12.02
C GLY A 1 -15.42 0.21 10.88
N SER A 2 -16.08 -0.93 10.78
CA SER A 2 -15.78 -1.91 9.75
C SER A 2 -16.27 -1.44 8.38
N HIS A 3 -17.28 -0.58 8.38
CA HIS A 3 -17.83 -0.05 7.14
C HIS A 3 -17.04 1.17 6.68
N MET A 4 -15.93 0.91 6.00
CA MET A 4 -15.08 1.98 5.50
C MET A 4 -14.78 1.80 4.02
N PRO A 5 -15.76 2.07 3.14
CA PRO A 5 -15.54 2.06 1.70
C PRO A 5 -14.48 3.08 1.30
N GLN A 6 -14.33 4.11 2.13
CA GLN A 6 -13.34 5.15 1.91
C GLN A 6 -11.93 4.56 1.87
N ILE A 7 -11.70 3.53 2.67
CA ILE A 7 -10.40 2.89 2.74
C ILE A 7 -10.08 2.20 1.42
N GLU A 8 -11.08 1.52 0.87
CA GLU A 8 -10.93 0.82 -0.40
C GLU A 8 -10.51 1.81 -1.49
N ARG A 9 -11.19 2.96 -1.53
CA ARG A 9 -10.89 4.00 -2.50
C ARG A 9 -9.50 4.57 -2.23
N ARG A 10 -9.23 4.81 -0.96
CA ARG A 10 -8.02 5.49 -0.54
C ARG A 10 -6.78 4.68 -0.86
N ILE A 11 -6.88 3.36 -0.72
CA ILE A 11 -5.75 2.49 -1.00
C ILE A 11 -5.40 2.55 -2.47
N LYS A 12 -6.43 2.64 -3.32
CA LYS A 12 -6.18 2.73 -4.76
C LYS A 12 -5.51 4.05 -5.09
N LYS A 13 -5.88 5.10 -4.36
CA LYS A 13 -5.22 6.39 -4.53
C LYS A 13 -3.77 6.30 -4.08
N LEU A 14 -3.53 5.59 -2.97
CA LEU A 14 -2.19 5.50 -2.42
C LEU A 14 -1.25 4.89 -3.42
N ILE A 15 -1.65 3.76 -3.98
CA ILE A 15 -0.85 3.08 -4.98
C ILE A 15 -0.66 3.97 -6.21
N SER A 16 -1.68 4.75 -6.51
CA SER A 16 -1.61 5.66 -7.64
C SER A 16 -0.58 6.76 -7.36
N LEU A 17 -0.61 7.30 -6.14
CA LEU A 17 0.30 8.36 -5.76
C LEU A 17 1.74 7.88 -5.90
N GLY A 18 1.99 6.61 -5.57
CA GLY A 18 3.33 6.09 -5.66
C GLY A 18 3.78 6.00 -7.09
N LYS A 19 2.86 5.63 -7.97
CA LYS A 19 3.15 5.53 -9.38
C LYS A 19 3.38 6.92 -9.97
N LYS A 20 2.65 7.90 -9.44
CA LYS A 20 2.82 9.29 -9.83
C LYS A 20 4.15 9.80 -9.30
N LYS A 21 4.46 9.36 -8.09
CA LYS A 21 5.69 9.73 -7.42
C LYS A 21 6.89 9.10 -8.12
N GLY A 22 6.66 7.96 -8.74
CA GLY A 22 7.71 7.28 -9.46
C GLY A 22 7.40 5.82 -9.71
N TYR A 23 7.34 5.03 -8.65
CA TYR A 23 7.18 3.59 -8.78
C TYR A 23 6.15 3.06 -7.80
N ILE A 24 5.59 1.91 -8.12
CA ILE A 24 4.63 1.28 -7.23
C ILE A 24 5.36 0.54 -6.12
N THR A 25 5.67 1.24 -5.05
CA THR A 25 6.45 0.68 -3.97
C THR A 25 6.16 1.36 -2.65
N TYR A 26 6.40 0.66 -1.55
CA TYR A 26 6.14 1.17 -0.21
C TYR A 26 6.90 2.46 0.05
N GLU A 27 8.14 2.52 -0.41
CA GLU A 27 8.96 3.69 -0.18
C GLU A 27 8.44 4.89 -0.96
N ASP A 28 7.88 4.63 -2.14
CA ASP A 28 7.24 5.69 -2.92
C ASP A 28 5.91 6.10 -2.29
N ILE A 29 5.25 5.16 -1.63
CA ILE A 29 4.07 5.47 -0.84
C ILE A 29 4.44 6.37 0.33
N ASP A 30 5.48 5.97 1.04
CA ASP A 30 6.01 6.75 2.16
C ASP A 30 6.39 8.14 1.68
N LYS A 31 6.86 8.19 0.44
CA LYS A 31 7.27 9.46 -0.18
C LYS A 31 6.03 10.27 -0.60
N ALA A 32 4.91 9.56 -0.79
CA ALA A 32 3.67 10.19 -1.23
C ALA A 32 2.93 10.83 -0.05
N PHE A 33 3.28 10.40 1.17
CA PHE A 33 2.70 10.94 2.39
C PHE A 33 2.91 12.46 2.44
N PRO A 34 1.91 13.22 2.93
CA PRO A 34 0.64 12.69 3.42
C PRO A 34 -0.37 12.42 2.29
N PRO A 35 -1.23 11.41 2.47
CA PRO A 35 -2.22 11.00 1.51
C PRO A 35 -3.60 11.51 1.93
N ASP A 36 -4.64 10.91 1.39
CA ASP A 36 -5.99 11.35 1.68
C ASP A 36 -6.65 10.53 2.77
N PHE A 37 -5.89 9.70 3.47
CA PHE A 37 -6.48 8.81 4.46
C PHE A 37 -7.14 9.59 5.59
N GLU A 38 -8.45 9.40 5.72
CA GLU A 38 -9.24 10.08 6.73
C GLU A 38 -9.14 9.39 8.09
N GLY A 39 -8.59 8.18 8.09
CA GLY A 39 -8.47 7.43 9.31
C GLY A 39 -7.42 6.37 9.16
N PHE A 40 -6.45 6.40 10.05
CA PHE A 40 -5.35 5.45 9.97
C PHE A 40 -5.36 4.51 11.17
N ASP A 41 -5.14 3.23 10.92
CA ASP A 41 -5.08 2.24 12.00
C ASP A 41 -4.37 0.98 11.53
N THR A 42 -4.03 0.10 12.46
CA THR A 42 -3.37 -1.16 12.13
C THR A 42 -4.23 -1.99 11.17
N ASN A 43 -5.55 -1.86 11.30
CA ASN A 43 -6.46 -2.60 10.44
C ASN A 43 -6.26 -2.18 8.98
N LEU A 44 -5.91 -0.92 8.77
CA LEU A 44 -5.62 -0.40 7.44
C LEU A 44 -4.47 -1.17 6.82
N ILE A 45 -3.45 -1.47 7.61
CA ILE A 45 -2.29 -2.22 7.13
C ILE A 45 -2.72 -3.60 6.66
N GLU A 46 -3.64 -4.21 7.40
CA GLU A 46 -4.17 -5.51 7.03
C GLU A 46 -5.01 -5.34 5.77
N ARG A 47 -5.79 -4.28 5.76
CA ARG A 47 -6.69 -3.99 4.67
C ARG A 47 -5.93 -3.72 3.38
N ILE A 48 -4.74 -3.12 3.50
CA ILE A 48 -3.92 -2.86 2.32
C ILE A 48 -3.54 -4.17 1.63
N HIS A 49 -3.01 -5.13 2.39
CA HIS A 49 -2.65 -6.42 1.81
C HIS A 49 -3.89 -7.19 1.40
N GLU A 50 -4.99 -7.03 2.15
CA GLU A 50 -6.26 -7.63 1.77
C GLU A 50 -6.68 -7.13 0.40
N GLU A 51 -6.62 -5.82 0.19
CA GLU A 51 -6.90 -5.24 -1.11
C GLU A 51 -5.89 -5.69 -2.15
N LEU A 52 -4.67 -5.91 -1.71
CA LEU A 52 -3.63 -6.44 -2.56
C LEU A 52 -4.02 -7.83 -3.09
N GLU A 53 -4.48 -8.69 -2.21
CA GLU A 53 -4.83 -10.05 -2.61
C GLU A 53 -6.23 -10.13 -3.21
N LYS A 54 -7.21 -9.59 -2.50
CA LYS A 54 -8.60 -9.70 -2.89
C LYS A 54 -8.91 -8.82 -4.09
N HIS A 55 -8.45 -7.59 -4.05
CA HIS A 55 -8.74 -6.65 -5.11
C HIS A 55 -7.63 -6.60 -6.14
N GLY A 56 -6.46 -7.10 -5.79
CA GLY A 56 -5.40 -7.25 -6.78
C GLY A 56 -4.60 -5.99 -7.00
N ILE A 57 -4.54 -5.10 -6.02
CA ILE A 57 -3.91 -3.81 -6.21
C ILE A 57 -2.38 -3.97 -6.28
N ASN A 58 -1.81 -3.58 -7.40
CA ASN A 58 -0.39 -3.83 -7.64
C ASN A 58 0.47 -2.80 -6.95
N ILE A 59 1.39 -3.28 -6.13
CA ILE A 59 2.27 -2.44 -5.33
C ILE A 59 3.41 -3.28 -4.77
N VAL A 60 4.62 -2.87 -5.07
CA VAL A 60 5.80 -3.56 -4.60
C VAL A 60 6.22 -2.98 -3.24
N GLU A 61 6.87 -3.78 -2.41
CA GLU A 61 7.31 -3.31 -1.12
C GLU A 61 8.76 -2.84 -1.19
N ASN A 62 9.48 -3.41 -2.16
CA ASN A 62 10.90 -3.15 -2.39
C ASN A 62 11.73 -3.83 -1.30
N GLU A 63 11.04 -4.49 -0.37
CA GLU A 63 11.70 -5.25 0.66
C GLU A 63 11.09 -6.65 0.74
N PRO A 64 11.83 -7.65 1.21
CA PRO A 64 11.40 -9.05 1.20
C PRO A 64 10.06 -9.30 1.88
N GLU A 65 9.94 -8.84 3.13
CA GLU A 65 8.84 -9.23 4.00
C GLU A 65 8.94 -8.52 5.35
N GLU A 66 10.14 -8.55 5.92
CA GLU A 66 10.40 -7.95 7.22
C GLU A 66 11.85 -7.50 7.29
N GLU A 67 12.40 -7.13 6.13
CA GLU A 67 13.82 -6.82 6.02
C GLU A 67 14.04 -5.42 5.44
N GLU A 68 13.11 -4.51 5.67
CA GLU A 68 13.28 -3.13 5.26
C GLU A 68 14.44 -2.55 6.06
N ILE A 69 14.25 -2.50 7.36
CA ILE A 69 15.36 -2.24 8.28
C ILE A 69 15.61 -3.48 9.12
N SER A 70 14.63 -4.39 9.10
CA SER A 70 14.69 -5.66 9.82
C SER A 70 14.69 -5.44 11.35
N ALA A 71 14.46 -4.20 11.75
CA ALA A 71 14.44 -3.85 13.18
C ALA A 71 13.01 -3.67 13.66
N GLY A 72 12.16 -4.61 13.29
CA GLY A 72 10.77 -4.57 13.70
C GLY A 72 10.13 -5.94 13.64
N GLY A 1 -13.01 -7.22 8.42
CA GLY A 1 -13.17 -7.48 6.98
C GLY A 1 -12.87 -6.25 6.14
N SER A 2 -13.92 -5.53 5.78
CA SER A 2 -13.77 -4.36 4.93
C SER A 2 -13.38 -3.12 5.74
N HIS A 3 -13.79 -3.10 7.01
CA HIS A 3 -13.47 -2.01 7.94
C HIS A 3 -14.25 -0.73 7.60
N MET A 4 -14.06 -0.23 6.39
CA MET A 4 -14.70 1.00 5.94
C MET A 4 -14.46 1.18 4.45
N PRO A 5 -15.54 1.45 3.69
CA PRO A 5 -15.47 1.61 2.21
C PRO A 5 -14.44 2.63 1.75
N GLN A 6 -14.13 3.60 2.60
CA GLN A 6 -13.11 4.60 2.28
C GLN A 6 -11.74 3.94 2.16
N ILE A 7 -11.57 2.81 2.84
CA ILE A 7 -10.31 2.09 2.83
C ILE A 7 -10.01 1.55 1.44
N GLU A 8 -11.02 0.94 0.83
CA GLU A 8 -10.91 0.42 -0.52
C GLU A 8 -10.47 1.53 -1.48
N ARG A 9 -11.13 2.67 -1.36
CA ARG A 9 -10.83 3.81 -2.22
C ARG A 9 -9.45 4.37 -1.90
N ARG A 10 -9.18 4.49 -0.62
CA ARG A 10 -7.97 5.13 -0.12
C ARG A 10 -6.72 4.44 -0.63
N ILE A 11 -6.69 3.12 -0.55
CA ILE A 11 -5.53 2.37 -0.95
C ILE A 11 -5.30 2.52 -2.45
N LYS A 12 -6.37 2.58 -3.22
CA LYS A 12 -6.26 2.81 -4.66
C LYS A 12 -5.77 4.24 -4.93
N LYS A 13 -6.19 5.17 -4.09
CA LYS A 13 -5.72 6.55 -4.16
C LYS A 13 -4.24 6.62 -3.81
N LEU A 14 -3.83 5.80 -2.84
CA LEU A 14 -2.43 5.68 -2.49
C LEU A 14 -1.63 5.18 -3.67
N ILE A 15 -2.23 4.25 -4.42
CA ILE A 15 -1.60 3.71 -5.61
C ILE A 15 -1.40 4.81 -6.65
N SER A 16 -2.34 5.74 -6.70
CA SER A 16 -2.24 6.87 -7.62
C SER A 16 -1.04 7.73 -7.23
N LEU A 17 -0.91 7.96 -5.93
CA LEU A 17 0.23 8.64 -5.36
C LEU A 17 1.52 7.90 -5.68
N GLY A 18 1.51 6.59 -5.47
CA GLY A 18 2.72 5.79 -5.61
C GLY A 18 3.19 5.70 -7.04
N LYS A 19 2.24 5.71 -7.94
CA LYS A 19 2.53 5.51 -9.35
C LYS A 19 3.15 6.79 -9.87
N LYS A 20 2.53 7.86 -9.47
CA LYS A 20 2.79 9.19 -9.93
C LYS A 20 4.05 9.75 -9.29
N LYS A 21 4.37 9.25 -8.10
CA LYS A 21 5.59 9.58 -7.42
C LYS A 21 6.76 8.83 -8.03
N GLY A 22 6.48 7.63 -8.51
CA GLY A 22 7.47 6.89 -9.24
C GLY A 22 7.16 5.42 -9.39
N TYR A 23 7.11 4.71 -8.27
CA TYR A 23 7.03 3.25 -8.30
C TYR A 23 5.99 2.75 -7.31
N ILE A 24 5.34 1.65 -7.65
CA ILE A 24 4.40 1.07 -6.72
C ILE A 24 5.20 0.39 -5.61
N THR A 25 5.29 1.08 -4.49
CA THR A 25 6.17 0.67 -3.41
C THR A 25 5.67 1.25 -2.10
N TYR A 26 5.83 0.49 -1.03
CA TYR A 26 5.40 0.93 0.30
C TYR A 26 6.13 2.22 0.68
N GLU A 27 7.42 2.28 0.35
CA GLU A 27 8.22 3.47 0.62
C GLU A 27 7.76 4.64 -0.26
N ASP A 28 7.34 4.34 -1.47
CA ASP A 28 6.88 5.39 -2.40
C ASP A 28 5.53 5.96 -1.95
N ILE A 29 4.67 5.10 -1.44
CA ILE A 29 3.42 5.55 -0.84
C ILE A 29 3.71 6.48 0.33
N ASP A 30 4.64 6.07 1.17
CA ASP A 30 5.06 6.85 2.31
C ASP A 30 5.69 8.16 1.86
N LYS A 31 6.34 8.11 0.70
CA LYS A 31 7.02 9.29 0.15
C LYS A 31 5.99 10.28 -0.41
N ALA A 32 4.78 9.78 -0.63
CA ALA A 32 3.71 10.56 -1.22
C ALA A 32 3.26 11.71 -0.32
N PHE A 33 3.61 11.63 0.96
CA PHE A 33 3.19 12.62 1.96
C PHE A 33 3.29 14.06 1.44
N PRO A 34 2.25 14.88 1.67
CA PRO A 34 1.02 14.47 2.36
C PRO A 34 0.23 13.44 1.55
N PRO A 35 -0.35 12.44 2.23
CA PRO A 35 -1.05 11.34 1.60
C PRO A 35 -2.53 11.62 1.56
N ASP A 36 -3.31 10.62 1.22
CA ASP A 36 -4.73 10.81 1.05
C ASP A 36 -5.52 10.39 2.29
N PHE A 37 -4.79 10.02 3.34
CA PHE A 37 -5.40 9.40 4.51
C PHE A 37 -6.34 10.36 5.24
N GLU A 38 -7.61 9.97 5.30
CA GLU A 38 -8.55 10.62 6.20
C GLU A 38 -8.38 10.06 7.60
N GLY A 39 -8.00 8.79 7.65
CA GLY A 39 -7.83 8.10 8.90
C GLY A 39 -7.08 6.81 8.67
N PHE A 40 -6.01 6.63 9.40
CA PHE A 40 -5.19 5.45 9.24
C PHE A 40 -5.23 4.57 10.48
N ASP A 41 -5.20 3.26 10.29
CA ASP A 41 -5.17 2.32 11.40
C ASP A 41 -4.38 1.07 11.04
N THR A 42 -4.00 0.30 12.04
CA THR A 42 -3.22 -0.91 11.82
C THR A 42 -4.03 -1.96 11.04
N ASN A 43 -5.34 -1.97 11.25
CA ASN A 43 -6.22 -2.88 10.53
C ASN A 43 -6.16 -2.57 9.04
N LEU A 44 -6.02 -1.29 8.72
CA LEU A 44 -5.82 -0.83 7.35
C LEU A 44 -4.62 -1.50 6.71
N ILE A 45 -3.54 -1.66 7.47
CA ILE A 45 -2.33 -2.29 6.96
C ILE A 45 -2.61 -3.74 6.58
N GLU A 46 -3.44 -4.39 7.37
CA GLU A 46 -3.85 -5.75 7.07
C GLU A 46 -4.71 -5.73 5.82
N ARG A 47 -5.57 -4.74 5.76
CA ARG A 47 -6.48 -4.55 4.64
C ARG A 47 -5.71 -4.26 3.36
N ILE A 48 -4.57 -3.58 3.47
CA ILE A 48 -3.74 -3.27 2.30
C ILE A 48 -3.26 -4.55 1.63
N HIS A 49 -2.78 -5.51 2.42
CA HIS A 49 -2.33 -6.78 1.87
C HIS A 49 -3.53 -7.53 1.28
N GLU A 50 -4.69 -7.37 1.90
CA GLU A 50 -5.92 -7.97 1.42
C GLU A 50 -6.23 -7.46 0.01
N GLU A 51 -6.20 -6.13 -0.13
CA GLU A 51 -6.50 -5.46 -1.40
C GLU A 51 -5.62 -5.97 -2.53
N LEU A 52 -4.41 -6.37 -2.20
CA LEU A 52 -3.52 -7.01 -3.16
C LEU A 52 -4.17 -8.26 -3.73
N GLU A 53 -4.73 -9.08 -2.86
CA GLU A 53 -5.33 -10.33 -3.28
C GLU A 53 -6.76 -10.17 -3.77
N LYS A 54 -7.60 -9.50 -2.99
CA LYS A 54 -9.00 -9.37 -3.33
C LYS A 54 -9.22 -8.39 -4.48
N HIS A 55 -8.52 -7.26 -4.45
CA HIS A 55 -8.74 -6.26 -5.47
C HIS A 55 -7.73 -6.42 -6.59
N GLY A 56 -6.55 -6.91 -6.26
CA GLY A 56 -5.51 -7.05 -7.26
C GLY A 56 -4.64 -5.81 -7.36
N ILE A 57 -4.58 -5.00 -6.29
CA ILE A 57 -3.81 -3.79 -6.34
C ILE A 57 -2.33 -4.14 -6.31
N ASN A 58 -1.51 -3.35 -6.98
CA ASN A 58 -0.09 -3.67 -7.08
C ASN A 58 0.77 -2.60 -6.44
N ILE A 59 1.52 -3.02 -5.43
CA ILE A 59 2.40 -2.16 -4.66
C ILE A 59 3.52 -3.03 -4.10
N VAL A 60 4.73 -2.76 -4.50
CA VAL A 60 5.86 -3.59 -4.11
C VAL A 60 6.36 -3.18 -2.74
N GLU A 61 6.93 -4.14 -2.03
CA GLU A 61 7.41 -3.92 -0.69
C GLU A 61 8.82 -3.36 -0.74
N ASN A 62 9.53 -3.75 -1.80
CA ASN A 62 10.91 -3.31 -2.06
C ASN A 62 11.87 -4.00 -1.10
N GLU A 63 11.31 -4.75 -0.17
CA GLU A 63 12.10 -5.47 0.81
C GLU A 63 12.03 -6.96 0.51
N PRO A 64 13.21 -7.61 0.45
CA PRO A 64 13.36 -8.99 -0.04
C PRO A 64 12.39 -10.00 0.57
N GLU A 65 12.64 -10.40 1.82
CA GLU A 65 11.90 -11.51 2.41
C GLU A 65 12.09 -11.61 3.92
N GLU A 66 12.57 -10.55 4.54
CA GLU A 66 12.86 -10.61 5.97
C GLU A 66 11.77 -9.94 6.78
N GLU A 67 11.37 -10.60 7.86
CA GLU A 67 10.33 -10.10 8.75
C GLU A 67 10.75 -8.79 9.41
N GLU A 68 11.79 -8.87 10.24
CA GLU A 68 12.29 -7.73 11.00
C GLU A 68 13.43 -8.18 11.89
N ILE A 69 13.24 -9.31 12.56
CA ILE A 69 14.26 -9.89 13.41
C ILE A 69 14.94 -11.05 12.71
N SER A 70 15.15 -10.87 11.42
CA SER A 70 15.71 -11.91 10.55
C SER A 70 14.79 -13.14 10.51
N ALA A 71 14.99 -14.07 11.43
CA ALA A 71 14.17 -15.27 11.49
C ALA A 71 13.58 -15.43 12.89
N GLY A 72 12.27 -15.61 12.96
CA GLY A 72 11.61 -15.72 14.24
C GLY A 72 11.52 -17.14 14.73
N GLY A 1 -21.88 -4.18 11.00
CA GLY A 1 -21.16 -4.52 9.74
C GLY A 1 -19.83 -3.84 9.63
N SER A 2 -19.85 -2.58 9.19
CA SER A 2 -18.65 -1.76 9.11
C SER A 2 -17.63 -2.35 8.13
N HIS A 3 -17.86 -2.12 6.84
CA HIS A 3 -16.92 -2.55 5.81
C HIS A 3 -15.72 -1.63 5.78
N MET A 4 -15.92 -0.39 6.23
CA MET A 4 -14.91 0.65 6.20
C MET A 4 -14.46 0.90 4.76
N PRO A 5 -15.39 1.34 3.90
CA PRO A 5 -15.16 1.48 2.45
C PRO A 5 -14.07 2.48 2.14
N GLN A 6 -13.94 3.49 3.00
CA GLN A 6 -12.97 4.57 2.81
C GLN A 6 -11.56 4.02 2.73
N ILE A 7 -11.27 3.02 3.55
CA ILE A 7 -9.93 2.47 3.60
C ILE A 7 -9.62 1.76 2.27
N GLU A 8 -10.64 1.13 1.69
CA GLU A 8 -10.48 0.41 0.42
C GLU A 8 -10.15 1.39 -0.69
N ARG A 9 -10.89 2.48 -0.71
CA ARG A 9 -10.77 3.50 -1.75
C ARG A 9 -9.44 4.22 -1.61
N ARG A 10 -9.04 4.45 -0.37
CA ARG A 10 -7.82 5.17 -0.08
C ARG A 10 -6.60 4.38 -0.53
N ILE A 11 -6.66 3.06 -0.40
CA ILE A 11 -5.55 2.21 -0.81
C ILE A 11 -5.27 2.38 -2.30
N LYS A 12 -6.33 2.42 -3.09
CA LYS A 12 -6.18 2.58 -4.55
C LYS A 12 -5.59 3.95 -4.87
N LYS A 13 -5.99 4.95 -4.09
CA LYS A 13 -5.45 6.29 -4.21
C LYS A 13 -3.96 6.31 -3.87
N LEU A 14 -3.61 5.66 -2.76
CA LEU A 14 -2.23 5.63 -2.32
C LEU A 14 -1.35 4.92 -3.32
N ILE A 15 -1.84 3.79 -3.82
CA ILE A 15 -1.12 3.05 -4.82
C ILE A 15 -0.97 3.89 -6.09
N SER A 16 -2.00 4.68 -6.40
CA SER A 16 -1.93 5.55 -7.56
C SER A 16 -0.88 6.63 -7.32
N LEU A 17 -0.94 7.26 -6.16
CA LEU A 17 -0.01 8.33 -5.81
C LEU A 17 1.42 7.83 -5.85
N GLY A 18 1.65 6.64 -5.30
CA GLY A 18 2.99 6.10 -5.24
C GLY A 18 3.52 5.81 -6.62
N LYS A 19 2.64 5.34 -7.48
CA LYS A 19 3.03 5.04 -8.83
C LYS A 19 3.30 6.34 -9.60
N LYS A 20 2.49 7.35 -9.33
CA LYS A 20 2.72 8.69 -9.87
C LYS A 20 4.04 9.22 -9.38
N LYS A 21 4.35 8.89 -8.14
CA LYS A 21 5.59 9.30 -7.50
C LYS A 21 6.78 8.62 -8.17
N GLY A 22 6.54 7.42 -8.67
CA GLY A 22 7.57 6.71 -9.40
C GLY A 22 7.31 5.22 -9.48
N TYR A 23 7.31 4.57 -8.32
CA TYR A 23 7.17 3.13 -8.23
C TYR A 23 6.04 2.77 -7.28
N ILE A 24 5.48 1.59 -7.48
CA ILE A 24 4.45 1.10 -6.59
C ILE A 24 5.09 0.39 -5.41
N THR A 25 5.40 1.15 -4.37
CA THR A 25 6.17 0.65 -3.26
C THR A 25 5.94 1.49 -2.01
N TYR A 26 6.30 0.94 -0.85
CA TYR A 26 6.11 1.64 0.41
C TYR A 26 6.87 2.96 0.43
N GLU A 27 8.07 2.94 -0.14
CA GLU A 27 8.92 4.12 -0.20
C GLU A 27 8.20 5.26 -0.90
N ASP A 28 7.57 4.93 -2.02
CA ASP A 28 6.85 5.93 -2.80
C ASP A 28 5.55 6.33 -2.12
N ILE A 29 4.95 5.40 -1.39
CA ILE A 29 3.79 5.72 -0.58
C ILE A 29 4.13 6.75 0.47
N ASP A 30 5.23 6.47 1.19
CA ASP A 30 5.72 7.37 2.23
C ASP A 30 6.02 8.73 1.62
N LYS A 31 6.56 8.70 0.42
CA LYS A 31 6.96 9.93 -0.26
C LYS A 31 5.71 10.64 -0.80
N ALA A 32 4.61 9.91 -0.91
CA ALA A 32 3.35 10.47 -1.35
C ALA A 32 2.69 11.31 -0.24
N PHE A 33 3.06 11.01 1.00
CA PHE A 33 2.56 11.78 2.15
C PHE A 33 3.00 13.24 2.05
N PRO A 34 2.14 14.18 2.45
CA PRO A 34 0.81 13.89 2.99
C PRO A 34 -0.24 13.70 1.90
N PRO A 35 -1.10 12.70 2.06
CA PRO A 35 -2.12 12.33 1.10
C PRO A 35 -3.49 12.81 1.55
N ASP A 36 -4.54 12.12 1.13
CA ASP A 36 -5.89 12.47 1.52
C ASP A 36 -6.37 11.63 2.71
N PHE A 37 -5.45 10.94 3.37
CA PHE A 37 -5.82 10.09 4.50
C PHE A 37 -6.39 10.91 5.64
N GLU A 38 -7.65 10.66 5.96
CA GLU A 38 -8.29 11.26 7.12
C GLU A 38 -7.93 10.49 8.37
N GLY A 39 -7.61 9.22 8.21
CA GLY A 39 -7.38 8.37 9.34
C GLY A 39 -6.62 7.15 8.92
N PHE A 40 -5.51 6.90 9.58
CA PHE A 40 -4.70 5.74 9.27
C PHE A 40 -4.87 4.70 10.37
N ASP A 41 -4.84 3.43 10.01
CA ASP A 41 -5.11 2.37 10.98
C ASP A 41 -4.36 1.09 10.61
N THR A 42 -4.12 0.23 11.59
CA THR A 42 -3.46 -1.04 11.38
C THR A 42 -4.29 -1.96 10.46
N ASN A 43 -5.60 -1.75 10.46
CA ASN A 43 -6.48 -2.51 9.57
C ASN A 43 -6.11 -2.25 8.12
N LEU A 44 -5.65 -1.03 7.85
CA LEU A 44 -5.16 -0.65 6.53
C LEU A 44 -4.07 -1.60 6.05
N ILE A 45 -3.20 -2.02 6.95
CA ILE A 45 -2.12 -2.94 6.59
C ILE A 45 -2.70 -4.26 6.10
N GLU A 46 -3.72 -4.72 6.81
CA GLU A 46 -4.41 -5.95 6.44
C GLU A 46 -5.14 -5.70 5.13
N ARG A 47 -5.81 -4.56 5.07
CA ARG A 47 -6.65 -4.21 3.95
C ARG A 47 -5.84 -4.03 2.67
N ILE A 48 -4.62 -3.50 2.79
CA ILE A 48 -3.77 -3.31 1.63
C ILE A 48 -3.50 -4.65 0.96
N HIS A 49 -3.07 -5.62 1.75
CA HIS A 49 -2.80 -6.95 1.21
C HIS A 49 -4.09 -7.65 0.78
N GLU A 50 -5.17 -7.42 1.51
CA GLU A 50 -6.47 -7.97 1.13
C GLU A 50 -6.88 -7.45 -0.23
N GLU A 51 -6.79 -6.14 -0.42
CA GLU A 51 -7.03 -5.53 -1.72
C GLU A 51 -5.99 -5.97 -2.73
N LEU A 52 -4.79 -6.23 -2.25
CA LEU A 52 -3.73 -6.73 -3.10
C LEU A 52 -4.07 -8.12 -3.63
N GLU A 53 -4.61 -8.97 -2.78
CA GLU A 53 -4.96 -10.32 -3.17
C GLU A 53 -6.31 -10.37 -3.88
N LYS A 54 -7.32 -9.80 -3.25
CA LYS A 54 -8.68 -9.88 -3.75
C LYS A 54 -8.90 -8.96 -4.94
N HIS A 55 -8.40 -7.73 -4.83
CA HIS A 55 -8.61 -6.75 -5.86
C HIS A 55 -7.42 -6.70 -6.81
N GLY A 56 -6.29 -7.26 -6.38
CA GLY A 56 -5.17 -7.38 -7.29
C GLY A 56 -4.36 -6.10 -7.40
N ILE A 57 -4.42 -5.24 -6.39
CA ILE A 57 -3.83 -3.92 -6.50
C ILE A 57 -2.30 -4.00 -6.47
N ASN A 58 -1.67 -3.45 -7.48
CA ASN A 58 -0.22 -3.57 -7.60
C ASN A 58 0.49 -2.59 -6.68
N ILE A 59 1.23 -3.16 -5.75
CA ILE A 59 2.03 -2.40 -4.80
C ILE A 59 3.06 -3.34 -4.21
N VAL A 60 4.27 -2.86 -4.04
CA VAL A 60 5.35 -3.71 -3.57
C VAL A 60 5.75 -3.33 -2.15
N GLU A 61 6.30 -4.29 -1.43
CA GLU A 61 6.66 -4.12 -0.04
C GLU A 61 8.02 -3.45 0.07
N ASN A 62 8.80 -3.60 -1.00
CA ASN A 62 10.15 -3.03 -1.12
C ASN A 62 11.14 -3.88 -0.33
N GLU A 63 10.76 -5.14 -0.13
CA GLU A 63 11.62 -6.10 0.52
C GLU A 63 12.34 -6.92 -0.54
N PRO A 64 13.67 -7.01 -0.46
CA PRO A 64 14.47 -7.80 -1.39
C PRO A 64 14.61 -9.24 -0.92
N GLU A 65 13.81 -10.12 -1.50
CA GLU A 65 13.81 -11.52 -1.08
C GLU A 65 14.99 -12.28 -1.69
N GLU A 66 16.18 -11.96 -1.19
CA GLU A 66 17.41 -12.70 -1.49
C GLU A 66 17.69 -12.81 -2.99
N GLU A 67 18.46 -11.88 -3.52
CA GLU A 67 18.88 -11.93 -4.91
C GLU A 67 20.19 -12.69 -5.04
N GLU A 68 20.10 -14.00 -5.18
CA GLU A 68 21.26 -14.83 -5.45
C GLU A 68 21.15 -15.42 -6.84
N ILE A 69 20.24 -16.37 -6.99
CA ILE A 69 19.96 -16.96 -8.28
C ILE A 69 18.76 -16.27 -8.92
N SER A 70 17.80 -15.89 -8.06
CA SER A 70 16.57 -15.21 -8.48
C SER A 70 15.66 -16.15 -9.27
N ALA A 71 16.08 -16.50 -10.48
CA ALA A 71 15.33 -17.39 -11.35
C ALA A 71 16.22 -17.84 -12.50
N GLY A 72 15.68 -18.66 -13.39
CA GLY A 72 16.46 -19.13 -14.51
C GLY A 72 17.06 -20.49 -14.24
N GLY A 1 -21.82 -3.59 10.04
CA GLY A 1 -20.35 -3.77 10.01
C GLY A 1 -19.64 -2.45 9.75
N SER A 2 -18.55 -2.23 10.46
CA SER A 2 -17.80 -0.98 10.34
C SER A 2 -16.94 -0.95 9.08
N HIS A 3 -17.60 -0.79 7.94
CA HIS A 3 -16.89 -0.59 6.69
C HIS A 3 -16.55 0.89 6.57
N MET A 4 -15.27 1.18 6.39
CA MET A 4 -14.80 2.54 6.29
C MET A 4 -14.36 2.78 4.87
N PRO A 5 -15.25 3.36 4.06
CA PRO A 5 -15.02 3.53 2.62
C PRO A 5 -13.71 4.23 2.32
N GLN A 6 -13.31 5.13 3.20
CA GLN A 6 -12.13 5.96 2.93
C GLN A 6 -10.86 5.15 3.10
N ILE A 7 -10.92 4.10 3.91
CA ILE A 7 -9.80 3.19 4.07
C ILE A 7 -9.60 2.39 2.79
N GLU A 8 -10.71 1.87 2.28
CA GLU A 8 -10.71 1.12 1.05
C GLU A 8 -10.24 2.00 -0.11
N ARG A 9 -10.78 3.22 -0.17
CA ARG A 9 -10.36 4.19 -1.17
C ARG A 9 -8.89 4.50 -1.02
N ARG A 10 -8.47 4.69 0.23
CA ARG A 10 -7.08 5.02 0.54
C ARG A 10 -6.12 3.97 0.02
N ILE A 11 -6.52 2.70 0.07
CA ILE A 11 -5.67 1.62 -0.41
C ILE A 11 -5.33 1.84 -1.87
N LYS A 12 -6.35 2.07 -2.68
CA LYS A 12 -6.13 2.34 -4.10
C LYS A 12 -5.47 3.69 -4.31
N LYS A 13 -5.90 4.68 -3.56
CA LYS A 13 -5.32 6.01 -3.64
C LYS A 13 -3.83 5.96 -3.34
N LEU A 14 -3.45 5.13 -2.37
CA LEU A 14 -2.06 4.99 -1.99
C LEU A 14 -1.28 4.39 -3.14
N ILE A 15 -1.79 3.29 -3.68
CA ILE A 15 -1.12 2.64 -4.79
C ILE A 15 -1.07 3.58 -5.98
N SER A 16 -2.12 4.38 -6.14
CA SER A 16 -2.19 5.34 -7.23
C SER A 16 -1.14 6.43 -7.04
N LEU A 17 -1.08 6.98 -5.83
CA LEU A 17 -0.15 8.07 -5.52
C LEU A 17 1.27 7.63 -5.76
N GLY A 18 1.59 6.39 -5.41
CA GLY A 18 2.92 5.88 -5.62
C GLY A 18 3.23 5.80 -7.09
N LYS A 19 2.20 5.48 -7.84
CA LYS A 19 2.34 5.29 -9.27
C LYS A 19 2.56 6.64 -9.93
N LYS A 20 2.00 7.65 -9.30
CA LYS A 20 2.18 9.04 -9.68
C LYS A 20 3.55 9.53 -9.27
N LYS A 21 3.91 9.22 -8.03
CA LYS A 21 5.14 9.70 -7.44
C LYS A 21 6.35 9.09 -8.12
N GLY A 22 6.20 7.85 -8.54
CA GLY A 22 7.23 7.19 -9.31
C GLY A 22 6.88 5.75 -9.62
N TYR A 23 6.82 4.93 -8.58
CA TYR A 23 6.58 3.52 -8.73
C TYR A 23 5.69 3.04 -7.61
N ILE A 24 5.12 1.87 -7.75
CA ILE A 24 4.12 1.46 -6.79
C ILE A 24 4.76 0.74 -5.64
N THR A 25 5.32 1.46 -4.69
CA THR A 25 6.15 0.83 -3.68
C THR A 25 5.91 1.39 -2.29
N TYR A 26 6.18 0.58 -1.29
CA TYR A 26 5.96 0.95 0.09
C TYR A 26 6.74 2.22 0.43
N GLU A 27 7.95 2.32 -0.10
CA GLU A 27 8.78 3.50 0.11
C GLU A 27 8.18 4.70 -0.60
N ASP A 28 7.59 4.46 -1.75
CA ASP A 28 6.97 5.52 -2.55
C ASP A 28 5.68 6.00 -1.87
N ILE A 29 4.98 5.08 -1.23
CA ILE A 29 3.79 5.41 -0.43
C ILE A 29 4.16 6.39 0.66
N ASP A 30 5.22 6.04 1.38
CA ASP A 30 5.72 6.88 2.47
C ASP A 30 6.14 8.23 1.91
N LYS A 31 6.62 8.21 0.69
CA LYS A 31 7.08 9.42 0.01
C LYS A 31 5.89 10.26 -0.45
N ALA A 32 4.76 9.59 -0.67
CA ALA A 32 3.53 10.25 -1.08
C ALA A 32 2.93 11.06 0.07
N PHE A 33 3.27 10.65 1.29
CA PHE A 33 2.83 11.35 2.50
C PHE A 33 3.43 12.76 2.51
N PRO A 34 2.66 13.78 2.90
CA PRO A 34 1.26 13.65 3.32
C PRO A 34 0.30 13.53 2.14
N PRO A 35 -0.67 12.62 2.22
CA PRO A 35 -1.66 12.38 1.21
C PRO A 35 -3.03 12.94 1.62
N ASP A 36 -4.07 12.41 1.01
CA ASP A 36 -5.43 12.87 1.23
C ASP A 36 -6.17 11.99 2.23
N PHE A 37 -5.43 11.19 2.99
CA PHE A 37 -6.03 10.17 3.82
C PHE A 37 -7.00 10.76 4.85
N GLU A 38 -8.25 10.32 4.78
CA GLU A 38 -9.30 10.77 5.67
C GLU A 38 -9.24 10.07 7.03
N GLY A 39 -8.55 8.92 7.08
CA GLY A 39 -8.55 8.14 8.27
C GLY A 39 -7.45 7.12 8.23
N PHE A 40 -6.74 6.98 9.32
CA PHE A 40 -5.75 5.94 9.42
C PHE A 40 -6.17 4.90 10.46
N ASP A 41 -5.96 3.63 10.15
CA ASP A 41 -6.31 2.54 11.06
C ASP A 41 -5.50 1.29 10.71
N THR A 42 -5.31 0.43 11.71
CA THR A 42 -4.54 -0.81 11.53
C THR A 42 -5.24 -1.74 10.54
N ASN A 43 -6.55 -1.60 10.42
CA ASN A 43 -7.34 -2.37 9.47
C ASN A 43 -6.87 -2.10 8.05
N LEU A 44 -6.39 -0.89 7.81
CA LEU A 44 -5.85 -0.52 6.51
C LEU A 44 -4.68 -1.43 6.13
N ILE A 45 -3.83 -1.74 7.10
CA ILE A 45 -2.65 -2.54 6.83
C ILE A 45 -3.04 -3.95 6.38
N GLU A 46 -3.98 -4.55 7.08
CA GLU A 46 -4.48 -5.86 6.72
C GLU A 46 -5.29 -5.76 5.43
N ARG A 47 -5.98 -4.63 5.26
CA ARG A 47 -6.85 -4.43 4.12
C ARG A 47 -6.02 -4.30 2.83
N ILE A 48 -4.90 -3.60 2.90
CA ILE A 48 -4.04 -3.42 1.73
C ILE A 48 -3.53 -4.77 1.23
N HIS A 49 -3.08 -5.62 2.15
CA HIS A 49 -2.55 -6.93 1.78
C HIS A 49 -3.64 -7.80 1.15
N GLU A 50 -4.85 -7.77 1.69
CA GLU A 50 -5.91 -8.58 1.14
C GLU A 50 -6.33 -8.03 -0.21
N GLU A 51 -6.28 -6.72 -0.37
CA GLU A 51 -6.53 -6.09 -1.67
C GLU A 51 -5.51 -6.55 -2.70
N LEU A 52 -4.30 -6.88 -2.26
CA LEU A 52 -3.28 -7.37 -3.18
C LEU A 52 -3.74 -8.65 -3.85
N GLU A 53 -4.24 -9.59 -3.07
CA GLU A 53 -4.72 -10.85 -3.62
C GLU A 53 -6.15 -10.72 -4.13
N LYS A 54 -7.02 -10.18 -3.30
CA LYS A 54 -8.43 -10.08 -3.58
C LYS A 54 -8.73 -9.09 -4.69
N HIS A 55 -8.10 -7.91 -4.64
CA HIS A 55 -8.42 -6.87 -5.60
C HIS A 55 -7.45 -6.88 -6.76
N GLY A 56 -6.25 -7.40 -6.49
CA GLY A 56 -5.23 -7.39 -7.50
C GLY A 56 -4.45 -6.09 -7.51
N ILE A 57 -4.48 -5.35 -6.38
CA ILE A 57 -3.80 -4.08 -6.32
C ILE A 57 -2.30 -4.36 -6.27
N ASN A 58 -1.49 -3.51 -6.88
CA ASN A 58 -0.08 -3.81 -6.99
C ASN A 58 0.78 -2.80 -6.26
N ILE A 59 1.77 -3.32 -5.55
CA ILE A 59 2.69 -2.51 -4.77
C ILE A 59 3.93 -3.33 -4.44
N VAL A 60 5.07 -2.74 -4.72
CA VAL A 60 6.36 -3.36 -4.58
C VAL A 60 6.98 -2.95 -3.25
N GLU A 61 7.82 -3.82 -2.68
CA GLU A 61 8.46 -3.52 -1.40
C GLU A 61 9.82 -2.88 -1.62
N ASN A 62 10.40 -3.21 -2.77
CA ASN A 62 11.68 -2.65 -3.22
C ASN A 62 12.83 -3.15 -2.34
N GLU A 63 12.64 -4.29 -1.69
CA GLU A 63 13.66 -4.85 -0.83
C GLU A 63 14.92 -5.16 -1.63
N PRO A 64 16.08 -4.67 -1.15
CA PRO A 64 17.33 -4.66 -1.91
C PRO A 64 17.97 -6.03 -2.08
N GLU A 65 18.37 -6.32 -3.31
CA GLU A 65 19.14 -7.51 -3.60
C GLU A 65 20.62 -7.19 -3.51
N GLU A 66 21.16 -7.24 -2.29
CA GLU A 66 22.56 -6.93 -2.05
C GLU A 66 23.46 -8.10 -2.43
N GLU A 67 22.98 -9.32 -2.21
CA GLU A 67 23.75 -10.53 -2.52
C GLU A 67 22.81 -11.63 -2.99
N GLU A 68 21.98 -12.10 -2.06
CA GLU A 68 21.01 -13.14 -2.35
C GLU A 68 19.82 -13.03 -1.40
N ILE A 69 19.35 -11.79 -1.23
CA ILE A 69 18.24 -11.47 -0.32
C ILE A 69 18.62 -11.81 1.13
N SER A 70 19.93 -11.93 1.34
CA SER A 70 20.50 -12.16 2.65
C SER A 70 19.84 -13.35 3.37
N ALA A 71 19.68 -14.44 2.64
CA ALA A 71 19.05 -15.63 3.20
C ALA A 71 19.82 -16.89 2.81
N GLY A 72 19.59 -17.97 3.52
CA GLY A 72 20.24 -19.22 3.22
C GLY A 72 19.26 -20.25 2.72
N GLY A 1 -17.08 -2.20 2.31
CA GLY A 1 -17.46 -1.99 3.74
C GLY A 1 -18.52 -0.93 3.89
N SER A 2 -19.13 -0.86 5.06
CA SER A 2 -20.19 0.10 5.31
C SER A 2 -19.72 1.18 6.30
N HIS A 3 -18.89 0.78 7.25
CA HIS A 3 -18.38 1.70 8.25
C HIS A 3 -17.03 2.27 7.81
N MET A 4 -16.34 1.54 6.94
CA MET A 4 -15.07 2.00 6.42
C MET A 4 -14.96 1.75 4.91
N PRO A 5 -15.81 2.39 4.09
CA PRO A 5 -15.73 2.28 2.64
C PRO A 5 -14.67 3.22 2.08
N GLN A 6 -14.41 4.30 2.81
CA GLN A 6 -13.47 5.32 2.39
C GLN A 6 -12.05 4.78 2.45
N ILE A 7 -11.82 3.84 3.37
CA ILE A 7 -10.49 3.30 3.58
C ILE A 7 -10.09 2.45 2.38
N GLU A 8 -11.05 1.73 1.80
CA GLU A 8 -10.81 0.91 0.62
C GLU A 8 -10.41 1.78 -0.56
N ARG A 9 -11.17 2.86 -0.75
CA ARG A 9 -10.93 3.78 -1.85
C ARG A 9 -9.55 4.40 -1.71
N ARG A 10 -9.24 4.81 -0.50
CA ARG A 10 -7.99 5.47 -0.19
C ARG A 10 -6.80 4.56 -0.46
N ILE A 11 -6.96 3.26 -0.28
CA ILE A 11 -5.87 2.33 -0.58
C ILE A 11 -5.49 2.47 -2.06
N LYS A 12 -6.47 2.46 -2.95
CA LYS A 12 -6.19 2.64 -4.37
C LYS A 12 -5.70 4.05 -4.65
N LYS A 13 -6.20 5.02 -3.90
CA LYS A 13 -5.77 6.40 -4.00
C LYS A 13 -4.30 6.52 -3.61
N LEU A 14 -3.91 5.79 -2.58
CA LEU A 14 -2.51 5.75 -2.15
C LEU A 14 -1.68 5.00 -3.16
N ILE A 15 -2.20 3.91 -3.69
CA ILE A 15 -1.50 3.20 -4.76
C ILE A 15 -1.37 4.10 -5.99
N SER A 16 -2.38 4.93 -6.22
CA SER A 16 -2.32 5.92 -7.29
C SER A 16 -1.15 6.86 -7.02
N LEU A 17 -1.02 7.28 -5.77
CA LEU A 17 0.06 8.14 -5.33
C LEU A 17 1.40 7.49 -5.63
N GLY A 18 1.51 6.21 -5.30
CA GLY A 18 2.76 5.51 -5.51
C GLY A 18 3.11 5.49 -6.97
N LYS A 19 2.10 5.47 -7.79
CA LYS A 19 2.28 5.37 -9.21
C LYS A 19 2.70 6.72 -9.77
N LYS A 20 2.07 7.75 -9.21
CA LYS A 20 2.27 9.13 -9.64
C LYS A 20 3.58 9.70 -9.12
N LYS A 21 3.93 9.31 -7.92
CA LYS A 21 5.15 9.75 -7.29
C LYS A 21 6.33 9.07 -7.93
N GLY A 22 6.05 7.96 -8.59
CA GLY A 22 7.06 7.28 -9.37
C GLY A 22 6.73 5.84 -9.67
N TYR A 23 6.81 5.00 -8.66
CA TYR A 23 6.71 3.55 -8.85
C TYR A 23 5.98 2.91 -7.68
N ILE A 24 5.23 1.85 -7.97
CA ILE A 24 4.42 1.22 -6.94
C ILE A 24 5.33 0.57 -5.90
N THR A 25 5.38 1.17 -4.74
CA THR A 25 6.31 0.77 -3.69
C THR A 25 5.85 1.28 -2.35
N TYR A 26 6.10 0.49 -1.30
CA TYR A 26 5.78 0.88 0.06
C TYR A 26 6.47 2.19 0.43
N GLU A 27 7.71 2.31 -0.02
CA GLU A 27 8.51 3.52 0.20
C GLU A 27 7.95 4.70 -0.59
N ASP A 28 7.40 4.41 -1.76
CA ASP A 28 6.84 5.46 -2.61
C ASP A 28 5.54 5.98 -2.01
N ILE A 29 4.82 5.10 -1.33
CA ILE A 29 3.66 5.51 -0.54
C ILE A 29 4.11 6.46 0.57
N ASP A 30 5.15 6.04 1.29
CA ASP A 30 5.76 6.84 2.35
C ASP A 30 6.24 8.18 1.80
N LYS A 31 6.68 8.16 0.54
CA LYS A 31 7.18 9.37 -0.11
C LYS A 31 6.01 10.27 -0.50
N ALA A 32 4.84 9.66 -0.66
CA ALA A 32 3.64 10.40 -1.01
C ALA A 32 3.17 11.23 0.19
N PHE A 33 3.62 10.83 1.38
CA PHE A 33 3.28 11.52 2.62
C PHE A 33 3.81 12.94 2.62
N PRO A 34 2.97 13.94 2.99
CA PRO A 34 1.59 13.70 3.43
C PRO A 34 0.69 13.26 2.28
N PRO A 35 -0.03 12.14 2.45
CA PRO A 35 -0.79 11.52 1.41
C PRO A 35 -2.25 11.94 1.48
N ASP A 36 -3.09 11.22 0.78
CA ASP A 36 -4.49 11.58 0.69
C ASP A 36 -5.34 10.76 1.66
N PHE A 37 -4.67 10.12 2.63
CA PHE A 37 -5.33 9.22 3.56
C PHE A 37 -6.37 9.95 4.41
N GLU A 38 -7.58 9.44 4.42
CA GLU A 38 -8.65 10.00 5.24
C GLU A 38 -8.53 9.49 6.68
N GLY A 39 -7.90 8.34 6.84
CA GLY A 39 -7.80 7.74 8.15
C GLY A 39 -6.78 6.64 8.13
N PHE A 40 -5.82 6.68 9.02
CA PHE A 40 -4.83 5.63 9.08
C PHE A 40 -5.08 4.73 10.28
N ASP A 41 -5.24 3.43 10.04
CA ASP A 41 -5.58 2.50 11.11
C ASP A 41 -4.96 1.13 10.87
N THR A 42 -4.88 0.32 11.92
CA THR A 42 -4.33 -1.03 11.81
C THR A 42 -5.17 -1.91 10.89
N ASN A 43 -6.48 -1.66 10.86
CA ASN A 43 -7.39 -2.41 9.98
C ASN A 43 -7.01 -2.18 8.54
N LEU A 44 -6.54 -0.97 8.26
CA LEU A 44 -6.08 -0.60 6.93
C LEU A 44 -4.92 -1.49 6.50
N ILE A 45 -4.00 -1.77 7.40
CA ILE A 45 -2.83 -2.59 7.09
C ILE A 45 -3.26 -3.98 6.63
N GLU A 46 -4.24 -4.55 7.32
CA GLU A 46 -4.77 -5.85 6.96
C GLU A 46 -5.51 -5.70 5.64
N ARG A 47 -6.25 -4.61 5.54
CA ARG A 47 -7.07 -4.35 4.37
C ARG A 47 -6.21 -4.14 3.13
N ILE A 48 -5.03 -3.56 3.31
CA ILE A 48 -4.12 -3.32 2.20
C ILE A 48 -3.71 -4.63 1.54
N HIS A 49 -3.26 -5.59 2.35
CA HIS A 49 -2.85 -6.88 1.78
C HIS A 49 -4.06 -7.64 1.20
N GLU A 50 -5.22 -7.47 1.83
CA GLU A 50 -6.45 -8.06 1.30
C GLU A 50 -6.70 -7.51 -0.10
N GLU A 51 -6.64 -6.21 -0.22
CA GLU A 51 -6.79 -5.53 -1.50
C GLU A 51 -5.63 -5.87 -2.43
N LEU A 52 -4.48 -6.14 -1.85
CA LEU A 52 -3.30 -6.45 -2.64
C LEU A 52 -3.44 -7.81 -3.32
N GLU A 53 -3.77 -8.84 -2.56
CA GLU A 53 -3.87 -10.16 -3.13
C GLU A 53 -5.23 -10.40 -3.77
N LYS A 54 -6.26 -10.17 -3.00
CA LYS A 54 -7.61 -10.45 -3.41
C LYS A 54 -8.14 -9.43 -4.41
N HIS A 55 -7.81 -8.15 -4.21
CA HIS A 55 -8.33 -7.11 -5.08
C HIS A 55 -7.34 -6.80 -6.21
N GLY A 56 -6.09 -7.23 -6.03
CA GLY A 56 -5.12 -7.14 -7.12
C GLY A 56 -4.39 -5.82 -7.17
N ILE A 57 -4.31 -5.11 -6.05
CA ILE A 57 -3.69 -3.79 -6.05
C ILE A 57 -2.16 -3.97 -6.12
N ASN A 58 -1.47 -3.06 -6.78
CA ASN A 58 -0.03 -3.22 -7.01
C ASN A 58 0.82 -2.27 -6.19
N ILE A 59 1.80 -2.84 -5.48
CA ILE A 59 2.77 -2.11 -4.67
C ILE A 59 3.95 -3.04 -4.39
N VAL A 60 5.13 -2.64 -4.84
CA VAL A 60 6.31 -3.43 -4.64
C VAL A 60 6.94 -3.06 -3.31
N GLU A 61 7.64 -4.02 -2.75
CA GLU A 61 8.27 -3.87 -1.45
C GLU A 61 9.58 -3.10 -1.56
N ASN A 62 10.22 -3.26 -2.71
CA ASN A 62 11.46 -2.55 -3.05
C ASN A 62 12.66 -3.14 -2.32
N GLU A 63 12.39 -4.15 -1.49
CA GLU A 63 13.45 -4.86 -0.80
C GLU A 63 14.13 -5.83 -1.76
N PRO A 64 15.47 -5.76 -1.86
CA PRO A 64 16.23 -6.45 -2.92
C PRO A 64 15.97 -7.95 -3.00
N GLU A 65 16.47 -8.67 -2.02
CA GLU A 65 16.34 -10.13 -1.98
C GLU A 65 16.61 -10.64 -0.58
N GLU A 66 16.40 -9.78 0.40
CA GLU A 66 16.75 -10.11 1.78
C GLU A 66 15.54 -10.70 2.49
N GLU A 67 15.42 -12.01 2.39
CA GLU A 67 14.34 -12.75 3.04
C GLU A 67 14.84 -13.28 4.38
N GLU A 68 14.12 -14.20 4.99
CA GLU A 68 14.52 -14.74 6.29
C GLU A 68 15.37 -15.98 6.09
N ILE A 69 14.83 -16.93 5.33
CA ILE A 69 15.59 -18.11 4.94
C ILE A 69 16.26 -17.83 3.59
N SER A 70 15.77 -16.76 2.96
CA SER A 70 16.29 -16.26 1.69
C SER A 70 16.19 -17.30 0.58
N ALA A 71 15.05 -17.98 0.52
CA ALA A 71 14.84 -19.02 -0.47
C ALA A 71 13.68 -18.67 -1.38
N GLY A 72 12.69 -18.00 -0.82
CA GLY A 72 11.50 -17.66 -1.57
C GLY A 72 10.45 -18.75 -1.45
N GLY A 1 -15.96 -2.18 11.82
CA GLY A 1 -16.88 -2.82 10.84
C GLY A 1 -16.94 -2.06 9.53
N SER A 2 -17.90 -2.42 8.69
CA SER A 2 -17.99 -1.87 7.35
C SER A 2 -18.72 -0.52 7.35
N HIS A 3 -18.02 0.53 7.75
CA HIS A 3 -18.56 1.89 7.70
C HIS A 3 -17.50 2.86 7.24
N MET A 4 -16.44 2.34 6.64
CA MET A 4 -15.32 3.15 6.20
C MET A 4 -14.97 2.82 4.76
N PRO A 5 -15.81 3.23 3.79
CA PRO A 5 -15.60 2.94 2.37
C PRO A 5 -14.33 3.62 1.86
N GLN A 6 -13.95 4.70 2.52
CA GLN A 6 -12.77 5.45 2.13
C GLN A 6 -11.52 4.62 2.35
N ILE A 7 -11.58 3.67 3.27
CA ILE A 7 -10.44 2.82 3.59
C ILE A 7 -10.03 1.95 2.40
N GLU A 8 -11.01 1.36 1.74
CA GLU A 8 -10.72 0.52 0.58
C GLU A 8 -10.24 1.40 -0.57
N ARG A 9 -10.84 2.58 -0.70
CA ARG A 9 -10.41 3.55 -1.69
C ARG A 9 -9.00 4.04 -1.34
N ARG A 10 -8.73 4.15 -0.05
CA ARG A 10 -7.45 4.61 0.47
C ARG A 10 -6.32 3.72 -0.03
N ILE A 11 -6.58 2.41 -0.08
CA ILE A 11 -5.60 1.46 -0.59
C ILE A 11 -5.25 1.79 -2.03
N LYS A 12 -6.28 1.99 -2.83
CA LYS A 12 -6.11 2.32 -4.23
C LYS A 12 -5.45 3.68 -4.37
N LYS A 13 -5.80 4.59 -3.48
CA LYS A 13 -5.18 5.90 -3.39
C LYS A 13 -3.71 5.77 -3.11
N LEU A 14 -3.36 4.86 -2.22
CA LEU A 14 -1.98 4.68 -1.81
C LEU A 14 -1.14 4.14 -2.95
N ILE A 15 -1.70 3.18 -3.69
CA ILE A 15 -1.00 2.65 -4.85
C ILE A 15 -0.94 3.72 -5.94
N SER A 16 -1.99 4.53 -6.04
CA SER A 16 -2.05 5.57 -7.03
C SER A 16 -0.99 6.63 -6.74
N LEU A 17 -0.92 7.06 -5.49
CA LEU A 17 0.00 8.10 -5.07
C LEU A 17 1.43 7.69 -5.33
N GLY A 18 1.75 6.42 -5.08
CA GLY A 18 3.10 5.95 -5.27
C GLY A 18 3.46 5.97 -6.74
N LYS A 19 2.51 5.61 -7.57
CA LYS A 19 2.77 5.57 -8.99
C LYS A 19 2.85 6.99 -9.54
N LYS A 20 2.04 7.87 -8.97
CA LYS A 20 2.08 9.29 -9.28
C LYS A 20 3.44 9.86 -8.90
N LYS A 21 3.86 9.49 -7.71
CA LYS A 21 5.11 9.99 -7.15
C LYS A 21 6.31 9.44 -7.90
N GLY A 22 6.17 8.20 -8.35
CA GLY A 22 7.21 7.60 -9.17
C GLY A 22 6.95 6.15 -9.48
N TYR A 23 6.96 5.30 -8.47
CA TYR A 23 6.90 3.86 -8.68
C TYR A 23 5.96 3.21 -7.68
N ILE A 24 5.48 2.04 -8.02
CA ILE A 24 4.60 1.30 -7.15
C ILE A 24 5.40 0.51 -6.12
N THR A 25 5.68 1.14 -5.00
CA THR A 25 6.50 0.52 -3.98
C THR A 25 6.15 1.09 -2.59
N TYR A 26 6.43 0.33 -1.55
CA TYR A 26 6.02 0.71 -0.20
C TYR A 26 6.62 2.05 0.20
N GLU A 27 7.89 2.23 -0.14
CA GLU A 27 8.61 3.44 0.21
C GLU A 27 8.08 4.66 -0.55
N ASP A 28 7.62 4.44 -1.77
CA ASP A 28 7.11 5.52 -2.60
C ASP A 28 5.78 6.01 -2.07
N ILE A 29 4.95 5.09 -1.62
CA ILE A 29 3.70 5.45 -0.95
C ILE A 29 3.99 6.27 0.29
N ASP A 30 4.96 5.81 1.06
CA ASP A 30 5.41 6.51 2.25
C ASP A 30 5.87 7.91 1.86
N LYS A 31 6.45 8.00 0.67
CA LYS A 31 6.99 9.26 0.15
C LYS A 31 5.85 10.17 -0.31
N ALA A 32 4.72 9.56 -0.63
CA ALA A 32 3.54 10.29 -1.05
C ALA A 32 2.92 11.09 0.10
N PHE A 33 3.28 10.72 1.33
CA PHE A 33 2.84 11.45 2.50
C PHE A 33 3.39 12.88 2.47
N PRO A 34 2.56 13.88 2.82
CA PRO A 34 1.18 13.68 3.27
C PRO A 34 0.18 13.58 2.12
N PRO A 35 -0.80 12.67 2.26
CA PRO A 35 -1.83 12.43 1.28
C PRO A 35 -3.15 13.04 1.73
N ASP A 36 -4.24 12.51 1.19
CA ASP A 36 -5.56 13.03 1.47
C ASP A 36 -6.27 12.21 2.55
N PHE A 37 -5.52 11.39 3.27
CA PHE A 37 -6.12 10.48 4.24
C PHE A 37 -6.85 11.26 5.34
N GLU A 38 -8.11 10.93 5.53
CA GLU A 38 -8.88 11.50 6.62
C GLU A 38 -8.53 10.80 7.92
N GLY A 39 -8.16 9.53 7.81
CA GLY A 39 -7.83 8.75 8.97
C GLY A 39 -7.16 7.46 8.55
N PHE A 40 -6.01 7.19 9.12
CA PHE A 40 -5.31 5.97 8.80
C PHE A 40 -5.39 5.02 10.00
N ASP A 41 -5.49 3.73 9.74
CA ASP A 41 -5.60 2.77 10.84
C ASP A 41 -4.83 1.49 10.53
N THR A 42 -4.55 0.72 11.57
CA THR A 42 -3.84 -0.55 11.43
C THR A 42 -4.66 -1.53 10.60
N ASN A 43 -5.99 -1.42 10.68
CA ASN A 43 -6.89 -2.27 9.90
C ASN A 43 -6.65 -2.06 8.41
N LEU A 44 -6.32 -0.83 8.06
CA LEU A 44 -6.02 -0.48 6.68
C LEU A 44 -4.83 -1.28 6.16
N ILE A 45 -3.83 -1.47 7.00
CA ILE A 45 -2.63 -2.21 6.61
C ILE A 45 -2.98 -3.65 6.27
N GLU A 46 -3.87 -4.24 7.08
CA GLU A 46 -4.34 -5.59 6.85
C GLU A 46 -5.20 -5.60 5.60
N ARG A 47 -5.95 -4.53 5.43
CA ARG A 47 -6.85 -4.37 4.32
C ARG A 47 -6.08 -4.18 3.00
N ILE A 48 -4.93 -3.51 3.08
CA ILE A 48 -4.10 -3.24 1.92
C ILE A 48 -3.63 -4.54 1.28
N HIS A 49 -3.08 -5.45 2.07
CA HIS A 49 -2.60 -6.71 1.52
C HIS A 49 -3.77 -7.55 1.01
N GLU A 50 -4.93 -7.44 1.66
CA GLU A 50 -6.12 -8.11 1.15
C GLU A 50 -6.43 -7.64 -0.26
N GLU A 51 -6.52 -6.33 -0.41
CA GLU A 51 -6.77 -5.69 -1.68
C GLU A 51 -5.70 -6.04 -2.68
N LEU A 52 -4.48 -6.19 -2.20
CA LEU A 52 -3.38 -6.58 -3.04
C LEU A 52 -3.58 -7.98 -3.58
N GLU A 53 -3.88 -8.92 -2.68
CA GLU A 53 -3.94 -10.31 -3.07
C GLU A 53 -5.29 -10.69 -3.68
N LYS A 54 -6.37 -10.40 -2.97
CA LYS A 54 -7.68 -10.79 -3.44
C LYS A 54 -8.17 -9.88 -4.54
N HIS A 55 -7.93 -8.58 -4.42
CA HIS A 55 -8.43 -7.64 -5.40
C HIS A 55 -7.41 -7.34 -6.49
N GLY A 56 -6.14 -7.59 -6.21
CA GLY A 56 -5.15 -7.48 -7.26
C GLY A 56 -4.51 -6.11 -7.40
N ILE A 57 -4.47 -5.31 -6.33
CA ILE A 57 -3.89 -3.98 -6.43
C ILE A 57 -2.37 -4.08 -6.55
N ASN A 58 -1.83 -3.59 -7.65
CA ASN A 58 -0.42 -3.80 -7.95
C ASN A 58 0.47 -2.81 -7.22
N ILE A 59 1.44 -3.36 -6.52
CA ILE A 59 2.34 -2.58 -5.69
C ILE A 59 3.50 -3.47 -5.28
N VAL A 60 4.71 -2.93 -5.27
CA VAL A 60 5.88 -3.68 -4.91
C VAL A 60 6.27 -3.36 -3.47
N GLU A 61 6.93 -4.29 -2.80
CA GLU A 61 7.25 -4.15 -1.39
C GLU A 61 8.62 -3.54 -1.19
N ASN A 62 9.52 -3.79 -2.15
CA ASN A 62 10.89 -3.29 -2.10
C ASN A 62 11.70 -4.08 -1.08
N GLU A 63 11.02 -4.94 -0.33
CA GLU A 63 11.66 -5.73 0.71
C GLU A 63 12.19 -7.04 0.15
N PRO A 64 13.48 -7.32 0.41
CA PRO A 64 14.12 -8.57 0.00
C PRO A 64 13.80 -9.71 0.97
N GLU A 65 13.95 -10.95 0.51
CA GLU A 65 13.57 -12.11 1.31
C GLU A 65 14.80 -12.88 1.77
N GLU A 66 15.95 -12.49 1.25
CA GLU A 66 17.22 -13.12 1.66
C GLU A 66 17.55 -12.71 3.09
N GLU A 67 17.06 -11.54 3.47
CA GLU A 67 17.25 -11.02 4.82
C GLU A 67 16.34 -11.75 5.80
N GLU A 68 16.62 -13.04 5.96
CA GLU A 68 15.91 -13.90 6.88
C GLU A 68 16.92 -14.48 7.85
N ILE A 69 17.91 -15.18 7.29
CA ILE A 69 19.10 -15.55 8.03
C ILE A 69 20.17 -14.51 7.75
N SER A 70 19.90 -13.29 8.20
CA SER A 70 20.74 -12.14 7.90
C SER A 70 22.11 -12.27 8.55
N ALA A 71 22.14 -12.26 9.87
CA ALA A 71 23.39 -12.38 10.60
C ALA A 71 23.80 -13.84 10.71
N GLY A 72 22.88 -14.67 11.16
CA GLY A 72 23.16 -16.08 11.30
C GLY A 72 22.09 -16.78 12.09
#